data_5VL5
# 
_entry.id   5VL5 
# 
_audit_conform.dict_name       mmcif_pdbx.dic 
_audit_conform.dict_version    5.387 
_audit_conform.dict_location   http://mmcif.pdb.org/dictionaries/ascii/mmcif_pdbx.dic 
# 
loop_
_database_2.database_id 
_database_2.database_code 
_database_2.pdbx_database_accession 
_database_2.pdbx_DOI 
PDB   5VL5         pdb_00005vl5 10.2210/pdb5vl5/pdb 
WWPDB D_1000227607 ?            ?                   
# 
loop_
_pdbx_audit_revision_history.ordinal 
_pdbx_audit_revision_history.data_content_type 
_pdbx_audit_revision_history.major_revision 
_pdbx_audit_revision_history.minor_revision 
_pdbx_audit_revision_history.revision_date 
1 'Structure model' 1 0 2018-04-18 
2 'Structure model' 1 1 2018-04-25 
3 'Structure model' 1 2 2018-05-09 
4 'Structure model' 1 3 2024-03-13 
# 
_pdbx_audit_revision_details.ordinal             1 
_pdbx_audit_revision_details.revision_ordinal    1 
_pdbx_audit_revision_details.data_content_type   'Structure model' 
_pdbx_audit_revision_details.provider            repository 
_pdbx_audit_revision_details.type                'Initial release' 
_pdbx_audit_revision_details.description         ? 
_pdbx_audit_revision_details.details             ? 
# 
loop_
_pdbx_audit_revision_group.ordinal 
_pdbx_audit_revision_group.revision_ordinal 
_pdbx_audit_revision_group.data_content_type 
_pdbx_audit_revision_group.group 
1 2 'Structure model' 'Data collection'     
2 2 'Structure model' 'Database references' 
3 3 'Structure model' 'Data collection'     
4 3 'Structure model' 'Database references' 
5 4 'Structure model' 'Data collection'     
6 4 'Structure model' 'Database references' 
# 
loop_
_pdbx_audit_revision_category.ordinal 
_pdbx_audit_revision_category.revision_ordinal 
_pdbx_audit_revision_category.data_content_type 
_pdbx_audit_revision_category.category 
1 2 'Structure model' citation       
2 3 'Structure model' citation       
3 4 'Structure model' chem_comp_atom 
4 4 'Structure model' chem_comp_bond 
5 4 'Structure model' database_2     
# 
loop_
_pdbx_audit_revision_item.ordinal 
_pdbx_audit_revision_item.revision_ordinal 
_pdbx_audit_revision_item.data_content_type 
_pdbx_audit_revision_item.item 
1 2 'Structure model' '_citation.journal_abbrev'            
2 2 'Structure model' '_citation.pdbx_database_id_DOI'      
3 2 'Structure model' '_citation.pdbx_database_id_PubMed'   
4 2 'Structure model' '_citation.title'                     
5 3 'Structure model' '_citation.journal_volume'            
6 3 'Structure model' '_citation.page_first'                
7 3 'Structure model' '_citation.page_last'                 
8 4 'Structure model' '_database_2.pdbx_DOI'                
9 4 'Structure model' '_database_2.pdbx_database_accession' 
# 
_pdbx_database_status.status_code                     REL 
_pdbx_database_status.status_code_sf                  REL 
_pdbx_database_status.status_code_mr                  ? 
_pdbx_database_status.entry_id                        5VL5 
_pdbx_database_status.recvd_initial_deposition_date   2017-04-24 
_pdbx_database_status.SG_entry                        N 
_pdbx_database_status.deposit_site                    RCSB 
_pdbx_database_status.process_site                    RCSB 
_pdbx_database_status.status_code_cs                  ? 
_pdbx_database_status.methods_development_category    ? 
_pdbx_database_status.pdb_format_compatible           Y 
_pdbx_database_status.status_code_nmr_data            ? 
# 
loop_
_pdbx_database_related.db_name 
_pdbx_database_related.details 
_pdbx_database_related.db_id 
_pdbx_database_related.content_type 
PDB . 5VKX unspecified 
PDB . 5VL8 unspecified 
# 
loop_
_audit_author.name 
_audit_author.pdbx_ordinal 
_audit_author.identifier_ORCID 
'Mann, S.I.'    1 ? 
'Heinisch, T.'  2 ? 
'Ward, T.R.'    3 ? 
'Borovik, A.S.' 4 ? 
# 
_citation.abstract                  ? 
_citation.abstract_id_CAS           ? 
_citation.book_id_ISBN              ? 
_citation.book_publisher            ? 
_citation.book_publisher_city       ? 
_citation.book_title                ? 
_citation.coordinate_linkage        ? 
_citation.country                   UK 
_citation.database_id_Medline       ? 
_citation.details                   ? 
_citation.id                        primary 
_citation.journal_abbrev            'Chem. Commun. (Camb.)' 
_citation.journal_id_ASTM           ? 
_citation.journal_id_CSD            ? 
_citation.journal_id_ISSN           1364-548X 
_citation.journal_full              ? 
_citation.journal_issue             ? 
_citation.journal_volume            54 
_citation.language                  ? 
_citation.page_first                4413 
_citation.page_last                 4416 
_citation.title                     
'Coordination chemistry within a protein host: regulation of the secondary coordination sphere.' 
_citation.year                      2018 
_citation.database_id_CSD           ? 
_citation.pdbx_database_id_DOI      10.1039/c8cc01931b 
_citation.pdbx_database_id_PubMed   29645031 
_citation.unpublished_flag          ? 
# 
loop_
_citation_author.citation_id 
_citation_author.name 
_citation_author.ordinal 
_citation_author.identifier_ORCID 
primary 'Mann, S.I.'    1 ? 
primary 'Heinisch, T.'  2 ? 
primary 'Ward, T.R.'    3 ? 
primary 'Borovik, A.S.' 4 ? 
# 
loop_
_entity.id 
_entity.type 
_entity.src_method 
_entity.pdbx_description 
_entity.formula_weight 
_entity.pdbx_number_of_molecules 
_entity.pdbx_ec 
_entity.pdbx_mutation 
_entity.pdbx_fragment 
_entity.details 
1 polymer     man Streptavidin 16570.018 1  ? ? ? ? 
2 non-polymer syn 
;[N-(3-{bis[2-(pyridin-2-yl-kappaN)ethyl]amino-kappaN}propyl)-5-(2-oxohexahydro-1H-thieno[3,4-d]imidazol-4-yl)pentanamide](azido)(hydroxy)copper
;
633.268   1  ? ? ? ? 
3 non-polymer syn 'COPPER (II) ION' 63.546    1  ? ? ? ? 
4 water       nat water 18.015    99 ? ? ? ? 
# 
_entity_poly.entity_id                      1 
_entity_poly.type                           'polypeptide(L)' 
_entity_poly.nstd_linkage                   no 
_entity_poly.nstd_monomer                   no 
_entity_poly.pdbx_seq_one_letter_code       
;MASMTGGQQMGRDEAGITGTWYNQLGSTFIVTAGADGALTGTYESAVGNAESRYVLTGRYDSAPATDGSGTALGWTVAWK
NNYRNAHSATTWSGQYVGGAEARINTQWLLTSGTTEANAWKSTLVGHDTFTKVKPSAASIDAAKKAGVNNGNPLDAVQQ
;
_entity_poly.pdbx_seq_one_letter_code_can   
;MASMTGGQQMGRDEAGITGTWYNQLGSTFIVTAGADGALTGTYESAVGNAESRYVLTGRYDSAPATDGSGTALGWTVAWK
NNYRNAHSATTWSGQYVGGAEARINTQWLLTSGTTEANAWKSTLVGHDTFTKVKPSAASIDAAKKAGVNNGNPLDAVQQ
;
_entity_poly.pdbx_strand_id                 A 
_entity_poly.pdbx_target_identifier         ? 
# 
loop_
_pdbx_entity_nonpoly.entity_id 
_pdbx_entity_nonpoly.name 
_pdbx_entity_nonpoly.comp_id 
2 
;[N-(3-{bis[2-(pyridin-2-yl-kappaN)ethyl]amino-kappaN}propyl)-5-(2-oxohexahydro-1H-thieno[3,4-d]imidazol-4-yl)pentanamide](azido)(hydroxy)copper
;
S31 
3 'COPPER (II) ION' CU  
4 water HOH 
# 
loop_
_entity_poly_seq.entity_id 
_entity_poly_seq.num 
_entity_poly_seq.mon_id 
_entity_poly_seq.hetero 
1 1   MET n 
1 2   ALA n 
1 3   SER n 
1 4   MET n 
1 5   THR n 
1 6   GLY n 
1 7   GLY n 
1 8   GLN n 
1 9   GLN n 
1 10  MET n 
1 11  GLY n 
1 12  ARG n 
1 13  ASP n 
1 14  GLU n 
1 15  ALA n 
1 16  GLY n 
1 17  ILE n 
1 18  THR n 
1 19  GLY n 
1 20  THR n 
1 21  TRP n 
1 22  TYR n 
1 23  ASN n 
1 24  GLN n 
1 25  LEU n 
1 26  GLY n 
1 27  SER n 
1 28  THR n 
1 29  PHE n 
1 30  ILE n 
1 31  VAL n 
1 32  THR n 
1 33  ALA n 
1 34  GLY n 
1 35  ALA n 
1 36  ASP n 
1 37  GLY n 
1 38  ALA n 
1 39  LEU n 
1 40  THR n 
1 41  GLY n 
1 42  THR n 
1 43  TYR n 
1 44  GLU n 
1 45  SER n 
1 46  ALA n 
1 47  VAL n 
1 48  GLY n 
1 49  ASN n 
1 50  ALA n 
1 51  GLU n 
1 52  SER n 
1 53  ARG n 
1 54  TYR n 
1 55  VAL n 
1 56  LEU n 
1 57  THR n 
1 58  GLY n 
1 59  ARG n 
1 60  TYR n 
1 61  ASP n 
1 62  SER n 
1 63  ALA n 
1 64  PRO n 
1 65  ALA n 
1 66  THR n 
1 67  ASP n 
1 68  GLY n 
1 69  SER n 
1 70  GLY n 
1 71  THR n 
1 72  ALA n 
1 73  LEU n 
1 74  GLY n 
1 75  TRP n 
1 76  THR n 
1 77  VAL n 
1 78  ALA n 
1 79  TRP n 
1 80  LYS n 
1 81  ASN n 
1 82  ASN n 
1 83  TYR n 
1 84  ARG n 
1 85  ASN n 
1 86  ALA n 
1 87  HIS n 
1 88  SER n 
1 89  ALA n 
1 90  THR n 
1 91  THR n 
1 92  TRP n 
1 93  SER n 
1 94  GLY n 
1 95  GLN n 
1 96  TYR n 
1 97  VAL n 
1 98  GLY n 
1 99  GLY n 
1 100 ALA n 
1 101 GLU n 
1 102 ALA n 
1 103 ARG n 
1 104 ILE n 
1 105 ASN n 
1 106 THR n 
1 107 GLN n 
1 108 TRP n 
1 109 LEU n 
1 110 LEU n 
1 111 THR n 
1 112 SER n 
1 113 GLY n 
1 114 THR n 
1 115 THR n 
1 116 GLU n 
1 117 ALA n 
1 118 ASN n 
1 119 ALA n 
1 120 TRP n 
1 121 LYS n 
1 122 SER n 
1 123 THR n 
1 124 LEU n 
1 125 VAL n 
1 126 GLY n 
1 127 HIS n 
1 128 ASP n 
1 129 THR n 
1 130 PHE n 
1 131 THR n 
1 132 LYS n 
1 133 VAL n 
1 134 LYS n 
1 135 PRO n 
1 136 SER n 
1 137 ALA n 
1 138 ALA n 
1 139 SER n 
1 140 ILE n 
1 141 ASP n 
1 142 ALA n 
1 143 ALA n 
1 144 LYS n 
1 145 LYS n 
1 146 ALA n 
1 147 GLY n 
1 148 VAL n 
1 149 ASN n 
1 150 ASN n 
1 151 GLY n 
1 152 ASN n 
1 153 PRO n 
1 154 LEU n 
1 155 ASP n 
1 156 ALA n 
1 157 VAL n 
1 158 GLN n 
1 159 GLN n 
# 
_entity_src_gen.entity_id                          1 
_entity_src_gen.pdbx_src_id                        1 
_entity_src_gen.pdbx_alt_source_flag               sample 
_entity_src_gen.pdbx_seq_type                      'Biological sequence' 
_entity_src_gen.pdbx_beg_seq_num                   1 
_entity_src_gen.pdbx_end_seq_num                   159 
_entity_src_gen.gene_src_common_name               ? 
_entity_src_gen.gene_src_genus                     ? 
_entity_src_gen.pdbx_gene_src_gene                 ? 
_entity_src_gen.gene_src_species                   ? 
_entity_src_gen.gene_src_strain                    ? 
_entity_src_gen.gene_src_tissue                    ? 
_entity_src_gen.gene_src_tissue_fraction           ? 
_entity_src_gen.gene_src_details                   ? 
_entity_src_gen.pdbx_gene_src_fragment             ? 
_entity_src_gen.pdbx_gene_src_scientific_name      'Streptomyces avidinii' 
_entity_src_gen.pdbx_gene_src_ncbi_taxonomy_id     1895 
_entity_src_gen.pdbx_gene_src_variant              ? 
_entity_src_gen.pdbx_gene_src_cell_line            ? 
_entity_src_gen.pdbx_gene_src_atcc                 ? 
_entity_src_gen.pdbx_gene_src_organ                ? 
_entity_src_gen.pdbx_gene_src_organelle            ? 
_entity_src_gen.pdbx_gene_src_cell                 ? 
_entity_src_gen.pdbx_gene_src_cellular_location    ? 
_entity_src_gen.host_org_common_name               ? 
_entity_src_gen.pdbx_host_org_scientific_name      'Escherichia coli' 
_entity_src_gen.pdbx_host_org_ncbi_taxonomy_id     562 
_entity_src_gen.host_org_genus                     ? 
_entity_src_gen.pdbx_host_org_gene                 ? 
_entity_src_gen.pdbx_host_org_organ                ? 
_entity_src_gen.host_org_species                   ? 
_entity_src_gen.pdbx_host_org_tissue               ? 
_entity_src_gen.pdbx_host_org_tissue_fraction      ? 
_entity_src_gen.pdbx_host_org_strain               ? 
_entity_src_gen.pdbx_host_org_variant              ? 
_entity_src_gen.pdbx_host_org_cell_line            ? 
_entity_src_gen.pdbx_host_org_atcc                 ? 
_entity_src_gen.pdbx_host_org_culture_collection   ? 
_entity_src_gen.pdbx_host_org_cell                 ? 
_entity_src_gen.pdbx_host_org_organelle            ? 
_entity_src_gen.pdbx_host_org_cellular_location    ? 
_entity_src_gen.pdbx_host_org_vector_type          ? 
_entity_src_gen.pdbx_host_org_vector               ? 
_entity_src_gen.host_org_details                   ? 
_entity_src_gen.expression_system_id               ? 
_entity_src_gen.plasmid_name                       ? 
_entity_src_gen.plasmid_details                    ? 
_entity_src_gen.pdbx_description                   ? 
# 
loop_
_chem_comp.id 
_chem_comp.type 
_chem_comp.mon_nstd_flag 
_chem_comp.name 
_chem_comp.pdbx_synonyms 
_chem_comp.formula 
_chem_comp.formula_weight 
ALA 'L-peptide linking' y ALANINE ? 'C3 H7 N O2'         89.093  
ARG 'L-peptide linking' y ARGININE ? 'C6 H15 N4 O2 1'     175.209 
ASN 'L-peptide linking' y ASPARAGINE ? 'C4 H8 N2 O3'        132.118 
ASP 'L-peptide linking' y 'ASPARTIC ACID' ? 'C4 H7 N O4'         133.103 
CU  non-polymer         . 'COPPER (II) ION' ? 'Cu 2'               63.546  
GLN 'L-peptide linking' y GLUTAMINE ? 'C5 H10 N2 O3'       146.144 
GLU 'L-peptide linking' y 'GLUTAMIC ACID' ? 'C5 H9 N O4'         147.129 
GLY 'peptide linking'   y GLYCINE ? 'C2 H5 N O2'         75.067  
HIS 'L-peptide linking' y HISTIDINE ? 'C6 H10 N3 O2 1'     156.162 
HOH non-polymer         . WATER ? 'H2 O'               18.015  
ILE 'L-peptide linking' y ISOLEUCINE ? 'C6 H13 N O2'        131.173 
LEU 'L-peptide linking' y LEUCINE ? 'C6 H13 N O2'        131.173 
LYS 'L-peptide linking' y LYSINE ? 'C6 H15 N2 O2 1'     147.195 
MET 'L-peptide linking' y METHIONINE ? 'C5 H11 N O2 S'      149.211 
PHE 'L-peptide linking' y PHENYLALANINE ? 'C9 H11 N O2'        165.189 
PRO 'L-peptide linking' y PROLINE ? 'C5 H9 N O2'         115.130 
S31 non-polymer         . 
;[N-(3-{bis[2-(pyridin-2-yl-kappaN)ethyl]amino-kappaN}propyl)-5-(2-oxohexahydro-1H-thieno[3,4-d]imidazol-4-yl)pentanamide](azido)(hydroxy)copper
;
? 'C27 H39 Cu N9 O3 S' 633.268 
SER 'L-peptide linking' y SERINE ? 'C3 H7 N O3'         105.093 
THR 'L-peptide linking' y THREONINE ? 'C4 H9 N O3'         119.119 
TRP 'L-peptide linking' y TRYPTOPHAN ? 'C11 H12 N2 O2'      204.225 
TYR 'L-peptide linking' y TYROSINE ? 'C9 H11 N O3'        181.189 
VAL 'L-peptide linking' y VALINE ? 'C5 H11 N O2'        117.146 
# 
loop_
_pdbx_poly_seq_scheme.asym_id 
_pdbx_poly_seq_scheme.entity_id 
_pdbx_poly_seq_scheme.seq_id 
_pdbx_poly_seq_scheme.mon_id 
_pdbx_poly_seq_scheme.ndb_seq_num 
_pdbx_poly_seq_scheme.pdb_seq_num 
_pdbx_poly_seq_scheme.auth_seq_num 
_pdbx_poly_seq_scheme.pdb_mon_id 
_pdbx_poly_seq_scheme.auth_mon_id 
_pdbx_poly_seq_scheme.pdb_strand_id 
_pdbx_poly_seq_scheme.pdb_ins_code 
_pdbx_poly_seq_scheme.hetero 
A 1 1   MET 1   1   ?   ?   ?   A . n 
A 1 2   ALA 2   2   ?   ?   ?   A . n 
A 1 3   SER 3   3   ?   ?   ?   A . n 
A 1 4   MET 4   4   ?   ?   ?   A . n 
A 1 5   THR 5   5   ?   ?   ?   A . n 
A 1 6   GLY 6   6   ?   ?   ?   A . n 
A 1 7   GLY 7   7   ?   ?   ?   A . n 
A 1 8   GLN 8   8   ?   ?   ?   A . n 
A 1 9   GLN 9   9   ?   ?   ?   A . n 
A 1 10  MET 10  10  ?   ?   ?   A . n 
A 1 11  GLY 11  11  ?   ?   ?   A . n 
A 1 12  ARG 12  12  ?   ?   ?   A . n 
A 1 13  ASP 13  13  13  ASP ASP A . n 
A 1 14  GLU 14  14  14  GLU GLU A . n 
A 1 15  ALA 15  15  15  ALA ALA A . n 
A 1 16  GLY 16  16  16  GLY GLY A . n 
A 1 17  ILE 17  17  17  ILE ILE A . n 
A 1 18  THR 18  18  18  THR THR A . n 
A 1 19  GLY 19  19  19  GLY GLY A . n 
A 1 20  THR 20  20  20  THR THR A . n 
A 1 21  TRP 21  21  21  TRP TRP A . n 
A 1 22  TYR 22  22  22  TYR TYR A . n 
A 1 23  ASN 23  23  23  ASN ASN A . n 
A 1 24  GLN 24  24  24  GLN GLN A . n 
A 1 25  LEU 25  25  25  LEU LEU A . n 
A 1 26  GLY 26  26  26  GLY GLY A . n 
A 1 27  SER 27  27  27  SER SER A . n 
A 1 28  THR 28  28  28  THR THR A . n 
A 1 29  PHE 29  29  29  PHE PHE A . n 
A 1 30  ILE 30  30  30  ILE ILE A . n 
A 1 31  VAL 31  31  31  VAL VAL A . n 
A 1 32  THR 32  32  32  THR THR A . n 
A 1 33  ALA 33  33  33  ALA ALA A . n 
A 1 34  GLY 34  34  34  GLY GLY A . n 
A 1 35  ALA 35  35  35  ALA ALA A . n 
A 1 36  ASP 36  36  36  ASP ASP A . n 
A 1 37  GLY 37  37  37  GLY GLY A . n 
A 1 38  ALA 38  38  38  ALA ALA A . n 
A 1 39  LEU 39  39  39  LEU LEU A . n 
A 1 40  THR 40  40  40  THR THR A . n 
A 1 41  GLY 41  41  41  GLY GLY A . n 
A 1 42  THR 42  42  42  THR THR A . n 
A 1 43  TYR 43  43  43  TYR TYR A . n 
A 1 44  GLU 44  44  44  GLU GLU A . n 
A 1 45  SER 45  45  45  SER SER A . n 
A 1 46  ALA 46  46  46  ALA ALA A . n 
A 1 47  VAL 47  47  47  VAL VAL A . n 
A 1 48  GLY 48  48  48  GLY GLY A . n 
A 1 49  ASN 49  49  49  ASN ASN A . n 
A 1 50  ALA 50  50  50  ALA ALA A . n 
A 1 51  GLU 51  51  51  GLU GLU A . n 
A 1 52  SER 52  52  52  SER SER A . n 
A 1 53  ARG 53  53  53  ARG ARG A . n 
A 1 54  TYR 54  54  54  TYR TYR A . n 
A 1 55  VAL 55  55  55  VAL VAL A . n 
A 1 56  LEU 56  56  56  LEU LEU A . n 
A 1 57  THR 57  57  57  THR THR A . n 
A 1 58  GLY 58  58  58  GLY GLY A . n 
A 1 59  ARG 59  59  59  ARG ARG A . n 
A 1 60  TYR 60  60  60  TYR TYR A . n 
A 1 61  ASP 61  61  61  ASP ASP A . n 
A 1 62  SER 62  62  62  SER SER A . n 
A 1 63  ALA 63  63  63  ALA ALA A . n 
A 1 64  PRO 64  64  64  PRO PRO A . n 
A 1 65  ALA 65  65  65  ALA ALA A . n 
A 1 66  THR 66  66  66  THR THR A . n 
A 1 67  ASP 67  67  67  ASP ASP A . n 
A 1 68  GLY 68  68  68  GLY GLY A . n 
A 1 69  SER 69  69  69  SER SER A . n 
A 1 70  GLY 70  70  70  GLY GLY A . n 
A 1 71  THR 71  71  71  THR THR A . n 
A 1 72  ALA 72  72  72  ALA ALA A . n 
A 1 73  LEU 73  73  73  LEU LEU A . n 
A 1 74  GLY 74  74  74  GLY GLY A . n 
A 1 75  TRP 75  75  75  TRP TRP A . n 
A 1 76  THR 76  76  76  THR THR A . n 
A 1 77  VAL 77  77  77  VAL VAL A . n 
A 1 78  ALA 78  78  78  ALA ALA A . n 
A 1 79  TRP 79  79  79  TRP TRP A . n 
A 1 80  LYS 80  80  80  LYS LYS A . n 
A 1 81  ASN 81  81  81  ASN ASN A . n 
A 1 82  ASN 82  82  82  ASN ASN A . n 
A 1 83  TYR 83  83  83  TYR TYR A . n 
A 1 84  ARG 84  84  84  ARG ARG A . n 
A 1 85  ASN 85  85  85  ASN ASN A . n 
A 1 86  ALA 86  86  86  ALA ALA A . n 
A 1 87  HIS 87  87  87  HIS HIS A . n 
A 1 88  SER 88  88  88  SER SER A . n 
A 1 89  ALA 89  89  89  ALA ALA A . n 
A 1 90  THR 90  90  90  THR THR A . n 
A 1 91  THR 91  91  91  THR THR A . n 
A 1 92  TRP 92  92  92  TRP TRP A . n 
A 1 93  SER 93  93  93  SER SER A . n 
A 1 94  GLY 94  94  94  GLY GLY A . n 
A 1 95  GLN 95  95  95  GLN GLN A . n 
A 1 96  TYR 96  96  96  TYR TYR A . n 
A 1 97  VAL 97  97  97  VAL VAL A . n 
A 1 98  GLY 98  98  98  GLY GLY A . n 
A 1 99  GLY 99  99  99  GLY GLY A . n 
A 1 100 ALA 100 100 100 ALA ALA A . n 
A 1 101 GLU 101 101 101 GLU GLU A . n 
A 1 102 ALA 102 102 102 ALA ALA A . n 
A 1 103 ARG 103 103 103 ARG ARG A . n 
A 1 104 ILE 104 104 104 ILE ILE A . n 
A 1 105 ASN 105 105 105 ASN ASN A . n 
A 1 106 THR 106 106 106 THR THR A . n 
A 1 107 GLN 107 107 107 GLN GLN A . n 
A 1 108 TRP 108 108 108 TRP TRP A . n 
A 1 109 LEU 109 109 109 LEU LEU A . n 
A 1 110 LEU 110 110 110 LEU LEU A . n 
A 1 111 THR 111 111 111 THR THR A . n 
A 1 112 SER 112 112 112 SER SER A . n 
A 1 113 GLY 113 113 113 GLY GLY A . n 
A 1 114 THR 114 114 114 THR THR A . n 
A 1 115 THR 115 115 115 THR THR A . n 
A 1 116 GLU 116 116 116 GLU GLU A . n 
A 1 117 ALA 117 117 117 ALA ALA A . n 
A 1 118 ASN 118 118 118 ASN ASN A . n 
A 1 119 ALA 119 119 119 ALA ALA A . n 
A 1 120 TRP 120 120 120 TRP TRP A . n 
A 1 121 LYS 121 121 121 LYS LYS A . n 
A 1 122 SER 122 122 122 SER SER A . n 
A 1 123 THR 123 123 123 THR THR A . n 
A 1 124 LEU 124 124 124 LEU LEU A . n 
A 1 125 VAL 125 125 125 VAL VAL A . n 
A 1 126 GLY 126 126 126 GLY GLY A . n 
A 1 127 HIS 127 127 127 HIS HIS A . n 
A 1 128 ASP 128 128 128 ASP ASP A . n 
A 1 129 THR 129 129 129 THR THR A . n 
A 1 130 PHE 130 130 130 PHE PHE A . n 
A 1 131 THR 131 131 131 THR THR A . n 
A 1 132 LYS 132 132 132 LYS LYS A . n 
A 1 133 VAL 133 133 133 VAL VAL A . n 
A 1 134 LYS 134 134 ?   ?   ?   A . n 
A 1 135 PRO 135 135 ?   ?   ?   A . n 
A 1 136 SER 136 136 ?   ?   ?   A . n 
A 1 137 ALA 137 137 ?   ?   ?   A . n 
A 1 138 ALA 138 138 ?   ?   ?   A . n 
A 1 139 SER 139 139 ?   ?   ?   A . n 
A 1 140 ILE 140 140 ?   ?   ?   A . n 
A 1 141 ASP 141 141 ?   ?   ?   A . n 
A 1 142 ALA 142 142 ?   ?   ?   A . n 
A 1 143 ALA 143 143 ?   ?   ?   A . n 
A 1 144 LYS 144 144 ?   ?   ?   A . n 
A 1 145 LYS 145 145 ?   ?   ?   A . n 
A 1 146 ALA 146 146 ?   ?   ?   A . n 
A 1 147 GLY 147 147 ?   ?   ?   A . n 
A 1 148 VAL 148 148 ?   ?   ?   A . n 
A 1 149 ASN 149 149 ?   ?   ?   A . n 
A 1 150 ASN 150 150 ?   ?   ?   A . n 
A 1 151 GLY 151 151 ?   ?   ?   A . n 
A 1 152 ASN 152 152 ?   ?   ?   A . n 
A 1 153 PRO 153 153 ?   ?   ?   A . n 
A 1 154 LEU 154 154 ?   ?   ?   A . n 
A 1 155 ASP 155 155 ?   ?   ?   A . n 
A 1 156 ALA 156 156 ?   ?   ?   A . n 
A 1 157 VAL 157 157 ?   ?   ?   A . n 
A 1 158 GLN 158 158 ?   ?   ?   A . n 
A 1 159 GLN 159 159 ?   ?   ?   A . n 
# 
loop_
_pdbx_nonpoly_scheme.asym_id 
_pdbx_nonpoly_scheme.entity_id 
_pdbx_nonpoly_scheme.mon_id 
_pdbx_nonpoly_scheme.ndb_seq_num 
_pdbx_nonpoly_scheme.pdb_seq_num 
_pdbx_nonpoly_scheme.auth_seq_num 
_pdbx_nonpoly_scheme.pdb_mon_id 
_pdbx_nonpoly_scheme.auth_mon_id 
_pdbx_nonpoly_scheme.pdb_strand_id 
_pdbx_nonpoly_scheme.pdb_ins_code 
B 2 S31 1  201 1   S31 S31 A . 
C 3 CU  1  202 1   CU  CU  A . 
D 4 HOH 1  301 149 HOH HOH A . 
D 4 HOH 2  302 105 HOH HOH A . 
D 4 HOH 3  303 13  HOH HOH A . 
D 4 HOH 4  304 58  HOH HOH A . 
D 4 HOH 5  305 110 HOH HOH A . 
D 4 HOH 6  306 2   HOH HOH A . 
D 4 HOH 7  307 22  HOH HOH A . 
D 4 HOH 8  308 51  HOH HOH A . 
D 4 HOH 9  309 85  HOH HOH A . 
D 4 HOH 10 310 100 HOH HOH A . 
D 4 HOH 11 311 35  HOH HOH A . 
D 4 HOH 12 312 44  HOH HOH A . 
D 4 HOH 13 313 25  HOH HOH A . 
D 4 HOH 14 314 33  HOH HOH A . 
D 4 HOH 15 315 28  HOH HOH A . 
D 4 HOH 16 316 61  HOH HOH A . 
D 4 HOH 17 317 78  HOH HOH A . 
D 4 HOH 18 318 3   HOH HOH A . 
D 4 HOH 19 319 152 HOH HOH A . 
D 4 HOH 20 320 1   HOH HOH A . 
D 4 HOH 21 321 79  HOH HOH A . 
D 4 HOH 22 322 7   HOH HOH A . 
D 4 HOH 23 323 65  HOH HOH A . 
D 4 HOH 24 324 19  HOH HOH A . 
D 4 HOH 25 325 66  HOH HOH A . 
D 4 HOH 26 326 11  HOH HOH A . 
D 4 HOH 27 327 31  HOH HOH A . 
D 4 HOH 28 328 141 HOH HOH A . 
D 4 HOH 29 329 6   HOH HOH A . 
D 4 HOH 30 330 73  HOH HOH A . 
D 4 HOH 31 331 124 HOH HOH A . 
D 4 HOH 32 332 71  HOH HOH A . 
D 4 HOH 33 333 8   HOH HOH A . 
D 4 HOH 34 334 17  HOH HOH A . 
D 4 HOH 35 335 37  HOH HOH A . 
D 4 HOH 36 337 27  HOH HOH A . 
D 4 HOH 37 338 112 HOH HOH A . 
D 4 HOH 38 339 5   HOH HOH A . 
D 4 HOH 39 340 140 HOH HOH A . 
D 4 HOH 40 341 36  HOH HOH A . 
D 4 HOH 41 342 12  HOH HOH A . 
D 4 HOH 42 343 39  HOH HOH A . 
D 4 HOH 43 344 46  HOH HOH A . 
D 4 HOH 44 345 47  HOH HOH A . 
D 4 HOH 45 346 122 HOH HOH A . 
D 4 HOH 46 347 81  HOH HOH A . 
D 4 HOH 47 348 16  HOH HOH A . 
D 4 HOH 48 349 26  HOH HOH A . 
D 4 HOH 49 350 123 HOH HOH A . 
D 4 HOH 50 351 59  HOH HOH A . 
D 4 HOH 51 352 23  HOH HOH A . 
D 4 HOH 52 353 63  HOH HOH A . 
D 4 HOH 53 354 15  HOH HOH A . 
D 4 HOH 54 355 80  HOH HOH A . 
D 4 HOH 55 356 52  HOH HOH A . 
D 4 HOH 56 357 82  HOH HOH A . 
D 4 HOH 57 358 20  HOH HOH A . 
D 4 HOH 58 359 30  HOH HOH A . 
D 4 HOH 59 360 54  HOH HOH A . 
D 4 HOH 60 361 49  HOH HOH A . 
D 4 HOH 61 362 4   HOH HOH A . 
D 4 HOH 62 363 34  HOH HOH A . 
D 4 HOH 63 364 42  HOH HOH A . 
D 4 HOH 64 365 32  HOH HOH A . 
D 4 HOH 65 366 9   HOH HOH A . 
D 4 HOH 66 367 77  HOH HOH A . 
D 4 HOH 67 368 57  HOH HOH A . 
D 4 HOH 68 369 67  HOH HOH A . 
D 4 HOH 69 370 148 HOH HOH A . 
D 4 HOH 70 371 24  HOH HOH A . 
D 4 HOH 71 372 29  HOH HOH A . 
D 4 HOH 72 373 38  HOH HOH A . 
D 4 HOH 73 374 41  HOH HOH A . 
D 4 HOH 74 375 72  HOH HOH A . 
D 4 HOH 75 376 151 HOH HOH A . 
D 4 HOH 76 377 120 HOH HOH A . 
D 4 HOH 77 378 18  HOH HOH A . 
D 4 HOH 78 379 143 HOH HOH A . 
D 4 HOH 79 380 90  HOH HOH A . 
D 4 HOH 80 381 62  HOH HOH A . 
D 4 HOH 81 382 101 HOH HOH A . 
D 4 HOH 82 383 43  HOH HOH A . 
D 4 HOH 83 384 60  HOH HOH A . 
D 4 HOH 84 385 40  HOH HOH A . 
D 4 HOH 85 386 146 HOH HOH A . 
D 4 HOH 86 387 147 HOH HOH A . 
D 4 HOH 87 388 121 HOH HOH A . 
D 4 HOH 88 389 142 HOH HOH A . 
D 4 HOH 89 390 136 HOH HOH A . 
D 4 HOH 90 391 150 HOH HOH A . 
D 4 HOH 91 392 89  HOH HOH A . 
D 4 HOH 92 393 135 HOH HOH A . 
D 4 HOH 93 394 131 HOH HOH A . 
D 4 HOH 94 395 69  HOH HOH A . 
D 4 HOH 95 396 125 HOH HOH A . 
D 4 HOH 96 397 21  HOH HOH A . 
D 4 HOH 97 398 106 HOH HOH A . 
D 4 HOH 98 399 117 HOH HOH A . 
D 4 HOH 99 400 129 HOH HOH A . 
# 
loop_
_software.citation_id 
_software.classification 
_software.compiler_name 
_software.compiler_version 
_software.contact_author 
_software.contact_author_email 
_software.date 
_software.description 
_software.dependencies 
_software.hardware 
_software.language 
_software.location 
_software.mods 
_software.name 
_software.os 
_software.os_version 
_software.type 
_software.version 
_software.pdbx_ordinal 
? refinement       ? ? ? ? ? ? ? ? ? ? ? REFMAC  ? ? ? 5.8.0135 1 
? 'data reduction' ? ? ? ? ? ? ? ? ? ? ? iMOSFLM ? ? ? .        2 
? 'data scaling'   ? ? ? ? ? ? ? ? ? ? ? Aimless ? ? ? .        3 
? phasing          ? ? ? ? ? ? ? ? ? ? ? PHASER  ? ? ? .        4 
# 
_cell.angle_alpha                  90.00 
_cell.angle_alpha_esd              ? 
_cell.angle_beta                   90.00 
_cell.angle_beta_esd               ? 
_cell.angle_gamma                  90.00 
_cell.angle_gamma_esd              ? 
_cell.entry_id                     5VL5 
_cell.details                      ? 
_cell.formula_units_Z              ? 
_cell.length_a                     57.710 
_cell.length_a_esd                 ? 
_cell.length_b                     57.710 
_cell.length_b_esd                 ? 
_cell.length_c                     184.040 
_cell.length_c_esd                 ? 
_cell.volume                       ? 
_cell.volume_esd                   ? 
_cell.Z_PDB                        16 
_cell.reciprocal_angle_alpha       ? 
_cell.reciprocal_angle_beta        ? 
_cell.reciprocal_angle_gamma       ? 
_cell.reciprocal_angle_alpha_esd   ? 
_cell.reciprocal_angle_beta_esd    ? 
_cell.reciprocal_angle_gamma_esd   ? 
_cell.reciprocal_length_a          ? 
_cell.reciprocal_length_b          ? 
_cell.reciprocal_length_c          ? 
_cell.reciprocal_length_a_esd      ? 
_cell.reciprocal_length_b_esd      ? 
_cell.reciprocal_length_c_esd      ? 
_cell.pdbx_unique_axis             ? 
# 
_symmetry.entry_id                         5VL5 
_symmetry.cell_setting                     ? 
_symmetry.Int_Tables_number                98 
_symmetry.space_group_name_Hall            ? 
_symmetry.space_group_name_H-M             'I 41 2 2' 
_symmetry.pdbx_full_space_group_name_H-M   ? 
# 
_exptl.absorpt_coefficient_mu     ? 
_exptl.absorpt_correction_T_max   ? 
_exptl.absorpt_correction_T_min   ? 
_exptl.absorpt_correction_type    ? 
_exptl.absorpt_process_details    ? 
_exptl.entry_id                   5VL5 
_exptl.crystals_number            1 
_exptl.details                    ? 
_exptl.method                     'X-RAY DIFFRACTION' 
_exptl.method_details             ? 
# 
_exptl_crystal.colour                      ? 
_exptl_crystal.density_diffrn              ? 
_exptl_crystal.density_Matthews            2.31 
_exptl_crystal.density_method              ? 
_exptl_crystal.density_percent_sol         46.80 
_exptl_crystal.description                 ? 
_exptl_crystal.F_000                       ? 
_exptl_crystal.id                          1 
_exptl_crystal.preparation                 ? 
_exptl_crystal.size_max                    ? 
_exptl_crystal.size_mid                    ? 
_exptl_crystal.size_min                    ? 
_exptl_crystal.size_rad                    ? 
_exptl_crystal.colour_lustre               ? 
_exptl_crystal.colour_modifier             ? 
_exptl_crystal.colour_primary              ? 
_exptl_crystal.density_meas                ? 
_exptl_crystal.density_meas_esd            ? 
_exptl_crystal.density_meas_gt             ? 
_exptl_crystal.density_meas_lt             ? 
_exptl_crystal.density_meas_temp           ? 
_exptl_crystal.density_meas_temp_esd       ? 
_exptl_crystal.density_meas_temp_gt        ? 
_exptl_crystal.density_meas_temp_lt        ? 
_exptl_crystal.pdbx_crystal_image_url      ? 
_exptl_crystal.pdbx_crystal_image_format   ? 
_exptl_crystal.pdbx_mosaicity              ? 
_exptl_crystal.pdbx_mosaicity_esd          ? 
# 
_exptl_crystal_grow.apparatus       ? 
_exptl_crystal_grow.atmosphere      ? 
_exptl_crystal_grow.crystal_id      1 
_exptl_crystal_grow.details         ? 
_exptl_crystal_grow.method          'VAPOR DIFFUSION, SITTING DROP' 
_exptl_crystal_grow.method_ref      ? 
_exptl_crystal_grow.pH              4.0 
_exptl_crystal_grow.pressure        ? 
_exptl_crystal_grow.pressure_esd    ? 
_exptl_crystal_grow.seeding         ? 
_exptl_crystal_grow.seeding_ref     ? 
_exptl_crystal_grow.temp            295 
_exptl_crystal_grow.temp_details    ? 
_exptl_crystal_grow.temp_esd        ? 
_exptl_crystal_grow.time            ? 
_exptl_crystal_grow.pdbx_details    '2.0 M ammonium sulfate, 0.1 M sodium acetate, pH 4.0' 
_exptl_crystal_grow.pdbx_pH_range   ? 
# 
_diffrn.ambient_environment    ? 
_diffrn.ambient_temp           100 
_diffrn.ambient_temp_details   ? 
_diffrn.ambient_temp_esd       ? 
_diffrn.crystal_id             1 
_diffrn.crystal_support        ? 
_diffrn.crystal_treatment      ? 
_diffrn.details                ? 
_diffrn.id                     1 
_diffrn.ambient_pressure       ? 
_diffrn.ambient_pressure_esd   ? 
_diffrn.ambient_pressure_gt    ? 
_diffrn.ambient_pressure_lt    ? 
_diffrn.ambient_temp_gt        ? 
_diffrn.ambient_temp_lt        ? 
# 
_diffrn_detector.details                      ? 
_diffrn_detector.detector                     CCD 
_diffrn_detector.diffrn_id                    1 
_diffrn_detector.type                         'MARMOSAIC 325 mm CCD' 
_diffrn_detector.area_resol_mean              ? 
_diffrn_detector.dtime                        ? 
_diffrn_detector.pdbx_frames_total            ? 
_diffrn_detector.pdbx_collection_time_total   ? 
_diffrn_detector.pdbx_collection_date         2016-07-19 
# 
_diffrn_radiation.collimation                      ? 
_diffrn_radiation.diffrn_id                        1 
_diffrn_radiation.filter_edge                      ? 
_diffrn_radiation.inhomogeneity                    ? 
_diffrn_radiation.monochromator                    'double crystal Si(111)' 
_diffrn_radiation.polarisn_norm                    ? 
_diffrn_radiation.polarisn_ratio                   ? 
_diffrn_radiation.probe                            ? 
_diffrn_radiation.type                             ? 
_diffrn_radiation.xray_symbol                      ? 
_diffrn_radiation.wavelength_id                    1 
_diffrn_radiation.pdbx_monochromatic_or_laue_m_l   M 
_diffrn_radiation.pdbx_wavelength_list             ? 
_diffrn_radiation.pdbx_wavelength                  ? 
_diffrn_radiation.pdbx_diffrn_protocol             'SINGLE WAVELENGTH' 
_diffrn_radiation.pdbx_analyzer                    ? 
_diffrn_radiation.pdbx_scattering_type             x-ray 
# 
_diffrn_radiation_wavelength.id           1 
_diffrn_radiation_wavelength.wavelength   0.979 
_diffrn_radiation_wavelength.wt           1.0 
# 
_diffrn_source.current                     ? 
_diffrn_source.details                     ? 
_diffrn_source.diffrn_id                   1 
_diffrn_source.power                       ? 
_diffrn_source.size                        ? 
_diffrn_source.source                      SYNCHROTRON 
_diffrn_source.target                      ? 
_diffrn_source.type                        'SSRL BEAMLINE BL14-1' 
_diffrn_source.voltage                     ? 
_diffrn_source.take-off_angle              ? 
_diffrn_source.pdbx_wavelength_list        0.979 
_diffrn_source.pdbx_wavelength             ? 
_diffrn_source.pdbx_synchrotron_beamline   BL14-1 
_diffrn_source.pdbx_synchrotron_site       SSRL 
# 
_reflns.B_iso_Wilson_estimate            ? 
_reflns.entry_id                         5VL5 
_reflns.data_reduction_details           ? 
_reflns.data_reduction_method            ? 
_reflns.d_resolution_high                1.46 
_reflns.d_resolution_low                 55.1 
_reflns.details                          ? 
_reflns.limit_h_max                      ? 
_reflns.limit_h_min                      ? 
_reflns.limit_k_max                      ? 
_reflns.limit_k_min                      ? 
_reflns.limit_l_max                      ? 
_reflns.limit_l_min                      ? 
_reflns.number_all                       ? 
_reflns.number_obs                       27425 
_reflns.observed_criterion               ? 
_reflns.observed_criterion_F_max         ? 
_reflns.observed_criterion_F_min         ? 
_reflns.observed_criterion_I_max         ? 
_reflns.observed_criterion_I_min         ? 
_reflns.observed_criterion_sigma_F       ? 
_reflns.observed_criterion_sigma_I       ? 
_reflns.percent_possible_obs             100 
_reflns.R_free_details                   ? 
_reflns.Rmerge_F_all                     ? 
_reflns.Rmerge_F_obs                     ? 
_reflns.Friedel_coverage                 ? 
_reflns.number_gt                        ? 
_reflns.threshold_expression             ? 
_reflns.pdbx_redundancy                  8.1 
_reflns.pdbx_Rmerge_I_obs                ? 
_reflns.pdbx_Rmerge_I_all                ? 
_reflns.pdbx_Rsym_value                  ? 
_reflns.pdbx_netI_over_av_sigmaI         ? 
_reflns.pdbx_netI_over_sigmaI            3.9 
_reflns.pdbx_res_netI_over_av_sigmaI_2   ? 
_reflns.pdbx_res_netI_over_sigmaI_2      ? 
_reflns.pdbx_chi_squared                 ? 
_reflns.pdbx_scaling_rejects             ? 
_reflns.pdbx_d_res_high_opt              ? 
_reflns.pdbx_d_res_low_opt               ? 
_reflns.pdbx_d_res_opt_method            ? 
_reflns.phase_calculation_details        ? 
_reflns.pdbx_Rrim_I_all                  ? 
_reflns.pdbx_Rpim_I_all                  ? 
_reflns.pdbx_d_opt                       ? 
_reflns.pdbx_number_measured_all         ? 
_reflns.pdbx_diffrn_id                   1 
_reflns.pdbx_ordinal                     1 
_reflns.pdbx_CC_half                     ? 
_reflns.pdbx_R_split                     ? 
# 
_reflns_shell.d_res_high                  1.46 
_reflns_shell.d_res_low                   1.49 
_reflns_shell.meanI_over_sigI_all         ? 
_reflns_shell.meanI_over_sigI_obs         0.5 
_reflns_shell.number_measured_all         ? 
_reflns_shell.number_measured_obs         ? 
_reflns_shell.number_possible             ? 
_reflns_shell.number_unique_all           ? 
_reflns_shell.number_unique_obs           1349 
_reflns_shell.percent_possible_all        100 
_reflns_shell.percent_possible_obs        ? 
_reflns_shell.Rmerge_F_all                ? 
_reflns_shell.Rmerge_F_obs                ? 
_reflns_shell.Rmerge_I_all                ? 
_reflns_shell.Rmerge_I_obs                ? 
_reflns_shell.meanI_over_sigI_gt          ? 
_reflns_shell.meanI_over_uI_all           ? 
_reflns_shell.meanI_over_uI_gt            ? 
_reflns_shell.number_measured_gt          ? 
_reflns_shell.number_unique_gt            ? 
_reflns_shell.percent_possible_gt         ? 
_reflns_shell.Rmerge_F_gt                 ? 
_reflns_shell.Rmerge_I_gt                 ? 
_reflns_shell.pdbx_redundancy             7.6 
_reflns_shell.pdbx_Rsym_value             ? 
_reflns_shell.pdbx_chi_squared            ? 
_reflns_shell.pdbx_netI_over_sigmaI_all   ? 
_reflns_shell.pdbx_netI_over_sigmaI_obs   ? 
_reflns_shell.pdbx_Rrim_I_all             ? 
_reflns_shell.pdbx_Rpim_I_all             ? 
_reflns_shell.pdbx_rejects                ? 
_reflns_shell.pdbx_ordinal                1 
_reflns_shell.pdbx_diffrn_id              1 
_reflns_shell.pdbx_CC_half                ? 
_reflns_shell.pdbx_R_split                ? 
# 
_refine.aniso_B[1][1]                            -0.65 
_refine.aniso_B[1][2]                            0.00 
_refine.aniso_B[1][3]                            -0.00 
_refine.aniso_B[2][2]                            -0.65 
_refine.aniso_B[2][3]                            0.00 
_refine.aniso_B[3][3]                            1.31 
_refine.B_iso_max                                ? 
_refine.B_iso_mean                               22.371 
_refine.B_iso_min                                ? 
_refine.correlation_coeff_Fo_to_Fc               0.950 
_refine.correlation_coeff_Fo_to_Fc_free          0.936 
_refine.details                                  'HYDROGENS HAVE BEEN ADDED IN THE RIDING POSITIONS' 
_refine.diff_density_max                         ? 
_refine.diff_density_max_esd                     ? 
_refine.diff_density_min                         ? 
_refine.diff_density_min_esd                     ? 
_refine.diff_density_rms                         ? 
_refine.diff_density_rms_esd                     ? 
_refine.entry_id                                 5VL5 
_refine.pdbx_refine_id                           'X-RAY DIFFRACTION' 
_refine.ls_abs_structure_details                 ? 
_refine.ls_abs_structure_Flack                   ? 
_refine.ls_abs_structure_Flack_esd               ? 
_refine.ls_abs_structure_Rogers                  ? 
_refine.ls_abs_structure_Rogers_esd              ? 
_refine.ls_d_res_high                            1.46 
_refine.ls_d_res_low                             55.07 
_refine.ls_extinction_coef                       ? 
_refine.ls_extinction_coef_esd                   ? 
_refine.ls_extinction_expression                 ? 
_refine.ls_extinction_method                     ? 
_refine.ls_goodness_of_fit_all                   ? 
_refine.ls_goodness_of_fit_all_esd               ? 
_refine.ls_goodness_of_fit_obs                   ? 
_refine.ls_goodness_of_fit_obs_esd               ? 
_refine.ls_hydrogen_treatment                    ? 
_refine.ls_matrix_type                           ? 
_refine.ls_number_constraints                    ? 
_refine.ls_number_parameters                     ? 
_refine.ls_number_reflns_all                     ? 
_refine.ls_number_reflns_obs                     26028 
_refine.ls_number_reflns_R_free                  1365 
_refine.ls_number_reflns_R_work                  ? 
_refine.ls_number_restraints                     ? 
_refine.ls_percent_reflns_obs                    99.98 
_refine.ls_percent_reflns_R_free                 5.0 
_refine.ls_R_factor_all                          ? 
_refine.ls_R_factor_obs                          0.22655 
_refine.ls_R_factor_R_free                       0.25968 
_refine.ls_R_factor_R_free_error                 ? 
_refine.ls_R_factor_R_free_error_details         ? 
_refine.ls_R_factor_R_work                       0.22481 
_refine.ls_R_Fsqd_factor_obs                     ? 
_refine.ls_R_I_factor_obs                        ? 
_refine.ls_redundancy_reflns_all                 ? 
_refine.ls_redundancy_reflns_obs                 ? 
_refine.ls_restrained_S_all                      ? 
_refine.ls_restrained_S_obs                      ? 
_refine.ls_shift_over_esd_max                    ? 
_refine.ls_shift_over_esd_mean                   ? 
_refine.ls_structure_factor_coef                 ? 
_refine.ls_weighting_details                     ? 
_refine.ls_weighting_scheme                      ? 
_refine.ls_wR_factor_all                         ? 
_refine.ls_wR_factor_obs                         ? 
_refine.ls_wR_factor_R_free                      ? 
_refine.ls_wR_factor_R_work                      ? 
_refine.occupancy_max                            ? 
_refine.occupancy_min                            ? 
_refine.solvent_model_details                    ? 
_refine.solvent_model_param_bsol                 ? 
_refine.solvent_model_param_ksol                 ? 
_refine.ls_R_factor_gt                           ? 
_refine.ls_goodness_of_fit_gt                    ? 
_refine.ls_goodness_of_fit_ref                   ? 
_refine.ls_shift_over_su_max                     ? 
_refine.ls_shift_over_su_max_lt                  ? 
_refine.ls_shift_over_su_mean                    ? 
_refine.ls_shift_over_su_mean_lt                 ? 
_refine.pdbx_ls_sigma_I                          ? 
_refine.pdbx_ls_sigma_F                          ? 
_refine.pdbx_ls_sigma_Fsqd                       ? 
_refine.pdbx_data_cutoff_high_absF               ? 
_refine.pdbx_data_cutoff_high_rms_absF           ? 
_refine.pdbx_data_cutoff_low_absF                ? 
_refine.pdbx_isotropic_thermal_model             ? 
_refine.pdbx_ls_cross_valid_method               THROUGHOUT 
_refine.pdbx_method_to_determine_struct          'MOLECULAR REPLACEMENT' 
_refine.pdbx_starting_model                      ? 
_refine.pdbx_stereochemistry_target_values       ? 
_refine.pdbx_R_Free_selection_details            RANDOM 
_refine.pdbx_stereochem_target_val_spec_case     ? 
_refine.pdbx_overall_ESU_R                       0.073 
_refine.pdbx_overall_ESU_R_Free                  0.078 
_refine.pdbx_solvent_vdw_probe_radii             1.20 
_refine.pdbx_solvent_ion_probe_radii             0.80 
_refine.pdbx_solvent_shrinkage_radii             0.80 
_refine.pdbx_real_space_R                        ? 
_refine.pdbx_density_correlation                 ? 
_refine.pdbx_pd_number_of_powder_patterns        ? 
_refine.pdbx_pd_number_of_points                 ? 
_refine.pdbx_pd_meas_number_of_points            ? 
_refine.pdbx_pd_proc_ls_prof_R_factor            ? 
_refine.pdbx_pd_proc_ls_prof_wR_factor           ? 
_refine.pdbx_pd_Marquardt_correlation_coeff      ? 
_refine.pdbx_pd_Fsqrd_R_factor                   ? 
_refine.pdbx_pd_ls_matrix_band_width             ? 
_refine.pdbx_overall_phase_error                 ? 
_refine.pdbx_overall_SU_R_free_Cruickshank_DPI   ? 
_refine.pdbx_overall_SU_R_free_Blow_DPI          ? 
_refine.pdbx_overall_SU_R_Blow_DPI               ? 
_refine.pdbx_TLS_residual_ADP_flag               ? 
_refine.pdbx_diffrn_id                           1 
_refine.overall_SU_B                             2.424 
_refine.overall_SU_ML                            0.082 
_refine.overall_SU_R_Cruickshank_DPI             ? 
_refine.overall_SU_R_free                        ? 
_refine.overall_FOM_free_R_set                   ? 
_refine.overall_FOM_work_R_set                   ? 
_refine.pdbx_average_fsc_overall                 ? 
_refine.pdbx_average_fsc_work                    ? 
_refine.pdbx_average_fsc_free                    ? 
# 
_refine_hist.pdbx_refine_id                   'X-RAY DIFFRACTION' 
_refine_hist.cycle_id                         LAST 
_refine_hist.pdbx_number_atoms_protein        904 
_refine_hist.pdbx_number_atoms_nucleic_acid   0 
_refine_hist.pdbx_number_atoms_ligand         42 
_refine_hist.number_atoms_solvent             100 
_refine_hist.number_atoms_total               1046 
_refine_hist.d_res_high                       1.46 
_refine_hist.d_res_low                        55.07 
# 
loop_
_refine_ls_restr.pdbx_refine_id 
_refine_ls_restr.criterion 
_refine_ls_restr.dev_ideal 
_refine_ls_restr.dev_ideal_target 
_refine_ls_restr.number 
_refine_ls_restr.rejects 
_refine_ls_restr.type 
_refine_ls_restr.weight 
_refine_ls_restr.pdbx_restraint_function 
'X-RAY DIFFRACTION' ? 0.025  0.020  974  ? r_bond_refined_d             ? ? 
'X-RAY DIFFRACTION' ? 0.002  0.020  812  ? r_bond_other_d               ? ? 
'X-RAY DIFFRACTION' ? 3.252  1.935  1329 ? r_angle_refined_deg          ? ? 
'X-RAY DIFFRACTION' ? 1.650  3.000  1855 ? r_angle_other_deg            ? ? 
'X-RAY DIFFRACTION' ? 7.668  5.000  120  ? r_dihedral_angle_1_deg       ? ? 
'X-RAY DIFFRACTION' ? 28.302 24.000 40   ? r_dihedral_angle_2_deg       ? ? 
'X-RAY DIFFRACTION' ? 11.568 15.000 124  ? r_dihedral_angle_3_deg       ? ? 
'X-RAY DIFFRACTION' ? 9.855  15.000 4    ? r_dihedral_angle_4_deg       ? ? 
'X-RAY DIFFRACTION' ? 0.148  0.200  142  ? r_chiral_restr               ? ? 
'X-RAY DIFFRACTION' ? 0.014  0.020  1111 ? r_gen_planes_refined         ? ? 
'X-RAY DIFFRACTION' ? 0.001  0.020  233  ? r_gen_planes_other           ? ? 
'X-RAY DIFFRACTION' ? ?      ?      ?    ? r_nbd_refined                ? ? 
'X-RAY DIFFRACTION' ? ?      ?      ?    ? r_nbd_other                  ? ? 
'X-RAY DIFFRACTION' ? ?      ?      ?    ? r_nbtor_refined              ? ? 
'X-RAY DIFFRACTION' ? ?      ?      ?    ? r_nbtor_other                ? ? 
'X-RAY DIFFRACTION' ? ?      ?      ?    ? r_xyhbond_nbd_refined        ? ? 
'X-RAY DIFFRACTION' ? ?      ?      ?    ? r_xyhbond_nbd_other          ? ? 
'X-RAY DIFFRACTION' ? ?      ?      ?    ? r_metal_ion_refined          ? ? 
'X-RAY DIFFRACTION' ? ?      ?      ?    ? r_metal_ion_other            ? ? 
'X-RAY DIFFRACTION' ? ?      ?      ?    ? r_symmetry_vdw_refined       ? ? 
'X-RAY DIFFRACTION' ? ?      ?      ?    ? r_symmetry_vdw_other         ? ? 
'X-RAY DIFFRACTION' ? ?      ?      ?    ? r_symmetry_hbond_refined     ? ? 
'X-RAY DIFFRACTION' ? ?      ?      ?    ? r_symmetry_hbond_other       ? ? 
'X-RAY DIFFRACTION' ? ?      ?      ?    ? r_symmetry_metal_ion_refined ? ? 
'X-RAY DIFFRACTION' ? ?      ?      ?    ? r_symmetry_metal_ion_other   ? ? 
'X-RAY DIFFRACTION' ? 2.136  2.100  483  ? r_mcbond_it                  ? ? 
'X-RAY DIFFRACTION' ? 2.128  2.097  482  ? r_mcbond_other               ? ? 
'X-RAY DIFFRACTION' ? 3.212  3.142  602  ? r_mcangle_it                 ? ? 
'X-RAY DIFFRACTION' ? 3.210  3.145  603  ? r_mcangle_other              ? ? 
'X-RAY DIFFRACTION' ? 2.418  2.229  490  ? r_scbond_it                  ? ? 
'X-RAY DIFFRACTION' ? 2.349  2.167  445  ? r_scbond_other               ? ? 
'X-RAY DIFFRACTION' ? ?      ?      ?    ? r_scangle_it                 ? ? 
'X-RAY DIFFRACTION' ? 3.485  3.187  669  ? r_scangle_other              ? ? 
'X-RAY DIFFRACTION' ? 5.690  18.600 1145 ? r_long_range_B_refined       ? ? 
'X-RAY DIFFRACTION' ? 5.377  17.536 1072 ? r_long_range_B_other         ? ? 
'X-RAY DIFFRACTION' ? ?      ?      ?    ? r_rigid_bond_restr           ? ? 
'X-RAY DIFFRACTION' ? ?      ?      ?    ? r_sphericity_free            ? ? 
'X-RAY DIFFRACTION' ? ?      ?      ?    ? r_sphericity_bonded          ? ? 
# 
_refine_ls_shell.pdbx_refine_id                   'X-RAY DIFFRACTION' 
_refine_ls_shell.d_res_high                       1.464 
_refine_ls_shell.d_res_low                        1.502 
_refine_ls_shell.number_reflns_all                ? 
_refine_ls_shell.number_reflns_obs                ? 
_refine_ls_shell.number_reflns_R_free             83 
_refine_ls_shell.number_reflns_R_work             1912 
_refine_ls_shell.percent_reflns_obs               99.95 
_refine_ls_shell.percent_reflns_R_free            ? 
_refine_ls_shell.R_factor_all                     ? 
_refine_ls_shell.R_factor_obs                     ? 
_refine_ls_shell.R_factor_R_free                  0.376 
_refine_ls_shell.R_factor_R_free_error            ? 
_refine_ls_shell.R_factor_R_work                  0.385 
_refine_ls_shell.redundancy_reflns_all            ? 
_refine_ls_shell.redundancy_reflns_obs            ? 
_refine_ls_shell.wR_factor_all                    ? 
_refine_ls_shell.wR_factor_obs                    ? 
_refine_ls_shell.wR_factor_R_free                 ? 
_refine_ls_shell.wR_factor_R_work                 ? 
_refine_ls_shell.pdbx_total_number_of_bins_used   20 
_refine_ls_shell.pdbx_phase_error                 ? 
_refine_ls_shell.pdbx_fsc_work                    ? 
_refine_ls_shell.pdbx_fsc_free                    ? 
# 
_struct.entry_id                     5VL5 
_struct.title                        
'Coordination Chemistry within a Protein Host: Regulation of the Secondary Coordination Sphere' 
_struct.pdbx_model_details           ? 
_struct.pdbx_formula_weight          ? 
_struct.pdbx_formula_weight_method   ? 
_struct.pdbx_model_type_details      ? 
_struct.pdbx_CASP_flag               N 
# 
_struct_keywords.entry_id        5VL5 
_struct_keywords.text            
'streptavidin, biotin, copper, azide, secondary coordination sphere, hydrogen bond, BIOTIN BINDING PROTEIN' 
_struct_keywords.pdbx_keywords   'BIOTIN BINDING PROTEIN' 
# 
loop_
_struct_asym.id 
_struct_asym.pdbx_blank_PDB_chainid_flag 
_struct_asym.pdbx_modified 
_struct_asym.entity_id 
_struct_asym.details 
A N N 1 ? 
B N N 2 ? 
C N N 3 ? 
D N N 4 ? 
# 
_struct_ref.id                         1 
_struct_ref.db_name                    UNP 
_struct_ref.db_code                    SAV_STRAV 
_struct_ref.pdbx_db_accession          P22629 
_struct_ref.pdbx_db_isoform            ? 
_struct_ref.entity_id                  1 
_struct_ref.pdbx_seq_one_letter_code   
;EAGITGTWYNQLGSTFIVTAGADGALTGTYESAVGNAESRYVLTGRYDSAPATDGSGTALGWTVAWKNNYRNAHSATTWS
GQYVGGAEARINTQWLLTSGTTEANAWKSTLVGHDTFTKVKPSAASIDAAKKAGVNNGNPLDAVQQ
;
_struct_ref.pdbx_align_begin           38 
# 
_struct_ref_seq.align_id                      1 
_struct_ref_seq.ref_id                        1 
_struct_ref_seq.pdbx_PDB_id_code              5VL5 
_struct_ref_seq.pdbx_strand_id                A 
_struct_ref_seq.seq_align_beg                 14 
_struct_ref_seq.pdbx_seq_align_beg_ins_code   ? 
_struct_ref_seq.seq_align_end                 159 
_struct_ref_seq.pdbx_seq_align_end_ins_code   ? 
_struct_ref_seq.pdbx_db_accession             P22629 
_struct_ref_seq.db_align_beg                  38 
_struct_ref_seq.pdbx_db_align_beg_ins_code    ? 
_struct_ref_seq.db_align_end                  183 
_struct_ref_seq.pdbx_db_align_end_ins_code    ? 
_struct_ref_seq.pdbx_auth_seq_align_beg       14 
_struct_ref_seq.pdbx_auth_seq_align_end       159 
# 
loop_
_struct_ref_seq_dif.align_id 
_struct_ref_seq_dif.pdbx_pdb_id_code 
_struct_ref_seq_dif.mon_id 
_struct_ref_seq_dif.pdbx_pdb_strand_id 
_struct_ref_seq_dif.seq_num 
_struct_ref_seq_dif.pdbx_pdb_ins_code 
_struct_ref_seq_dif.pdbx_seq_db_name 
_struct_ref_seq_dif.pdbx_seq_db_accession_code 
_struct_ref_seq_dif.db_mon_id 
_struct_ref_seq_dif.pdbx_seq_db_seq_num 
_struct_ref_seq_dif.details 
_struct_ref_seq_dif.pdbx_auth_seq_num 
_struct_ref_seq_dif.pdbx_ordinal 
1 5VL5 MET A 1  ? UNP P22629 ? ? 'expression tag' 1  1  
1 5VL5 ALA A 2  ? UNP P22629 ? ? 'expression tag' 2  2  
1 5VL5 SER A 3  ? UNP P22629 ? ? 'expression tag' 3  3  
1 5VL5 MET A 4  ? UNP P22629 ? ? 'expression tag' 4  4  
1 5VL5 THR A 5  ? UNP P22629 ? ? 'expression tag' 5  5  
1 5VL5 GLY A 6  ? UNP P22629 ? ? 'expression tag' 6  6  
1 5VL5 GLY A 7  ? UNP P22629 ? ? 'expression tag' 7  7  
1 5VL5 GLN A 8  ? UNP P22629 ? ? 'expression tag' 8  8  
1 5VL5 GLN A 9  ? UNP P22629 ? ? 'expression tag' 9  9  
1 5VL5 MET A 10 ? UNP P22629 ? ? 'expression tag' 10 10 
1 5VL5 GLY A 11 ? UNP P22629 ? ? 'expression tag' 11 11 
1 5VL5 ARG A 12 ? UNP P22629 ? ? 'expression tag' 12 12 
1 5VL5 ASP A 13 ? UNP P22629 ? ? 'expression tag' 13 13 
# 
_pdbx_struct_assembly.id                   1 
_pdbx_struct_assembly.details              author_and_software_defined_assembly 
_pdbx_struct_assembly.method_details       PISA 
_pdbx_struct_assembly.oligomeric_details   tetrameric 
_pdbx_struct_assembly.oligomeric_count     4 
# 
loop_
_pdbx_struct_assembly_prop.biol_id 
_pdbx_struct_assembly_prop.type 
_pdbx_struct_assembly_prop.value 
_pdbx_struct_assembly_prop.details 
1 'ABSA (A^2)' 10180 ? 
1 MORE         -80   ? 
1 'SSA (A^2)'  18540 ? 
# 
_pdbx_struct_assembly_gen.assembly_id       1 
_pdbx_struct_assembly_gen.oper_expression   1,2,3,4 
_pdbx_struct_assembly_gen.asym_id_list      A,B,C,D 
# 
_pdbx_struct_assembly_auth_evidence.id                     1 
_pdbx_struct_assembly_auth_evidence.assembly_id            1 
_pdbx_struct_assembly_auth_evidence.experimental_support   none 
_pdbx_struct_assembly_auth_evidence.details                ? 
# 
loop_
_pdbx_struct_oper_list.id 
_pdbx_struct_oper_list.type 
_pdbx_struct_oper_list.name 
_pdbx_struct_oper_list.symmetry_operation 
_pdbx_struct_oper_list.matrix[1][1] 
_pdbx_struct_oper_list.matrix[1][2] 
_pdbx_struct_oper_list.matrix[1][3] 
_pdbx_struct_oper_list.vector[1] 
_pdbx_struct_oper_list.matrix[2][1] 
_pdbx_struct_oper_list.matrix[2][2] 
_pdbx_struct_oper_list.matrix[2][3] 
_pdbx_struct_oper_list.vector[2] 
_pdbx_struct_oper_list.matrix[3][1] 
_pdbx_struct_oper_list.matrix[3][2] 
_pdbx_struct_oper_list.matrix[3][3] 
_pdbx_struct_oper_list.vector[3] 
1 'identity operation'         1_555  x,y,z        1.0000000000  0.0000000000  0.0000000000  0.0000000000  0.0000000000  1.0000000000  0.0000000000  0.0000000000   0.0000000000  0.0000000000  1.0000000000  0.0000000000  
2 'crystal symmetry operation' 8_665  -y+1,-x+1,-z 0.4250399614  0.4421232578  -0.7898531865 13.6268749431 0.4421232578  -0.8628298291 -0.2450545061 -19.5560125912 -0.7898531865 -0.2450545061 -0.5622101323 13.6388300143 
3 'crystal symmetry operation' 10_665 -x+1,-y+1,z  -0.9668100632 0.1927114012  0.1677516544  26.5679156935 0.1927114012  0.1189441054  0.9740198230  -12.7147835818 0.1677516544  0.9740198230  -0.1521340422 9.3501093758  
4 'crystal symmetry operation' 15_555 y,x,-z       -0.4582298982 -0.6348346590 0.6221015320  11.9125855797 -0.6348346590 -0.2561142763 -0.7289653169 0.8696889568   0.6221015320  -0.7289653169 -0.2856558255 -9.4868340717 
# 
loop_
_struct_conf.conf_type_id 
_struct_conf.id 
_struct_conf.pdbx_PDB_helix_id 
_struct_conf.beg_label_comp_id 
_struct_conf.beg_label_asym_id 
_struct_conf.beg_label_seq_id 
_struct_conf.pdbx_beg_PDB_ins_code 
_struct_conf.end_label_comp_id 
_struct_conf.end_label_asym_id 
_struct_conf.end_label_seq_id 
_struct_conf.pdbx_end_PDB_ins_code 
_struct_conf.beg_auth_comp_id 
_struct_conf.beg_auth_asym_id 
_struct_conf.beg_auth_seq_id 
_struct_conf.end_auth_comp_id 
_struct_conf.end_auth_asym_id 
_struct_conf.end_auth_seq_id 
_struct_conf.pdbx_PDB_helix_class 
_struct_conf.details 
_struct_conf.pdbx_PDB_helix_length 
HELX_P HELX_P1 AA1 ASP A 13  ? THR A 18  ? ASP A 13  THR A 18  1 ? 6 
HELX_P HELX_P2 AA2 THR A 115 ? LYS A 121 ? THR A 115 LYS A 121 5 ? 7 
# 
_struct_conf_type.id          HELX_P 
_struct_conf_type.criteria    ? 
_struct_conf_type.reference   ? 
# 
_struct_conn.id                            metalc1 
_struct_conn.conn_type_id                  metalc 
_struct_conn.pdbx_leaving_atom_flag        ? 
_struct_conn.pdbx_PDB_id                   ? 
_struct_conn.ptnr1_label_asym_id           A 
_struct_conn.ptnr1_label_comp_id           HIS 
_struct_conn.ptnr1_label_seq_id            87 
_struct_conn.ptnr1_label_atom_id           NE2 
_struct_conn.pdbx_ptnr1_label_alt_id       ? 
_struct_conn.pdbx_ptnr1_PDB_ins_code       ? 
_struct_conn.pdbx_ptnr1_standard_comp_id   ? 
_struct_conn.ptnr1_symmetry                1_555 
_struct_conn.ptnr2_label_asym_id           C 
_struct_conn.ptnr2_label_comp_id           CU 
_struct_conn.ptnr2_label_seq_id            . 
_struct_conn.ptnr2_label_atom_id           CU 
_struct_conn.pdbx_ptnr2_label_alt_id       ? 
_struct_conn.pdbx_ptnr2_PDB_ins_code       ? 
_struct_conn.ptnr1_auth_asym_id            A 
_struct_conn.ptnr1_auth_comp_id            HIS 
_struct_conn.ptnr1_auth_seq_id             87 
_struct_conn.ptnr2_auth_asym_id            A 
_struct_conn.ptnr2_auth_comp_id            CU 
_struct_conn.ptnr2_auth_seq_id             202 
_struct_conn.ptnr2_symmetry                1_555 
_struct_conn.pdbx_ptnr3_label_atom_id      ? 
_struct_conn.pdbx_ptnr3_label_seq_id       ? 
_struct_conn.pdbx_ptnr3_label_comp_id      ? 
_struct_conn.pdbx_ptnr3_label_asym_id      ? 
_struct_conn.pdbx_ptnr3_label_alt_id       ? 
_struct_conn.pdbx_ptnr3_PDB_ins_code       ? 
_struct_conn.details                       ? 
_struct_conn.pdbx_dist_value               2.648 
_struct_conn.pdbx_value_order              ? 
_struct_conn.pdbx_role                     ? 
# 
_struct_conn_type.id          metalc 
_struct_conn_type.criteria    ? 
_struct_conn_type.reference   ? 
# 
_struct_sheet.id               AA1 
_struct_sheet.type             ? 
_struct_sheet.number_strands   9 
_struct_sheet.details          ? 
# 
loop_
_struct_sheet_order.sheet_id 
_struct_sheet_order.range_id_1 
_struct_sheet_order.range_id_2 
_struct_sheet_order.offset 
_struct_sheet_order.sense 
AA1 1 2 ? anti-parallel 
AA1 2 3 ? anti-parallel 
AA1 3 4 ? anti-parallel 
AA1 4 5 ? anti-parallel 
AA1 5 6 ? anti-parallel 
AA1 6 7 ? anti-parallel 
AA1 7 8 ? anti-parallel 
AA1 8 9 ? anti-parallel 
# 
loop_
_struct_sheet_range.sheet_id 
_struct_sheet_range.id 
_struct_sheet_range.beg_label_comp_id 
_struct_sheet_range.beg_label_asym_id 
_struct_sheet_range.beg_label_seq_id 
_struct_sheet_range.pdbx_beg_PDB_ins_code 
_struct_sheet_range.end_label_comp_id 
_struct_sheet_range.end_label_asym_id 
_struct_sheet_range.end_label_seq_id 
_struct_sheet_range.pdbx_end_PDB_ins_code 
_struct_sheet_range.beg_auth_comp_id 
_struct_sheet_range.beg_auth_asym_id 
_struct_sheet_range.beg_auth_seq_id 
_struct_sheet_range.end_auth_comp_id 
_struct_sheet_range.end_auth_asym_id 
_struct_sheet_range.end_auth_seq_id 
AA1 1 GLY A 19  ? ASN A 23  ? GLY A 19  ASN A 23  
AA1 2 THR A 28  ? ALA A 33  ? THR A 28  ALA A 33  
AA1 3 ALA A 38  ? GLU A 44  ? ALA A 38  GLU A 44  
AA1 4 TYR A 54  ? TYR A 60  ? TYR A 54  TYR A 60  
AA1 5 THR A 71  ? LYS A 80  ? THR A 71  LYS A 80  
AA1 6 ASN A 85  ? VAL A 97  ? ASN A 85  VAL A 97  
AA1 7 ARG A 103 ? SER A 112 ? ARG A 103 SER A 112 
AA1 8 THR A 123 ? THR A 131 ? THR A 123 THR A 131 
AA1 9 GLY A 19  ? ASN A 23  ? GLY A 19  ASN A 23  
# 
loop_
_pdbx_struct_sheet_hbond.sheet_id 
_pdbx_struct_sheet_hbond.range_id_1 
_pdbx_struct_sheet_hbond.range_id_2 
_pdbx_struct_sheet_hbond.range_1_label_atom_id 
_pdbx_struct_sheet_hbond.range_1_label_comp_id 
_pdbx_struct_sheet_hbond.range_1_label_asym_id 
_pdbx_struct_sheet_hbond.range_1_label_seq_id 
_pdbx_struct_sheet_hbond.range_1_PDB_ins_code 
_pdbx_struct_sheet_hbond.range_1_auth_atom_id 
_pdbx_struct_sheet_hbond.range_1_auth_comp_id 
_pdbx_struct_sheet_hbond.range_1_auth_asym_id 
_pdbx_struct_sheet_hbond.range_1_auth_seq_id 
_pdbx_struct_sheet_hbond.range_2_label_atom_id 
_pdbx_struct_sheet_hbond.range_2_label_comp_id 
_pdbx_struct_sheet_hbond.range_2_label_asym_id 
_pdbx_struct_sheet_hbond.range_2_label_seq_id 
_pdbx_struct_sheet_hbond.range_2_PDB_ins_code 
_pdbx_struct_sheet_hbond.range_2_auth_atom_id 
_pdbx_struct_sheet_hbond.range_2_auth_comp_id 
_pdbx_struct_sheet_hbond.range_2_auth_asym_id 
_pdbx_struct_sheet_hbond.range_2_auth_seq_id 
AA1 1 2 N TRP A 21  ? N TRP A 21  O PHE A 29  ? O PHE A 29  
AA1 2 3 N THR A 32  ? N THR A 32  O THR A 40  ? O THR A 40  
AA1 3 4 N LEU A 39  ? N LEU A 39  O GLY A 58  ? O GLY A 58  
AA1 4 5 N THR A 57  ? N THR A 57  O THR A 76  ? O THR A 76  
AA1 5 6 N TRP A 79  ? N TRP A 79  O SER A 88  ? O SER A 88  
AA1 6 7 N VAL A 97  ? N VAL A 97  O ARG A 103 ? O ARG A 103 
AA1 7 8 N TRP A 108 ? N TRP A 108 O GLY A 126 ? O GLY A 126 
AA1 8 9 O THR A 131 ? O THR A 131 N TYR A 22  ? N TYR A 22  
# 
loop_
_struct_site.id 
_struct_site.pdbx_evidence_code 
_struct_site.pdbx_auth_asym_id 
_struct_site.pdbx_auth_comp_id 
_struct_site.pdbx_auth_seq_id 
_struct_site.pdbx_auth_ins_code 
_struct_site.pdbx_num_residues 
_struct_site.details 
AC1 Software A S31 201 ? 19 'binding site for residue S31 A 201' 
AC2 Software A CU  202 ? 1  'binding site for residue CU A 202'  
# 
loop_
_struct_site_gen.id 
_struct_site_gen.site_id 
_struct_site_gen.pdbx_num_res 
_struct_site_gen.label_comp_id 
_struct_site_gen.label_asym_id 
_struct_site_gen.label_seq_id 
_struct_site_gen.pdbx_auth_ins_code 
_struct_site_gen.auth_comp_id 
_struct_site_gen.auth_asym_id 
_struct_site_gen.auth_seq_id 
_struct_site_gen.label_atom_id 
_struct_site_gen.label_alt_id 
_struct_site_gen.symmetry 
_struct_site_gen.details 
1  AC1 19 ASN A 23  ? ASN A 23  . ? 1_555  ? 
2  AC1 19 LEU A 25  ? LEU A 25  . ? 1_555  ? 
3  AC1 19 SER A 27  ? SER A 27  . ? 1_555  ? 
4  AC1 19 TYR A 43  ? TYR A 43  . ? 1_555  ? 
5  AC1 19 SER A 45  ? SER A 45  . ? 1_555  ? 
6  AC1 19 VAL A 47  ? VAL A 47  . ? 1_555  ? 
7  AC1 19 GLY A 48  ? GLY A 48  . ? 1_555  ? 
8  AC1 19 ASN A 49  ? ASN A 49  . ? 1_555  ? 
9  AC1 19 TRP A 79  ? TRP A 79  . ? 1_555  ? 
10 AC1 19 SER A 88  ? SER A 88  . ? 1_555  ? 
11 AC1 19 THR A 90  ? THR A 90  . ? 1_555  ? 
12 AC1 19 TRP A 92  ? TRP A 92  . ? 1_555  ? 
13 AC1 19 TRP A 108 ? TRP A 108 . ? 1_555  ? 
14 AC1 19 TRP A 120 ? TRP A 120 . ? 10_665 ? 
15 AC1 19 LYS A 121 ? LYS A 121 . ? 1_555  ? 
16 AC1 19 LYS A 121 ? LYS A 121 . ? 10_665 ? 
17 AC1 19 LEU A 124 ? LEU A 124 . ? 1_555  ? 
18 AC1 19 ASP A 128 ? ASP A 128 . ? 1_555  ? 
19 AC1 19 HOH D .   ? HOH A 379 . ? 1_555  ? 
20 AC2 1  HIS A 87  ? HIS A 87  . ? 1_555  ? 
# 
loop_
_pdbx_validate_symm_contact.id 
_pdbx_validate_symm_contact.PDB_model_num 
_pdbx_validate_symm_contact.auth_atom_id_1 
_pdbx_validate_symm_contact.auth_asym_id_1 
_pdbx_validate_symm_contact.auth_comp_id_1 
_pdbx_validate_symm_contact.auth_seq_id_1 
_pdbx_validate_symm_contact.PDB_ins_code_1 
_pdbx_validate_symm_contact.label_alt_id_1 
_pdbx_validate_symm_contact.site_symmetry_1 
_pdbx_validate_symm_contact.auth_atom_id_2 
_pdbx_validate_symm_contact.auth_asym_id_2 
_pdbx_validate_symm_contact.auth_comp_id_2 
_pdbx_validate_symm_contact.auth_seq_id_2 
_pdbx_validate_symm_contact.PDB_ins_code_2 
_pdbx_validate_symm_contact.label_alt_id_2 
_pdbx_validate_symm_contact.site_symmetry_2 
_pdbx_validate_symm_contact.dist 
1 1 O A HOH 301 ? ? 1_555 O A HOH 301 ? ? 8_665 0.75 
2 1 O A HOH 386 ? ? 1_555 O A HOH 386 ? ? 5_554 1.36 
# 
_pdbx_validate_rmsd_bond.id                        1 
_pdbx_validate_rmsd_bond.PDB_model_num             1 
_pdbx_validate_rmsd_bond.auth_atom_id_1            CE2 
_pdbx_validate_rmsd_bond.auth_asym_id_1            A 
_pdbx_validate_rmsd_bond.auth_comp_id_1            TRP 
_pdbx_validate_rmsd_bond.auth_seq_id_1             92 
_pdbx_validate_rmsd_bond.PDB_ins_code_1            ? 
_pdbx_validate_rmsd_bond.label_alt_id_1            ? 
_pdbx_validate_rmsd_bond.auth_atom_id_2            CD2 
_pdbx_validate_rmsd_bond.auth_asym_id_2            A 
_pdbx_validate_rmsd_bond.auth_comp_id_2            TRP 
_pdbx_validate_rmsd_bond.auth_seq_id_2             92 
_pdbx_validate_rmsd_bond.PDB_ins_code_2            ? 
_pdbx_validate_rmsd_bond.label_alt_id_2            ? 
_pdbx_validate_rmsd_bond.bond_value                1.325 
_pdbx_validate_rmsd_bond.bond_target_value         1.409 
_pdbx_validate_rmsd_bond.bond_deviation            -0.084 
_pdbx_validate_rmsd_bond.bond_standard_deviation   0.012 
_pdbx_validate_rmsd_bond.linker_flag               N 
# 
loop_
_pdbx_validate_torsion.id 
_pdbx_validate_torsion.PDB_model_num 
_pdbx_validate_torsion.auth_comp_id 
_pdbx_validate_torsion.auth_asym_id 
_pdbx_validate_torsion.auth_seq_id 
_pdbx_validate_torsion.PDB_ins_code 
_pdbx_validate_torsion.label_alt_id 
_pdbx_validate_torsion.phi 
_pdbx_validate_torsion.psi 
1 1 SER A 52  ? ? 71.31   -155.71 
2 1 TRP A 79  ? ? -81.56  48.56   
3 1 GLU A 101 ? ? -110.20 79.14   
# 
_pdbx_struct_special_symmetry.id              1 
_pdbx_struct_special_symmetry.PDB_model_num   1 
_pdbx_struct_special_symmetry.auth_asym_id    A 
_pdbx_struct_special_symmetry.auth_comp_id    HOH 
_pdbx_struct_special_symmetry.auth_seq_id     326 
_pdbx_struct_special_symmetry.PDB_ins_code    ? 
_pdbx_struct_special_symmetry.label_asym_id   D 
_pdbx_struct_special_symmetry.label_comp_id   HOH 
_pdbx_struct_special_symmetry.label_seq_id    . 
# 
_pdbx_distant_solvent_atoms.id                                1 
_pdbx_distant_solvent_atoms.PDB_model_num                     1 
_pdbx_distant_solvent_atoms.auth_atom_id                      O 
_pdbx_distant_solvent_atoms.label_alt_id                      ? 
_pdbx_distant_solvent_atoms.auth_asym_id                      A 
_pdbx_distant_solvent_atoms.auth_comp_id                      HOH 
_pdbx_distant_solvent_atoms.auth_seq_id                       400 
_pdbx_distant_solvent_atoms.PDB_ins_code                      ? 
_pdbx_distant_solvent_atoms.neighbor_macromolecule_distance   7.58 
_pdbx_distant_solvent_atoms.neighbor_ligand_distance          . 
# 
loop_
_pdbx_unobs_or_zero_occ_residues.id 
_pdbx_unobs_or_zero_occ_residues.PDB_model_num 
_pdbx_unobs_or_zero_occ_residues.polymer_flag 
_pdbx_unobs_or_zero_occ_residues.occupancy_flag 
_pdbx_unobs_or_zero_occ_residues.auth_asym_id 
_pdbx_unobs_or_zero_occ_residues.auth_comp_id 
_pdbx_unobs_or_zero_occ_residues.auth_seq_id 
_pdbx_unobs_or_zero_occ_residues.PDB_ins_code 
_pdbx_unobs_or_zero_occ_residues.label_asym_id 
_pdbx_unobs_or_zero_occ_residues.label_comp_id 
_pdbx_unobs_or_zero_occ_residues.label_seq_id 
1  1 Y 1 A MET 1   ? A MET 1   
2  1 Y 1 A ALA 2   ? A ALA 2   
3  1 Y 1 A SER 3   ? A SER 3   
4  1 Y 1 A MET 4   ? A MET 4   
5  1 Y 1 A THR 5   ? A THR 5   
6  1 Y 1 A GLY 6   ? A GLY 6   
7  1 Y 1 A GLY 7   ? A GLY 7   
8  1 Y 1 A GLN 8   ? A GLN 8   
9  1 Y 1 A GLN 9   ? A GLN 9   
10 1 Y 1 A MET 10  ? A MET 10  
11 1 Y 1 A GLY 11  ? A GLY 11  
12 1 Y 1 A ARG 12  ? A ARG 12  
13 1 Y 1 A LYS 134 ? A LYS 134 
14 1 Y 1 A PRO 135 ? A PRO 135 
15 1 Y 1 A SER 136 ? A SER 136 
16 1 Y 1 A ALA 137 ? A ALA 137 
17 1 Y 1 A ALA 138 ? A ALA 138 
18 1 Y 1 A SER 139 ? A SER 139 
19 1 Y 1 A ILE 140 ? A ILE 140 
20 1 Y 1 A ASP 141 ? A ASP 141 
21 1 Y 1 A ALA 142 ? A ALA 142 
22 1 Y 1 A ALA 143 ? A ALA 143 
23 1 Y 1 A LYS 144 ? A LYS 144 
24 1 Y 1 A LYS 145 ? A LYS 145 
25 1 Y 1 A ALA 146 ? A ALA 146 
26 1 Y 1 A GLY 147 ? A GLY 147 
27 1 Y 1 A VAL 148 ? A VAL 148 
28 1 Y 1 A ASN 149 ? A ASN 149 
29 1 Y 1 A ASN 150 ? A ASN 150 
30 1 Y 1 A GLY 151 ? A GLY 151 
31 1 Y 1 A ASN 152 ? A ASN 152 
32 1 Y 1 A PRO 153 ? A PRO 153 
33 1 Y 1 A LEU 154 ? A LEU 154 
34 1 Y 1 A ASP 155 ? A ASP 155 
35 1 Y 1 A ALA 156 ? A ALA 156 
36 1 Y 1 A VAL 157 ? A VAL 157 
37 1 Y 1 A GLN 158 ? A GLN 158 
38 1 Y 1 A GLN 159 ? A GLN 159 
# 
loop_
_chem_comp_atom.comp_id 
_chem_comp_atom.atom_id 
_chem_comp_atom.type_symbol 
_chem_comp_atom.pdbx_aromatic_flag 
_chem_comp_atom.pdbx_stereo_config 
_chem_comp_atom.pdbx_ordinal 
ALA N    N  N N 1   
ALA CA   C  N S 2   
ALA C    C  N N 3   
ALA O    O  N N 4   
ALA CB   C  N N 5   
ALA OXT  O  N N 6   
ALA H    H  N N 7   
ALA H2   H  N N 8   
ALA HA   H  N N 9   
ALA HB1  H  N N 10  
ALA HB2  H  N N 11  
ALA HB3  H  N N 12  
ALA HXT  H  N N 13  
ARG N    N  N N 14  
ARG CA   C  N S 15  
ARG C    C  N N 16  
ARG O    O  N N 17  
ARG CB   C  N N 18  
ARG CG   C  N N 19  
ARG CD   C  N N 20  
ARG NE   N  N N 21  
ARG CZ   C  N N 22  
ARG NH1  N  N N 23  
ARG NH2  N  N N 24  
ARG OXT  O  N N 25  
ARG H    H  N N 26  
ARG H2   H  N N 27  
ARG HA   H  N N 28  
ARG HB2  H  N N 29  
ARG HB3  H  N N 30  
ARG HG2  H  N N 31  
ARG HG3  H  N N 32  
ARG HD2  H  N N 33  
ARG HD3  H  N N 34  
ARG HE   H  N N 35  
ARG HH11 H  N N 36  
ARG HH12 H  N N 37  
ARG HH21 H  N N 38  
ARG HH22 H  N N 39  
ARG HXT  H  N N 40  
ASN N    N  N N 41  
ASN CA   C  N S 42  
ASN C    C  N N 43  
ASN O    O  N N 44  
ASN CB   C  N N 45  
ASN CG   C  N N 46  
ASN OD1  O  N N 47  
ASN ND2  N  N N 48  
ASN OXT  O  N N 49  
ASN H    H  N N 50  
ASN H2   H  N N 51  
ASN HA   H  N N 52  
ASN HB2  H  N N 53  
ASN HB3  H  N N 54  
ASN HD21 H  N N 55  
ASN HD22 H  N N 56  
ASN HXT  H  N N 57  
ASP N    N  N N 58  
ASP CA   C  N S 59  
ASP C    C  N N 60  
ASP O    O  N N 61  
ASP CB   C  N N 62  
ASP CG   C  N N 63  
ASP OD1  O  N N 64  
ASP OD2  O  N N 65  
ASP OXT  O  N N 66  
ASP H    H  N N 67  
ASP H2   H  N N 68  
ASP HA   H  N N 69  
ASP HB2  H  N N 70  
ASP HB3  H  N N 71  
ASP HD2  H  N N 72  
ASP HXT  H  N N 73  
CU  CU   CU N N 74  
GLN N    N  N N 75  
GLN CA   C  N S 76  
GLN C    C  N N 77  
GLN O    O  N N 78  
GLN CB   C  N N 79  
GLN CG   C  N N 80  
GLN CD   C  N N 81  
GLN OE1  O  N N 82  
GLN NE2  N  N N 83  
GLN OXT  O  N N 84  
GLN H    H  N N 85  
GLN H2   H  N N 86  
GLN HA   H  N N 87  
GLN HB2  H  N N 88  
GLN HB3  H  N N 89  
GLN HG2  H  N N 90  
GLN HG3  H  N N 91  
GLN HE21 H  N N 92  
GLN HE22 H  N N 93  
GLN HXT  H  N N 94  
GLU N    N  N N 95  
GLU CA   C  N S 96  
GLU C    C  N N 97  
GLU O    O  N N 98  
GLU CB   C  N N 99  
GLU CG   C  N N 100 
GLU CD   C  N N 101 
GLU OE1  O  N N 102 
GLU OE2  O  N N 103 
GLU OXT  O  N N 104 
GLU H    H  N N 105 
GLU H2   H  N N 106 
GLU HA   H  N N 107 
GLU HB2  H  N N 108 
GLU HB3  H  N N 109 
GLU HG2  H  N N 110 
GLU HG3  H  N N 111 
GLU HE2  H  N N 112 
GLU HXT  H  N N 113 
GLY N    N  N N 114 
GLY CA   C  N N 115 
GLY C    C  N N 116 
GLY O    O  N N 117 
GLY OXT  O  N N 118 
GLY H    H  N N 119 
GLY H2   H  N N 120 
GLY HA2  H  N N 121 
GLY HA3  H  N N 122 
GLY HXT  H  N N 123 
HIS N    N  N N 124 
HIS CA   C  N S 125 
HIS C    C  N N 126 
HIS O    O  N N 127 
HIS CB   C  N N 128 
HIS CG   C  Y N 129 
HIS ND1  N  Y N 130 
HIS CD2  C  Y N 131 
HIS CE1  C  Y N 132 
HIS NE2  N  Y N 133 
HIS OXT  O  N N 134 
HIS H    H  N N 135 
HIS H2   H  N N 136 
HIS HA   H  N N 137 
HIS HB2  H  N N 138 
HIS HB3  H  N N 139 
HIS HD1  H  N N 140 
HIS HD2  H  N N 141 
HIS HE1  H  N N 142 
HIS HE2  H  N N 143 
HIS HXT  H  N N 144 
HOH O    O  N N 145 
HOH H1   H  N N 146 
HOH H2   H  N N 147 
ILE N    N  N N 148 
ILE CA   C  N S 149 
ILE C    C  N N 150 
ILE O    O  N N 151 
ILE CB   C  N S 152 
ILE CG1  C  N N 153 
ILE CG2  C  N N 154 
ILE CD1  C  N N 155 
ILE OXT  O  N N 156 
ILE H    H  N N 157 
ILE H2   H  N N 158 
ILE HA   H  N N 159 
ILE HB   H  N N 160 
ILE HG12 H  N N 161 
ILE HG13 H  N N 162 
ILE HG21 H  N N 163 
ILE HG22 H  N N 164 
ILE HG23 H  N N 165 
ILE HD11 H  N N 166 
ILE HD12 H  N N 167 
ILE HD13 H  N N 168 
ILE HXT  H  N N 169 
LEU N    N  N N 170 
LEU CA   C  N S 171 
LEU C    C  N N 172 
LEU O    O  N N 173 
LEU CB   C  N N 174 
LEU CG   C  N N 175 
LEU CD1  C  N N 176 
LEU CD2  C  N N 177 
LEU OXT  O  N N 178 
LEU H    H  N N 179 
LEU H2   H  N N 180 
LEU HA   H  N N 181 
LEU HB2  H  N N 182 
LEU HB3  H  N N 183 
LEU HG   H  N N 184 
LEU HD11 H  N N 185 
LEU HD12 H  N N 186 
LEU HD13 H  N N 187 
LEU HD21 H  N N 188 
LEU HD22 H  N N 189 
LEU HD23 H  N N 190 
LEU HXT  H  N N 191 
LYS N    N  N N 192 
LYS CA   C  N S 193 
LYS C    C  N N 194 
LYS O    O  N N 195 
LYS CB   C  N N 196 
LYS CG   C  N N 197 
LYS CD   C  N N 198 
LYS CE   C  N N 199 
LYS NZ   N  N N 200 
LYS OXT  O  N N 201 
LYS H    H  N N 202 
LYS H2   H  N N 203 
LYS HA   H  N N 204 
LYS HB2  H  N N 205 
LYS HB3  H  N N 206 
LYS HG2  H  N N 207 
LYS HG3  H  N N 208 
LYS HD2  H  N N 209 
LYS HD3  H  N N 210 
LYS HE2  H  N N 211 
LYS HE3  H  N N 212 
LYS HZ1  H  N N 213 
LYS HZ2  H  N N 214 
LYS HZ3  H  N N 215 
LYS HXT  H  N N 216 
MET N    N  N N 217 
MET CA   C  N S 218 
MET C    C  N N 219 
MET O    O  N N 220 
MET CB   C  N N 221 
MET CG   C  N N 222 
MET SD   S  N N 223 
MET CE   C  N N 224 
MET OXT  O  N N 225 
MET H    H  N N 226 
MET H2   H  N N 227 
MET HA   H  N N 228 
MET HB2  H  N N 229 
MET HB3  H  N N 230 
MET HG2  H  N N 231 
MET HG3  H  N N 232 
MET HE1  H  N N 233 
MET HE2  H  N N 234 
MET HE3  H  N N 235 
MET HXT  H  N N 236 
PHE N    N  N N 237 
PHE CA   C  N S 238 
PHE C    C  N N 239 
PHE O    O  N N 240 
PHE CB   C  N N 241 
PHE CG   C  Y N 242 
PHE CD1  C  Y N 243 
PHE CD2  C  Y N 244 
PHE CE1  C  Y N 245 
PHE CE2  C  Y N 246 
PHE CZ   C  Y N 247 
PHE OXT  O  N N 248 
PHE H    H  N N 249 
PHE H2   H  N N 250 
PHE HA   H  N N 251 
PHE HB2  H  N N 252 
PHE HB3  H  N N 253 
PHE HD1  H  N N 254 
PHE HD2  H  N N 255 
PHE HE1  H  N N 256 
PHE HE2  H  N N 257 
PHE HZ   H  N N 258 
PHE HXT  H  N N 259 
PRO N    N  N N 260 
PRO CA   C  N S 261 
PRO C    C  N N 262 
PRO O    O  N N 263 
PRO CB   C  N N 264 
PRO CG   C  N N 265 
PRO CD   C  N N 266 
PRO OXT  O  N N 267 
PRO H    H  N N 268 
PRO HA   H  N N 269 
PRO HB2  H  N N 270 
PRO HB3  H  N N 271 
PRO HG2  H  N N 272 
PRO HG3  H  N N 273 
PRO HD2  H  N N 274 
PRO HD3  H  N N 275 
PRO HXT  H  N N 276 
S31 O2   O  N N 277 
S31 C10  C  N N 278 
S31 C9   C  N N 279 
S31 C8   C  N N 280 
S31 C7   C  N N 281 
S31 C6   C  N N 282 
S31 C5   C  N S 283 
S31 C4   C  N S 284 
S31 N2   N  N N 285 
S31 S1   S  N N 286 
S31 C3   C  N N 287 
S31 C2   C  N R 288 
S31 N1   N  N N 289 
S31 C1   C  N N 290 
S31 O1   O  N N 291 
S31 N3   N  N N 292 
S31 C11  C  N N 293 
S31 C12  C  N N 294 
S31 N4   N  N N 295 
S31 C27  C  N N 296 
S31 C13  C  N N 297 
S31 C20  C  N N 298 
S31 C21  C  N N 299 
S31 C22  C  Y N 300 
S31 C26  C  Y N 301 
S31 C25  C  Y N 302 
S31 C24  C  Y N 303 
S31 C23  C  Y N 304 
S31 N6   N  Y N 305 
S31 CU1  CU N N 306 
S31 N8   N  N N 307 
S31 N9   N  N N 308 
S31 N7   N  N N 309 
S31 N5   N  Y N 310 
S31 C15  C  Y N 311 
S31 C14  C  N N 312 
S31 C16  C  Y N 313 
S31 C17  C  Y N 314 
S31 C18  C  Y N 315 
S31 C19  C  Y N 316 
S31 O3   O  N N 317 
S31 H1   H  N N 318 
S31 H2   H  N N 319 
S31 H3   H  N N 320 
S31 H4   H  N N 321 
S31 H5   H  N N 322 
S31 H6   H  N N 323 
S31 H7   H  N N 324 
S31 H8   H  N N 325 
S31 H9   H  N N 326 
S31 H10  H  N N 327 
S31 H11  H  N N 328 
S31 H12  H  N N 329 
S31 H13  H  N N 330 
S31 H14  H  N N 331 
S31 H15  H  N N 332 
S31 H16  H  N N 333 
S31 H17  H  N N 334 
S31 H18  H  N N 335 
S31 H19  H  N N 336 
S31 H20  H  N N 337 
S31 H21  H  N N 338 
S31 H22  H  N N 339 
S31 H23  H  N N 340 
S31 H24  H  N N 341 
S31 H25  H  N N 342 
S31 H26  H  N N 343 
S31 H27  H  N N 344 
S31 H28  H  N N 345 
S31 H29  H  N N 346 
S31 H30  H  N N 347 
S31 H31  H  N N 348 
S31 H32  H  N N 349 
S31 H33  H  N N 350 
S31 H34  H  N N 351 
S31 H35  H  N N 352 
S31 H36  H  N N 353 
S31 H37  H  N N 354 
S31 H38  H  N N 355 
S31 H39  H  N N 356 
SER N    N  N N 357 
SER CA   C  N S 358 
SER C    C  N N 359 
SER O    O  N N 360 
SER CB   C  N N 361 
SER OG   O  N N 362 
SER OXT  O  N N 363 
SER H    H  N N 364 
SER H2   H  N N 365 
SER HA   H  N N 366 
SER HB2  H  N N 367 
SER HB3  H  N N 368 
SER HG   H  N N 369 
SER HXT  H  N N 370 
THR N    N  N N 371 
THR CA   C  N S 372 
THR C    C  N N 373 
THR O    O  N N 374 
THR CB   C  N R 375 
THR OG1  O  N N 376 
THR CG2  C  N N 377 
THR OXT  O  N N 378 
THR H    H  N N 379 
THR H2   H  N N 380 
THR HA   H  N N 381 
THR HB   H  N N 382 
THR HG1  H  N N 383 
THR HG21 H  N N 384 
THR HG22 H  N N 385 
THR HG23 H  N N 386 
THR HXT  H  N N 387 
TRP N    N  N N 388 
TRP CA   C  N S 389 
TRP C    C  N N 390 
TRP O    O  N N 391 
TRP CB   C  N N 392 
TRP CG   C  Y N 393 
TRP CD1  C  Y N 394 
TRP CD2  C  Y N 395 
TRP NE1  N  Y N 396 
TRP CE2  C  Y N 397 
TRP CE3  C  Y N 398 
TRP CZ2  C  Y N 399 
TRP CZ3  C  Y N 400 
TRP CH2  C  Y N 401 
TRP OXT  O  N N 402 
TRP H    H  N N 403 
TRP H2   H  N N 404 
TRP HA   H  N N 405 
TRP HB2  H  N N 406 
TRP HB3  H  N N 407 
TRP HD1  H  N N 408 
TRP HE1  H  N N 409 
TRP HE3  H  N N 410 
TRP HZ2  H  N N 411 
TRP HZ3  H  N N 412 
TRP HH2  H  N N 413 
TRP HXT  H  N N 414 
TYR N    N  N N 415 
TYR CA   C  N S 416 
TYR C    C  N N 417 
TYR O    O  N N 418 
TYR CB   C  N N 419 
TYR CG   C  Y N 420 
TYR CD1  C  Y N 421 
TYR CD2  C  Y N 422 
TYR CE1  C  Y N 423 
TYR CE2  C  Y N 424 
TYR CZ   C  Y N 425 
TYR OH   O  N N 426 
TYR OXT  O  N N 427 
TYR H    H  N N 428 
TYR H2   H  N N 429 
TYR HA   H  N N 430 
TYR HB2  H  N N 431 
TYR HB3  H  N N 432 
TYR HD1  H  N N 433 
TYR HD2  H  N N 434 
TYR HE1  H  N N 435 
TYR HE2  H  N N 436 
TYR HH   H  N N 437 
TYR HXT  H  N N 438 
VAL N    N  N N 439 
VAL CA   C  N S 440 
VAL C    C  N N 441 
VAL O    O  N N 442 
VAL CB   C  N N 443 
VAL CG1  C  N N 444 
VAL CG2  C  N N 445 
VAL OXT  O  N N 446 
VAL H    H  N N 447 
VAL H2   H  N N 448 
VAL HA   H  N N 449 
VAL HB   H  N N 450 
VAL HG11 H  N N 451 
VAL HG12 H  N N 452 
VAL HG13 H  N N 453 
VAL HG21 H  N N 454 
VAL HG22 H  N N 455 
VAL HG23 H  N N 456 
VAL HXT  H  N N 457 
# 
loop_
_chem_comp_bond.comp_id 
_chem_comp_bond.atom_id_1 
_chem_comp_bond.atom_id_2 
_chem_comp_bond.value_order 
_chem_comp_bond.pdbx_aromatic_flag 
_chem_comp_bond.pdbx_stereo_config 
_chem_comp_bond.pdbx_ordinal 
ALA N   CA   sing N N 1   
ALA N   H    sing N N 2   
ALA N   H2   sing N N 3   
ALA CA  C    sing N N 4   
ALA CA  CB   sing N N 5   
ALA CA  HA   sing N N 6   
ALA C   O    doub N N 7   
ALA C   OXT  sing N N 8   
ALA CB  HB1  sing N N 9   
ALA CB  HB2  sing N N 10  
ALA CB  HB3  sing N N 11  
ALA OXT HXT  sing N N 12  
ARG N   CA   sing N N 13  
ARG N   H    sing N N 14  
ARG N   H2   sing N N 15  
ARG CA  C    sing N N 16  
ARG CA  CB   sing N N 17  
ARG CA  HA   sing N N 18  
ARG C   O    doub N N 19  
ARG C   OXT  sing N N 20  
ARG CB  CG   sing N N 21  
ARG CB  HB2  sing N N 22  
ARG CB  HB3  sing N N 23  
ARG CG  CD   sing N N 24  
ARG CG  HG2  sing N N 25  
ARG CG  HG3  sing N N 26  
ARG CD  NE   sing N N 27  
ARG CD  HD2  sing N N 28  
ARG CD  HD3  sing N N 29  
ARG NE  CZ   sing N N 30  
ARG NE  HE   sing N N 31  
ARG CZ  NH1  sing N N 32  
ARG CZ  NH2  doub N N 33  
ARG NH1 HH11 sing N N 34  
ARG NH1 HH12 sing N N 35  
ARG NH2 HH21 sing N N 36  
ARG NH2 HH22 sing N N 37  
ARG OXT HXT  sing N N 38  
ASN N   CA   sing N N 39  
ASN N   H    sing N N 40  
ASN N   H2   sing N N 41  
ASN CA  C    sing N N 42  
ASN CA  CB   sing N N 43  
ASN CA  HA   sing N N 44  
ASN C   O    doub N N 45  
ASN C   OXT  sing N N 46  
ASN CB  CG   sing N N 47  
ASN CB  HB2  sing N N 48  
ASN CB  HB3  sing N N 49  
ASN CG  OD1  doub N N 50  
ASN CG  ND2  sing N N 51  
ASN ND2 HD21 sing N N 52  
ASN ND2 HD22 sing N N 53  
ASN OXT HXT  sing N N 54  
ASP N   CA   sing N N 55  
ASP N   H    sing N N 56  
ASP N   H2   sing N N 57  
ASP CA  C    sing N N 58  
ASP CA  CB   sing N N 59  
ASP CA  HA   sing N N 60  
ASP C   O    doub N N 61  
ASP C   OXT  sing N N 62  
ASP CB  CG   sing N N 63  
ASP CB  HB2  sing N N 64  
ASP CB  HB3  sing N N 65  
ASP CG  OD1  doub N N 66  
ASP CG  OD2  sing N N 67  
ASP OD2 HD2  sing N N 68  
ASP OXT HXT  sing N N 69  
GLN N   CA   sing N N 70  
GLN N   H    sing N N 71  
GLN N   H2   sing N N 72  
GLN CA  C    sing N N 73  
GLN CA  CB   sing N N 74  
GLN CA  HA   sing N N 75  
GLN C   O    doub N N 76  
GLN C   OXT  sing N N 77  
GLN CB  CG   sing N N 78  
GLN CB  HB2  sing N N 79  
GLN CB  HB3  sing N N 80  
GLN CG  CD   sing N N 81  
GLN CG  HG2  sing N N 82  
GLN CG  HG3  sing N N 83  
GLN CD  OE1  doub N N 84  
GLN CD  NE2  sing N N 85  
GLN NE2 HE21 sing N N 86  
GLN NE2 HE22 sing N N 87  
GLN OXT HXT  sing N N 88  
GLU N   CA   sing N N 89  
GLU N   H    sing N N 90  
GLU N   H2   sing N N 91  
GLU CA  C    sing N N 92  
GLU CA  CB   sing N N 93  
GLU CA  HA   sing N N 94  
GLU C   O    doub N N 95  
GLU C   OXT  sing N N 96  
GLU CB  CG   sing N N 97  
GLU CB  HB2  sing N N 98  
GLU CB  HB3  sing N N 99  
GLU CG  CD   sing N N 100 
GLU CG  HG2  sing N N 101 
GLU CG  HG3  sing N N 102 
GLU CD  OE1  doub N N 103 
GLU CD  OE2  sing N N 104 
GLU OE2 HE2  sing N N 105 
GLU OXT HXT  sing N N 106 
GLY N   CA   sing N N 107 
GLY N   H    sing N N 108 
GLY N   H2   sing N N 109 
GLY CA  C    sing N N 110 
GLY CA  HA2  sing N N 111 
GLY CA  HA3  sing N N 112 
GLY C   O    doub N N 113 
GLY C   OXT  sing N N 114 
GLY OXT HXT  sing N N 115 
HIS N   CA   sing N N 116 
HIS N   H    sing N N 117 
HIS N   H2   sing N N 118 
HIS CA  C    sing N N 119 
HIS CA  CB   sing N N 120 
HIS CA  HA   sing N N 121 
HIS C   O    doub N N 122 
HIS C   OXT  sing N N 123 
HIS CB  CG   sing N N 124 
HIS CB  HB2  sing N N 125 
HIS CB  HB3  sing N N 126 
HIS CG  ND1  sing Y N 127 
HIS CG  CD2  doub Y N 128 
HIS ND1 CE1  doub Y N 129 
HIS ND1 HD1  sing N N 130 
HIS CD2 NE2  sing Y N 131 
HIS CD2 HD2  sing N N 132 
HIS CE1 NE2  sing Y N 133 
HIS CE1 HE1  sing N N 134 
HIS NE2 HE2  sing N N 135 
HIS OXT HXT  sing N N 136 
HOH O   H1   sing N N 137 
HOH O   H2   sing N N 138 
ILE N   CA   sing N N 139 
ILE N   H    sing N N 140 
ILE N   H2   sing N N 141 
ILE CA  C    sing N N 142 
ILE CA  CB   sing N N 143 
ILE CA  HA   sing N N 144 
ILE C   O    doub N N 145 
ILE C   OXT  sing N N 146 
ILE CB  CG1  sing N N 147 
ILE CB  CG2  sing N N 148 
ILE CB  HB   sing N N 149 
ILE CG1 CD1  sing N N 150 
ILE CG1 HG12 sing N N 151 
ILE CG1 HG13 sing N N 152 
ILE CG2 HG21 sing N N 153 
ILE CG2 HG22 sing N N 154 
ILE CG2 HG23 sing N N 155 
ILE CD1 HD11 sing N N 156 
ILE CD1 HD12 sing N N 157 
ILE CD1 HD13 sing N N 158 
ILE OXT HXT  sing N N 159 
LEU N   CA   sing N N 160 
LEU N   H    sing N N 161 
LEU N   H2   sing N N 162 
LEU CA  C    sing N N 163 
LEU CA  CB   sing N N 164 
LEU CA  HA   sing N N 165 
LEU C   O    doub N N 166 
LEU C   OXT  sing N N 167 
LEU CB  CG   sing N N 168 
LEU CB  HB2  sing N N 169 
LEU CB  HB3  sing N N 170 
LEU CG  CD1  sing N N 171 
LEU CG  CD2  sing N N 172 
LEU CG  HG   sing N N 173 
LEU CD1 HD11 sing N N 174 
LEU CD1 HD12 sing N N 175 
LEU CD1 HD13 sing N N 176 
LEU CD2 HD21 sing N N 177 
LEU CD2 HD22 sing N N 178 
LEU CD2 HD23 sing N N 179 
LEU OXT HXT  sing N N 180 
LYS N   CA   sing N N 181 
LYS N   H    sing N N 182 
LYS N   H2   sing N N 183 
LYS CA  C    sing N N 184 
LYS CA  CB   sing N N 185 
LYS CA  HA   sing N N 186 
LYS C   O    doub N N 187 
LYS C   OXT  sing N N 188 
LYS CB  CG   sing N N 189 
LYS CB  HB2  sing N N 190 
LYS CB  HB3  sing N N 191 
LYS CG  CD   sing N N 192 
LYS CG  HG2  sing N N 193 
LYS CG  HG3  sing N N 194 
LYS CD  CE   sing N N 195 
LYS CD  HD2  sing N N 196 
LYS CD  HD3  sing N N 197 
LYS CE  NZ   sing N N 198 
LYS CE  HE2  sing N N 199 
LYS CE  HE3  sing N N 200 
LYS NZ  HZ1  sing N N 201 
LYS NZ  HZ2  sing N N 202 
LYS NZ  HZ3  sing N N 203 
LYS OXT HXT  sing N N 204 
MET N   CA   sing N N 205 
MET N   H    sing N N 206 
MET N   H2   sing N N 207 
MET CA  C    sing N N 208 
MET CA  CB   sing N N 209 
MET CA  HA   sing N N 210 
MET C   O    doub N N 211 
MET C   OXT  sing N N 212 
MET CB  CG   sing N N 213 
MET CB  HB2  sing N N 214 
MET CB  HB3  sing N N 215 
MET CG  SD   sing N N 216 
MET CG  HG2  sing N N 217 
MET CG  HG3  sing N N 218 
MET SD  CE   sing N N 219 
MET CE  HE1  sing N N 220 
MET CE  HE2  sing N N 221 
MET CE  HE3  sing N N 222 
MET OXT HXT  sing N N 223 
PHE N   CA   sing N N 224 
PHE N   H    sing N N 225 
PHE N   H2   sing N N 226 
PHE CA  C    sing N N 227 
PHE CA  CB   sing N N 228 
PHE CA  HA   sing N N 229 
PHE C   O    doub N N 230 
PHE C   OXT  sing N N 231 
PHE CB  CG   sing N N 232 
PHE CB  HB2  sing N N 233 
PHE CB  HB3  sing N N 234 
PHE CG  CD1  doub Y N 235 
PHE CG  CD2  sing Y N 236 
PHE CD1 CE1  sing Y N 237 
PHE CD1 HD1  sing N N 238 
PHE CD2 CE2  doub Y N 239 
PHE CD2 HD2  sing N N 240 
PHE CE1 CZ   doub Y N 241 
PHE CE1 HE1  sing N N 242 
PHE CE2 CZ   sing Y N 243 
PHE CE2 HE2  sing N N 244 
PHE CZ  HZ   sing N N 245 
PHE OXT HXT  sing N N 246 
PRO N   CA   sing N N 247 
PRO N   CD   sing N N 248 
PRO N   H    sing N N 249 
PRO CA  C    sing N N 250 
PRO CA  CB   sing N N 251 
PRO CA  HA   sing N N 252 
PRO C   O    doub N N 253 
PRO C   OXT  sing N N 254 
PRO CB  CG   sing N N 255 
PRO CB  HB2  sing N N 256 
PRO CB  HB3  sing N N 257 
PRO CG  CD   sing N N 258 
PRO CG  HG2  sing N N 259 
PRO CG  HG3  sing N N 260 
PRO CD  HD2  sing N N 261 
PRO CD  HD3  sing N N 262 
PRO OXT HXT  sing N N 263 
S31 C17 C18  doub Y N 264 
S31 C17 C16  sing Y N 265 
S31 C18 C19  sing Y N 266 
S31 C16 N5   doub Y N 267 
S31 C19 C15  doub Y N 268 
S31 N7  N8   doub N N 269 
S31 N5  C15  sing Y N 270 
S31 N5  CU1  sing N N 271 
S31 N8  N9   doub N N 272 
S31 C15 C14  sing N N 273 
S31 N9  CU1  sing N N 274 
S31 O3  CU1  sing N N 275 
S31 CU1 N6   sing N N 276 
S31 CU1 N4   sing N N 277 
S31 C23 C24  doub Y N 278 
S31 C23 N6   sing Y N 279 
S31 C14 C13  sing N N 280 
S31 C24 C25  sing Y N 281 
S31 N6  C22  doub Y N 282 
S31 C12 N4   sing N N 283 
S31 C12 C27  sing N N 284 
S31 C13 N4   sing N N 285 
S31 N4  C20  sing N N 286 
S31 C25 C26  doub Y N 287 
S31 C11 N3   sing N N 288 
S31 C11 C27  sing N N 289 
S31 O2  C10  doub N N 290 
S31 C22 C26  sing Y N 291 
S31 C22 C21  sing N N 292 
S31 C10 N3   sing N N 293 
S31 C10 C9   sing N N 294 
S31 C20 C21  sing N N 295 
S31 C9  C8   sing N N 296 
S31 C8  C7   sing N N 297 
S31 C7  C6   sing N N 298 
S31 C6  C5   sing N N 299 
S31 C5  C4   sing N N 300 
S31 C5  S1   sing N N 301 
S31 N2  C4   sing N N 302 
S31 N2  C1   sing N N 303 
S31 C4  C2   sing N N 304 
S31 S1  C3   sing N N 305 
S31 C1  O1   doub N N 306 
S31 C1  N1   sing N N 307 
S31 C2  C3   sing N N 308 
S31 C2  N1   sing N N 309 
S31 C9  H1   sing N N 310 
S31 C9  H2   sing N N 311 
S31 C8  H3   sing N N 312 
S31 C8  H4   sing N N 313 
S31 C7  H5   sing N N 314 
S31 C7  H6   sing N N 315 
S31 C6  H7   sing N N 316 
S31 C6  H8   sing N N 317 
S31 C5  H9   sing N N 318 
S31 C4  H10  sing N N 319 
S31 N2  H11  sing N N 320 
S31 C3  H12  sing N N 321 
S31 C3  H13  sing N N 322 
S31 C2  H14  sing N N 323 
S31 N1  H15  sing N N 324 
S31 N3  H16  sing N N 325 
S31 C11 H17  sing N N 326 
S31 C11 H18  sing N N 327 
S31 C12 H19  sing N N 328 
S31 C12 H20  sing N N 329 
S31 C27 H21  sing N N 330 
S31 C27 H22  sing N N 331 
S31 C13 H23  sing N N 332 
S31 C13 H24  sing N N 333 
S31 C20 H25  sing N N 334 
S31 C20 H26  sing N N 335 
S31 C21 H27  sing N N 336 
S31 C21 H28  sing N N 337 
S31 C26 H29  sing N N 338 
S31 C25 H30  sing N N 339 
S31 C24 H31  sing N N 340 
S31 C23 H32  sing N N 341 
S31 N7  H33  sing N N 342 
S31 C14 H34  sing N N 343 
S31 C14 H35  sing N N 344 
S31 C16 H36  sing N N 345 
S31 C17 H37  sing N N 346 
S31 C18 H38  sing N N 347 
S31 C19 H39  sing N N 348 
SER N   CA   sing N N 349 
SER N   H    sing N N 350 
SER N   H2   sing N N 351 
SER CA  C    sing N N 352 
SER CA  CB   sing N N 353 
SER CA  HA   sing N N 354 
SER C   O    doub N N 355 
SER C   OXT  sing N N 356 
SER CB  OG   sing N N 357 
SER CB  HB2  sing N N 358 
SER CB  HB3  sing N N 359 
SER OG  HG   sing N N 360 
SER OXT HXT  sing N N 361 
THR N   CA   sing N N 362 
THR N   H    sing N N 363 
THR N   H2   sing N N 364 
THR CA  C    sing N N 365 
THR CA  CB   sing N N 366 
THR CA  HA   sing N N 367 
THR C   O    doub N N 368 
THR C   OXT  sing N N 369 
THR CB  OG1  sing N N 370 
THR CB  CG2  sing N N 371 
THR CB  HB   sing N N 372 
THR OG1 HG1  sing N N 373 
THR CG2 HG21 sing N N 374 
THR CG2 HG22 sing N N 375 
THR CG2 HG23 sing N N 376 
THR OXT HXT  sing N N 377 
TRP N   CA   sing N N 378 
TRP N   H    sing N N 379 
TRP N   H2   sing N N 380 
TRP CA  C    sing N N 381 
TRP CA  CB   sing N N 382 
TRP CA  HA   sing N N 383 
TRP C   O    doub N N 384 
TRP C   OXT  sing N N 385 
TRP CB  CG   sing N N 386 
TRP CB  HB2  sing N N 387 
TRP CB  HB3  sing N N 388 
TRP CG  CD1  doub Y N 389 
TRP CG  CD2  sing Y N 390 
TRP CD1 NE1  sing Y N 391 
TRP CD1 HD1  sing N N 392 
TRP CD2 CE2  doub Y N 393 
TRP CD2 CE3  sing Y N 394 
TRP NE1 CE2  sing Y N 395 
TRP NE1 HE1  sing N N 396 
TRP CE2 CZ2  sing Y N 397 
TRP CE3 CZ3  doub Y N 398 
TRP CE3 HE3  sing N N 399 
TRP CZ2 CH2  doub Y N 400 
TRP CZ2 HZ2  sing N N 401 
TRP CZ3 CH2  sing Y N 402 
TRP CZ3 HZ3  sing N N 403 
TRP CH2 HH2  sing N N 404 
TRP OXT HXT  sing N N 405 
TYR N   CA   sing N N 406 
TYR N   H    sing N N 407 
TYR N   H2   sing N N 408 
TYR CA  C    sing N N 409 
TYR CA  CB   sing N N 410 
TYR CA  HA   sing N N 411 
TYR C   O    doub N N 412 
TYR C   OXT  sing N N 413 
TYR CB  CG   sing N N 414 
TYR CB  HB2  sing N N 415 
TYR CB  HB3  sing N N 416 
TYR CG  CD1  doub Y N 417 
TYR CG  CD2  sing Y N 418 
TYR CD1 CE1  sing Y N 419 
TYR CD1 HD1  sing N N 420 
TYR CD2 CE2  doub Y N 421 
TYR CD2 HD2  sing N N 422 
TYR CE1 CZ   doub Y N 423 
TYR CE1 HE1  sing N N 424 
TYR CE2 CZ   sing Y N 425 
TYR CE2 HE2  sing N N 426 
TYR CZ  OH   sing N N 427 
TYR OH  HH   sing N N 428 
TYR OXT HXT  sing N N 429 
VAL N   CA   sing N N 430 
VAL N   H    sing N N 431 
VAL N   H2   sing N N 432 
VAL CA  C    sing N N 433 
VAL CA  CB   sing N N 434 
VAL CA  HA   sing N N 435 
VAL C   O    doub N N 436 
VAL C   OXT  sing N N 437 
VAL CB  CG1  sing N N 438 
VAL CB  CG2  sing N N 439 
VAL CB  HB   sing N N 440 
VAL CG1 HG11 sing N N 441 
VAL CG1 HG12 sing N N 442 
VAL CG1 HG13 sing N N 443 
VAL CG2 HG21 sing N N 444 
VAL CG2 HG22 sing N N 445 
VAL CG2 HG23 sing N N 446 
VAL OXT HXT  sing N N 447 
# 
_atom_sites.entry_id                    5VL5 
_atom_sites.fract_transf_matrix[1][1]   0.01671979 
_atom_sites.fract_transf_matrix[1][2]   -0.00426376 
_atom_sites.fract_transf_matrix[1][3]   0.00159012 
_atom_sites.fract_transf_matrix[2][1]   -0.00396551 
_atom_sites.fract_transf_matrix[2][2]   -0.01068144 
_atom_sites.fract_transf_matrix[2][3]   0.01305531 
_atom_sites.fract_transf_matrix[3][1]   -0.00070002 
_atom_sites.fract_transf_matrix[3][2]   -0.00406452 
_atom_sites.fract_transf_matrix[3][3]   -0.00353808 
_atom_sites.fract_transf_vector[1]      0.243354 
_atom_sites.fract_transf_vector[2]      0.423737 
_atom_sites.fract_transf_vector[3]      -0.010846 
# 
loop_
_atom_type.symbol 
C  
CU 
N  
O  
S  
# 
loop_
_atom_site.group_PDB 
_atom_site.id 
_atom_site.type_symbol 
_atom_site.label_atom_id 
_atom_site.label_alt_id 
_atom_site.label_comp_id 
_atom_site.label_asym_id 
_atom_site.label_entity_id 
_atom_site.label_seq_id 
_atom_site.pdbx_PDB_ins_code 
_atom_site.Cartn_x 
_atom_site.Cartn_y 
_atom_site.Cartn_z 
_atom_site.occupancy 
_atom_site.B_iso_or_equiv 
_atom_site.pdbx_formal_charge 
_atom_site.auth_seq_id 
_atom_site.auth_comp_id 
_atom_site.auth_asym_id 
_atom_site.auth_atom_id 
_atom_site.pdbx_PDB_model_num 
ATOM   1    N  N   . ASP A 1 13  ? -10.388 -8.202  -11.278 1.00 35.04 ? 13  ASP A N   1 
ATOM   2    C  CA  . ASP A 1 13  ? -10.480 -7.742  -9.850  1.00 31.58 ? 13  ASP A CA  1 
ATOM   3    C  C   . ASP A 1 13  ? -10.536 -6.256  -9.718  1.00 33.82 ? 13  ASP A C   1 
ATOM   4    O  O   . ASP A 1 13  ? -10.274 -5.712  -8.646  1.00 33.04 ? 13  ASP A O   1 
ATOM   5    C  CB  . ASP A 1 13  ? -9.348  -8.321  -8.984  1.00 32.83 ? 13  ASP A CB  1 
ATOM   6    C  CG  . ASP A 1 13  ? -9.193  -9.787  -9.168  1.00 33.21 ? 13  ASP A CG  1 
ATOM   7    O  OD1 . ASP A 1 13  ? -10.165 -10.575 -8.998  1.00 37.20 ? 13  ASP A OD1 1 
ATOM   8    O  OD2 . ASP A 1 13  ? -8.099  -10.194 -9.510  1.00 31.10 ? 13  ASP A OD2 1 
ATOM   9    N  N   . GLU A 1 14  ? -10.931 -5.552  -10.783 1.00 36.56 ? 14  GLU A N   1 
ATOM   10   C  CA  . GLU A 1 14  ? -10.961 -4.101  -10.718 1.00 36.90 ? 14  GLU A CA  1 
ATOM   11   C  C   . GLU A 1 14  ? -12.008 -3.679  -9.647  1.00 38.11 ? 14  GLU A C   1 
ATOM   12   O  O   . GLU A 1 14  ? -11.767 -2.828  -8.764  1.00 32.94 ? 14  GLU A O   1 
ATOM   13   C  CB  . GLU A 1 14  ? -11.212 -3.548  -12.136 1.00 37.54 ? 14  GLU A CB  1 
ATOM   14   C  CG  . GLU A 1 14  ? -11.835 -2.191  -12.198 1.00 38.35 ? 14  GLU A CG  1 
ATOM   15   C  CD  . GLU A 1 14  ? -11.750 -1.556  -13.568 1.00 41.29 ? 14  GLU A CD  1 
ATOM   16   O  OE1 . GLU A 1 14  ? -11.803 -0.305  -13.614 1.00 45.85 ? 14  GLU A OE1 1 
ATOM   17   O  OE2 . GLU A 1 14  ? -11.679 -2.298  -14.573 1.00 37.58 ? 14  GLU A OE2 1 
ATOM   18   N  N   . ALA A 1 15  ? -13.161 -4.330  -9.723  1.00 38.40 ? 15  ALA A N   1 
ATOM   19   C  CA  . ALA A 1 15  ? -14.230 -4.198  -8.703  1.00 39.96 ? 15  ALA A CA  1 
ATOM   20   C  C   . ALA A 1 15  ? -13.865 -4.658  -7.269  1.00 34.59 ? 15  ALA A C   1 
ATOM   21   O  O   . ALA A 1 15  ? -14.118 -3.930  -6.285  1.00 34.41 ? 15  ALA A O   1 
ATOM   22   C  CB  . ALA A 1 15  ? -15.463 -4.951  -9.198  1.00 43.45 ? 15  ALA A CB  1 
ATOM   23   N  N   . GLY A 1 16  ? -13.260 -5.848  -7.187  1.00 31.08 ? 16  GLY A N   1 
ATOM   24   C  CA  . GLY A 1 16  ? -12.698 -6.425  -5.949  1.00 28.05 ? 16  GLY A CA  1 
ATOM   25   C  C   . GLY A 1 16  ? -11.761 -5.473  -5.213  1.00 25.83 ? 16  GLY A C   1 
ATOM   26   O  O   . GLY A 1 16  ? -11.867 -5.302  -4.012  1.00 25.64 ? 16  GLY A O   1 
ATOM   27   N  N   . ILE A 1 17  ? -10.844 -4.854  -5.941  1.00 22.71 ? 17  ILE A N   1 
ATOM   28   C  CA  . ILE A 1 17  ? -9.794  -4.059  -5.288  1.00 23.16 ? 17  ILE A CA  1 
ATOM   29   C  C   . ILE A 1 17  ? -10.282 -2.695  -4.945  1.00 22.27 ? 17  ILE A C   1 
ATOM   30   O  O   . ILE A 1 17  ? -9.950  -2.125  -3.884  1.00 22.42 ? 17  ILE A O   1 
ATOM   31   C  CB  . ILE A 1 17  ? -8.523  -3.961  -6.182  1.00 23.21 ? 17  ILE A CB  1 
ATOM   32   C  CG1 . ILE A 1 17  ? -7.897  -5.348  -6.351  1.00 25.83 ? 17  ILE A CG1 1 
ATOM   33   C  CG2 . ILE A 1 17  ? -7.467  -2.984  -5.606  1.00 22.04 ? 17  ILE A CG2 1 
ATOM   34   C  CD1 . ILE A 1 17  ? -6.931  -5.421  -7.538  1.00 24.20 ? 17  ILE A CD1 1 
ATOM   35   N  N   . THR A 1 18  ? -11.027 -2.100  -5.880  1.00 24.19 ? 18  THR A N   1 
ATOM   36   C  CA  . THR A 1 18  ? -11.465 -0.748  -5.676  1.00 24.83 ? 18  THR A CA  1 
ATOM   37   C  C   . THR A 1 18  ? -12.273 -0.576  -4.382  1.00 24.05 ? 18  THR A C   1 
ATOM   38   O  O   . THR A 1 18  ? -13.188 -1.363  -4.099  1.00 25.11 ? 18  THR A O   1 
ATOM   39   C  CB  . THR A 1 18  ? -12.276 -0.260  -6.899  1.00 23.40 ? 18  THR A CB  1 
ATOM   40   O  OG1 . THR A 1 18  ? -11.421 -0.270  -8.018  1.00 24.78 ? 18  THR A OG1 1 
ATOM   41   C  CG2 . THR A 1 18  ? -12.844 1.139   -6.609  1.00 25.30 ? 18  THR A CG2 1 
ATOM   42   N  N   . GLY A 1 19  ? -11.913 0.457   -3.607  1.00 19.96 ? 19  GLY A N   1 
ATOM   43   C  CA  . GLY A 1 19  ? -12.613 0.768   -2.372  1.00 21.63 ? 19  GLY A CA  1 
ATOM   44   C  C   . GLY A 1 19  ? -11.716 1.106   -1.198  1.00 25.72 ? 19  GLY A C   1 
ATOM   45   O  O   . GLY A 1 19  ? -10.508 1.433   -1.410  1.00 21.54 ? 19  GLY A O   1 
ATOM   46   N  N   . THR A 1 20  ? -12.259 0.895   0.024   1.00 24.16 ? 20  THR A N   1 
ATOM   47   C  CA  . THR A 1 20  ? -11.655 1.331   1.268   1.00 22.80 ? 20  THR A CA  1 
ATOM   48   C  C   . THR A 1 20  ? -11.223 0.065   1.975   1.00 25.51 ? 20  THR A C   1 
ATOM   49   O  O   . THR A 1 20  ? -11.961 -0.931  1.980   1.00 23.97 ? 20  THR A O   1 
ATOM   50   C  CB  . THR A 1 20  ? -12.599 2.150   2.184   1.00 25.03 ? 20  THR A CB  1 
ATOM   51   O  OG1 . THR A 1 20  ? -13.014 3.333   1.497   1.00 25.22 ? 20  THR A OG1 1 
ATOM   52   C  CG2 . THR A 1 20  ? -11.836 2.540   3.463   1.00 26.23 ? 20  THR A CG2 1 
ATOM   53   N  N   . TRP A 1 21  ? -9.923  0.043   2.345   1.00 20.16 ? 21  TRP A N   1 
ATOM   54   C  CA  . TRP A 1 21  ? -9.322  -1.015  3.092   1.00 19.23 ? 21  TRP A CA  1 
ATOM   55   C  C   . TRP A 1 21  ? -8.632  -0.566  4.331   1.00 17.68 ? 21  TRP A C   1 
ATOM   56   O  O   . TRP A 1 21  ? -8.260  0.576   4.448   1.00 17.02 ? 21  TRP A O   1 
ATOM   57   C  CB  . TRP A 1 21  ? -8.359  -1.792  2.253   1.00 18.29 ? 21  TRP A CB  1 
ATOM   58   C  CG  . TRP A 1 21  ? -8.844  -2.375  1.004   1.00 16.38 ? 21  TRP A CG  1 
ATOM   59   C  CD1 . TRP A 1 21  ? -8.922  -1.748  -0.234  1.00 17.22 ? 21  TRP A CD1 1 
ATOM   60   C  CD2 . TRP A 1 21  ? -9.092  -3.729  0.776   1.00 15.87 ? 21  TRP A CD2 1 
ATOM   61   N  NE1 . TRP A 1 21  ? -9.324  -2.671  -1.191  1.00 17.36 ? 21  TRP A NE1 1 
ATOM   62   C  CE2 . TRP A 1 21  ? -9.429  -3.889  -0.567  1.00 15.73 ? 21  TRP A CE2 1 
ATOM   63   C  CE3 . TRP A 1 21  ? -9.117  -4.845  1.627   1.00 16.35 ? 21  TRP A CE3 1 
ATOM   64   C  CZ2 . TRP A 1 21  ? -9.724  -5.165  -1.130  1.00 16.39 ? 21  TRP A CZ2 1 
ATOM   65   C  CZ3 . TRP A 1 21  ? -9.408  -6.077  1.061   1.00 17.26 ? 21  TRP A CZ3 1 
ATOM   66   C  CH2 . TRP A 1 21  ? -9.754  -6.217  -0.249  1.00 18.98 ? 21  TRP A CH2 1 
ATOM   67   N  N   . TYR A 1 22  ? -8.623  -1.466  5.347   1.00 16.07 ? 22  TYR A N   1 
ATOM   68   C  CA  . TYR A 1 22  ? -8.115  -1.156  6.684   1.00 18.91 ? 22  TYR A CA  1 
ATOM   69   C  C   . TYR A 1 22  ? -7.040  -2.240  7.129   1.00 17.67 ? 22  TYR A C   1 
ATOM   70   O  O   . TYR A 1 22  ? -7.198  -3.444  6.818   1.00 17.96 ? 22  TYR A O   1 
ATOM   71   C  CB  . TYR A 1 22  ? -9.232  -1.166  7.715   1.00 20.47 ? 22  TYR A CB  1 
ATOM   72   C  CG  . TYR A 1 22  ? -10.410 -0.325  7.345   1.00 17.93 ? 22  TYR A CG  1 
ATOM   73   C  CD1 . TYR A 1 22  ? -10.485 0.999   7.703   1.00 21.41 ? 22  TYR A CD1 1 
ATOM   74   C  CD2 . TYR A 1 22  ? -11.421 -0.896  6.594   1.00 21.03 ? 22  TYR A CD2 1 
ATOM   75   C  CE1 . TYR A 1 22  ? -11.633 1.775   7.356   1.00 23.64 ? 22  TYR A CE1 1 
ATOM   76   C  CE2 . TYR A 1 22  ? -12.512 -0.167  6.235   1.00 21.16 ? 22  TYR A CE2 1 
ATOM   77   C  CZ  . TYR A 1 22  ? -12.586 1.190   6.602   1.00 23.20 ? 22  TYR A CZ  1 
ATOM   78   O  OH  . TYR A 1 22  ? -13.704 1.974   6.249   1.00 22.86 ? 22  TYR A OH  1 
ATOM   79   N  N   . ASN A 1 23  ? -5.910  -1.828  7.659   1.00 18.92 ? 23  ASN A N   1 
ATOM   80   C  CA  . ASN A 1 23  ? -4.951  -2.825  8.101   1.00 18.82 ? 23  ASN A CA  1 
ATOM   81   C  C   . ASN A 1 23  ? -4.991  -3.081  9.631   1.00 18.82 ? 23  ASN A C   1 
ATOM   82   O  O   . ASN A 1 23  ? -5.802  -2.484  10.341  1.00 20.44 ? 23  ASN A O   1 
ATOM   83   C  CB  . ASN A 1 23  ? -3.519  -2.550  7.572   1.00 16.41 ? 23  ASN A CB  1 
ATOM   84   C  CG  . ASN A 1 23  ? -2.827  -1.355  8.247   1.00 17.24 ? 23  ASN A CG  1 
ATOM   85   O  OD1 . ASN A 1 23  ? -3.240  -0.827  9.272   1.00 16.19 ? 23  ASN A OD1 1 
ATOM   86   N  ND2 . ASN A 1 23  ? -1.697  -0.970  7.687   1.00 17.09 ? 23  ASN A ND2 1 
ATOM   87   N  N   . GLN A 1 24  ? -4.017  -3.833  10.124  1.00 19.93 ? 24  GLN A N   1 
ATOM   88   C  CA  . GLN A 1 24  ? -4.047  -4.339  11.502  1.00 19.60 ? 24  GLN A CA  1 
ATOM   89   C  C   . GLN A 1 24  ? -3.620  -3.218  12.467  1.00 19.75 ? 24  GLN A C   1 
ATOM   90   O  O   . GLN A 1 24  ? -3.724  -3.338  13.696  1.00 21.52 ? 24  GLN A O   1 
ATOM   91   C  CB  . GLN A 1 24  ? -3.176  -5.583  11.611  1.00 20.04 ? 24  GLN A CB  1 
ATOM   92   C  CG  . GLN A 1 24  ? -1.647  -5.419  11.571  1.00 20.34 ? 24  GLN A CG  1 
ATOM   93   C  CD  . GLN A 1 24  ? -1.074  -4.935  10.214  1.00 19.85 ? 24  GLN A CD  1 
ATOM   94   O  OE1 . GLN A 1 24  ? -1.723  -5.047  9.155   1.00 20.13 ? 24  GLN A OE1 1 
ATOM   95   N  NE2 . GLN A 1 24  ? 0.139   -4.376  10.266  1.00 20.26 ? 24  GLN A NE2 1 
ATOM   96   N  N   . LEU A 1 25  ? -3.128  -2.130  11.908  1.00 17.87 ? 25  LEU A N   1 
ATOM   97   C  CA  . LEU A 1 25  ? -2.676  -0.975  12.702  1.00 20.26 ? 25  LEU A CA  1 
ATOM   98   C  C   . LEU A 1 25  ? -3.744  0.045   12.809  1.00 21.76 ? 25  LEU A C   1 
ATOM   99   O  O   . LEU A 1 25  ? -3.574  1.052   13.555  1.00 24.72 ? 25  LEU A O   1 
ATOM   100  C  CB  . LEU A 1 25  ? -1.454  -0.311  12.042  1.00 21.27 ? 25  LEU A CB  1 
ATOM   101  C  CG  . LEU A 1 25  ? -0.174  -1.203  11.932  1.00 23.52 ? 25  LEU A CG  1 
ATOM   102  C  CD1 . LEU A 1 25  ? 0.869   -0.554  11.041  1.00 25.22 ? 25  LEU A CD1 1 
ATOM   103  C  CD2 . LEU A 1 25  ? 0.367   -1.436  13.310  1.00 24.92 ? 25  LEU A CD2 1 
ATOM   104  N  N   . GLY A 1 26  ? -4.798  -0.176  12.061  1.00 20.66 ? 26  GLY A N   1 
ATOM   105  C  CA  . GLY A 1 26  ? -5.893  0.800   11.956  1.00 22.50 ? 26  GLY A CA  1 
ATOM   106  C  C   . GLY A 1 26  ? -5.682  1.864   10.873  1.00 22.04 ? 26  GLY A C   1 
ATOM   107  O  O   . GLY A 1 26  ? -6.460  2.858   10.818  1.00 21.86 ? 26  GLY A O   1 
ATOM   108  N  N   . SER A 1 27  ? -4.660  1.684   10.014  1.00 16.79 ? 27  SER A N   1 
ATOM   109  C  CA  . SER A 1 27  ? -4.497  2.552   8.849   1.00 18.24 ? 27  SER A CA  1 
ATOM   110  C  C   . SER A 1 27  ? -5.651  2.358   7.785   1.00 18.15 ? 27  SER A C   1 
ATOM   111  O  O   . SER A 1 27  ? -6.169  1.300   7.646   1.00 19.43 ? 27  SER A O   1 
ATOM   112  C  CB  . SER A 1 27  ? -3.124  2.318   8.216   1.00 17.69 ? 27  SER A CB  1 
ATOM   113  O  OG  . SER A 1 27  ? -2.151  2.688   9.132   1.00 17.36 ? 27  SER A OG  1 
ATOM   114  N  N   . THR A 1 28  ? -5.888  3.347   6.918   1.00 20.12 ? 28  THR A N   1 
ATOM   115  C  CA  . THR A 1 28  ? -6.948  3.354   5.902   1.00 22.71 ? 28  THR A CA  1 
ATOM   116  C  C   . THR A 1 28  ? -6.380  3.587   4.520   1.00 19.25 ? 28  THR A C   1 
ATOM   117  O  O   . THR A 1 28  ? -5.674  4.563   4.271   1.00 20.71 ? 28  THR A O   1 
ATOM   118  C  CB  . THR A 1 28  ? -7.934  4.514   6.172   1.00 23.82 ? 28  THR A CB  1 
ATOM   119  O  OG1 . THR A 1 28  ? -8.375  4.398   7.492   1.00 24.50 ? 28  THR A OG1 1 
ATOM   120  C  CG2 . THR A 1 28  ? -9.166  4.483   5.167   1.00 27.52 ? 28  THR A CG2 1 
ATOM   121  N  N   . PHE A 1 29  ? -6.659  2.662   3.622   1.00 19.26 ? 29  PHE A N   1 
ATOM   122  C  CA  . PHE A 1 29  ? -6.113  2.695   2.249   1.00 20.33 ? 29  PHE A CA  1 
ATOM   123  C  C   . PHE A 1 29  ? -7.385  2.796   1.360   1.00 21.49 ? 29  PHE A C   1 
ATOM   124  O  O   . PHE A 1 29  ? -8.198  1.878   1.334   1.00 23.57 ? 29  PHE A O   1 
ATOM   125  C  CB  . PHE A 1 29  ? -5.254  1.381   2.090   1.00 20.80 ? 29  PHE A CB  1 
ATOM   126  C  CG  . PHE A 1 29  ? -4.974  0.916   0.735   1.00 18.83 ? 29  PHE A CG  1 
ATOM   127  C  CD1 . PHE A 1 29  ? -4.260  1.703   -0.202  1.00 18.53 ? 29  PHE A CD1 1 
ATOM   128  C  CD2 . PHE A 1 29  ? -5.206  -0.427  0.397   1.00 19.30 ? 29  PHE A CD2 1 
ATOM   129  C  CE1 . PHE A 1 29  ? -3.925  1.192   -1.421  1.00 16.54 ? 29  PHE A CE1 1 
ATOM   130  C  CE2 . PHE A 1 29  ? -4.873  -0.905  -0.804  1.00 18.22 ? 29  PHE A CE2 1 
ATOM   131  C  CZ  . PHE A 1 29  ? -4.225  -0.105  -1.758  1.00 16.79 ? 29  PHE A CZ  1 
ATOM   132  N  N   . ILE A 1 30  ? -7.436  3.842   0.557   1.00 19.01 ? 30  ILE A N   1 
ATOM   133  C  CA  . ILE A 1 30  ? -8.536  4.140   -0.328  1.00 23.01 ? 30  ILE A CA  1 
ATOM   134  C  C   . ILE A 1 30  ? -7.983  4.064   -1.708  1.00 21.04 ? 30  ILE A C   1 
ATOM   135  O  O   . ILE A 1 30  ? -7.071  4.809   -2.028  1.00 21.42 ? 30  ILE A O   1 
ATOM   136  C  CB  . ILE A 1 30  ? -9.086  5.529   0.036   1.00 28.44 ? 30  ILE A CB  1 
ATOM   137  C  CG1 . ILE A 1 30  ? -9.725  5.449   1.423   1.00 27.59 ? 30  ILE A CG1 1 
ATOM   138  C  CG2 . ILE A 1 30  ? -10.110 5.991   -1.023  1.00 34.15 ? 30  ILE A CG2 1 
ATOM   139  C  CD1 . ILE A 1 30  ? -10.005 6.788   2.047   1.00 29.24 ? 30  ILE A CD1 1 
ATOM   140  N  N   . VAL A 1 31  ? -8.421  3.082   -2.495  1.00 19.89 ? 31  VAL A N   1 
ATOM   141  C  CA  . VAL A 1 31  ? -7.863  2.872   -3.824  1.00 21.48 ? 31  VAL A CA  1 
ATOM   142  C  C   . VAL A 1 31  ? -8.908  2.775   -4.969  1.00 22.17 ? 31  VAL A C   1 
ATOM   143  O  O   . VAL A 1 31  ? -9.976  2.244   -4.785  1.00 22.43 ? 31  VAL A O   1 
ATOM   144  C  CB  . VAL A 1 31  ? -6.957  1.654   -3.845  1.00 22.22 ? 31  VAL A CB  1 
ATOM   145  C  CG1 . VAL A 1 31  ? -7.730  0.336   -3.625  1.00 24.36 ? 31  VAL A CG1 1 
ATOM   146  C  CG2 . VAL A 1 31  ? -6.060  1.643   -5.062  1.00 23.78 ? 31  VAL A CG2 1 
ATOM   147  N  N   . THR A 1 32  ? -8.534  3.271   -6.161  1.00 20.42 ? 32  THR A N   1 
ATOM   148  C  CA  . THR A 1 32  ? -9.210  2.902   -7.361  1.00 23.78 ? 32  THR A CA  1 
ATOM   149  C  C   . THR A 1 32  ? -8.318  2.086   -8.254  1.00 23.32 ? 32  THR A C   1 
ATOM   150  O  O   . THR A 1 32  ? -7.188  2.526   -8.592  1.00 21.01 ? 32  THR A O   1 
ATOM   151  C  CB  . THR A 1 32  ? -9.728  4.139   -8.124  1.00 25.86 ? 32  THR A CB  1 
ATOM   152  O  OG1 . THR A 1 32  ? -10.547 4.948   -7.240  1.00 27.46 ? 32  THR A OG1 1 
ATOM   153  C  CG2 . THR A 1 32  ? -10.579 3.709   -9.363  1.00 27.06 ? 32  THR A CG2 1 
ATOM   154  N  N   . ALA A 1 33  ? -8.846  0.942   -8.687  1.00 21.33 ? 33  ALA A N   1 
ATOM   155  C  CA  . ALA A 1 33  ? -8.195  0.097   -9.679  1.00 23.42 ? 33  ALA A CA  1 
ATOM   156  C  C   . ALA A 1 33  ? -8.690  0.441   -11.076 1.00 26.60 ? 33  ALA A C   1 
ATOM   157  O  O   . ALA A 1 33  ? -9.923  0.424   -11.317 1.00 24.73 ? 33  ALA A O   1 
ATOM   158  C  CB  . ALA A 1 33  ? -8.445  -1.364  -9.351  1.00 25.43 ? 33  ALA A CB  1 
ATOM   159  N  N   . GLY A 1 34  ? -7.773  0.806   -11.974 1.00 24.02 ? 34  GLY A N   1 
ATOM   160  C  CA  . GLY A 1 34  ? -8.106  1.093   -13.398 1.00 25.90 ? 34  GLY A CA  1 
ATOM   161  C  C   . GLY A 1 34  ? -8.155  -0.174  -14.265 1.00 26.89 ? 34  GLY A C   1 
ATOM   162  O  O   . GLY A 1 34  ? -7.522  -1.169  -13.952 1.00 25.08 ? 34  GLY A O   1 
ATOM   163  N  N   . ALA A 1 35  ? -8.908  -0.164  -15.366 1.00 25.29 ? 35  ALA A N   1 
ATOM   164  C  CA  . ALA A 1 35  ? -8.982  -1.381  -16.256 1.00 27.51 ? 35  ALA A CA  1 
ATOM   165  C  C   . ALA A 1 35  ? -7.621  -1.820  -16.845 1.00 31.92 ? 35  ALA A C   1 
ATOM   166  O  O   . ALA A 1 35  ? -7.462  -2.992  -17.235 1.00 35.19 ? 35  ALA A O   1 
ATOM   167  C  CB  . ALA A 1 35  ? -9.950  -1.134  -17.392 1.00 30.94 ? 35  ALA A CB  1 
ATOM   168  N  N   . ASP A 1 36  ? -6.722  -0.841  -16.941 1.00 33.22 ? 36  ASP A N   1 
ATOM   169  C  CA  . ASP A 1 36  ? -5.346  -0.880  -17.483 1.00 34.99 ? 36  ASP A CA  1 
ATOM   170  C  C   . ASP A 1 36  ? -4.247  -1.166  -16.454 1.00 34.01 ? 36  ASP A C   1 
ATOM   171  O  O   . ASP A 1 36  ? -3.070  -0.894  -16.755 1.00 43.25 ? 36  ASP A O   1 
ATOM   172  C  CB  . ASP A 1 36  ? -5.013  0.559   -18.022 1.00 35.89 ? 36  ASP A CB  1 
ATOM   173  C  CG  . ASP A 1 36  ? -5.019  1.690   -16.844 1.00 41.74 ? 36  ASP A CG  1 
ATOM   174  O  OD1 . ASP A 1 36  ? -5.465  1.400   -15.706 1.00 32.94 ? 36  ASP A OD1 1 
ATOM   175  O  OD2 . ASP A 1 36  ? -4.622  2.876   -17.042 1.00 42.58 ? 36  ASP A OD2 1 
ATOM   176  N  N   . GLY A 1 37  ? -4.582  -1.569  -15.228 1.00 25.43 ? 37  GLY A N   1 
ATOM   177  C  CA  . GLY A 1 37  ? -3.591  -1.950  -14.274 1.00 22.57 ? 37  GLY A CA  1 
ATOM   178  C  C   . GLY A 1 37  ? -3.256  -0.831  -13.301 1.00 22.03 ? 37  GLY A C   1 
ATOM   179  O  O   . GLY A 1 37  ? -2.359  -1.053  -12.483 1.00 20.60 ? 37  GLY A O   1 
ATOM   180  N  N   . ALA A 1 38  ? -3.831  0.359   -13.437 1.00 19.85 ? 38  ALA A N   1 
ATOM   181  C  CA  . ALA A 1 38  ? -3.459  1.441   -12.514 1.00 20.57 ? 38  ALA A CA  1 
ATOM   182  C  C   . ALA A 1 38  ? -4.002  1.273   -11.091 1.00 22.68 ? 38  ALA A C   1 
ATOM   183  O  O   . ALA A 1 38  ? -5.150  0.895   -10.939 1.00 19.98 ? 38  ALA A O   1 
ATOM   184  C  CB  . ALA A 1 38  ? -3.913  2.757   -13.061 1.00 26.53 ? 38  ALA A CB  1 
ATOM   185  N  N   . LEU A 1 39  ? -3.261  1.752   -10.087 1.00 21.55 ? 39  LEU A N   1 
ATOM   186  C  CA  . LEU A 1 39  ? -3.818  1.980   -8.758  1.00 21.27 ? 39  LEU A CA  1 
ATOM   187  C  C   . LEU A 1 39  ? -3.576  3.394   -8.359  1.00 18.35 ? 39  LEU A C   1 
ATOM   188  O  O   . LEU A 1 39  ? -2.481  3.870   -8.493  1.00 19.32 ? 39  LEU A O   1 
ATOM   189  C  CB  . LEU A 1 39  ? -3.153  1.088   -7.643  1.00 20.18 ? 39  LEU A CB  1 
ATOM   190  C  CG  . LEU A 1 39  ? -3.323  -0.413  -7.846  1.00 19.27 ? 39  LEU A CG  1 
ATOM   191  C  CD1 . LEU A 1 39  ? -2.614  -1.141  -6.694  1.00 18.57 ? 39  LEU A CD1 1 
ATOM   192  C  CD2 . LEU A 1 39  ? -4.765  -0.819  -7.887  1.00 18.43 ? 39  LEU A CD2 1 
ATOM   193  N  N   . THR A 1 40  ? -4.640  4.064   -8.014  1.00 18.46 ? 40  THR A N   1 
ATOM   194  C  CA  . THR A 1 40  ? -4.564  5.473   -7.490  1.00 19.38 ? 40  THR A CA  1 
ATOM   195  C  C   . THR A 1 40  ? -5.372  5.613   -6.210  1.00 21.32 ? 40  THR A C   1 
ATOM   196  O  O   . THR A 1 40  ? -6.416  4.966   -6.062  1.00 22.69 ? 40  THR A O   1 
ATOM   197  C  CB  . THR A 1 40  ? -5.122  6.512   -8.500  1.00 19.10 ? 40  THR A CB  1 
ATOM   198  O  OG1 A THR A 1 40  ? -6.347  5.982   -9.018  0.50 18.00 ? 40  THR A OG1 1 
ATOM   199  O  OG1 B THR A 1 40  ? -4.819  6.038   -9.831  0.50 17.88 ? 40  THR A OG1 1 
ATOM   200  C  CG2 A THR A 1 40  ? -4.266  6.762   -9.706  0.50 18.78 ? 40  THR A CG2 1 
ATOM   201  C  CG2 B THR A 1 40  ? -4.386  7.791   -8.305  0.50 18.98 ? 40  THR A CG2 1 
ATOM   202  N  N   . GLY A 1 41  ? -4.941  6.514   -5.304  1.00 18.64 ? 41  GLY A N   1 
ATOM   203  C  CA  . GLY A 1 41  ? -5.762  6.728   -4.130  1.00 18.58 ? 41  GLY A CA  1 
ATOM   204  C  C   . GLY A 1 41  ? -5.085  7.563   -3.090  1.00 17.33 ? 41  GLY A C   1 
ATOM   205  O  O   . GLY A 1 41  ? -4.199  8.374   -3.388  1.00 17.88 ? 41  GLY A O   1 
ATOM   206  N  N   . THR A 1 42  ? -5.407  7.220   -1.847  1.00 16.37 ? 42  THR A N   1 
ATOM   207  C  CA  . THR A 1 42  ? -4.853  7.924   -0.661  1.00 18.41 ? 42  THR A CA  1 
ATOM   208  C  C   . THR A 1 42  ? -4.585  6.945   0.493   1.00 17.03 ? 42  THR A C   1 
ATOM   209  O  O   . THR A 1 42  ? -5.269  5.934   0.549   1.00 19.48 ? 42  THR A O   1 
ATOM   210  C  CB  . THR A 1 42  ? -5.762  9.056   -0.129  1.00 19.31 ? 42  THR A CB  1 
ATOM   211  O  OG1 . THR A 1 42  ? -7.015  8.513   0.299   1.00 21.75 ? 42  THR A OG1 1 
ATOM   212  C  CG2 . THR A 1 42  ? -5.897  10.148  -1.199  1.00 22.02 ? 42  THR A CG2 1 
ATOM   213  N  N   . TYR A 1 43  ? -3.586  7.240   1.344   1.00 16.68 ? 43  TYR A N   1 
ATOM   214  C  CA  . TYR A 1 43  ? -3.277  6.386   2.449   1.00 15.04 ? 43  TYR A CA  1 
ATOM   215  C  C   . TYR A 1 43  ? -3.274  7.286   3.683   1.00 14.73 ? 43  TYR A C   1 
ATOM   216  O  O   . TYR A 1 43  ? -2.733  8.333   3.613   1.00 18.43 ? 43  TYR A O   1 
ATOM   217  C  CB  . TYR A 1 43  ? -1.853  5.754   2.267   1.00 16.04 ? 43  TYR A CB  1 
ATOM   218  C  CG  . TYR A 1 43  ? -1.668  4.525   3.115   1.00 15.43 ? 43  TYR A CG  1 
ATOM   219  C  CD1 . TYR A 1 43  ? -1.239  4.652   4.412   1.00 15.95 ? 43  TYR A CD1 1 
ATOM   220  C  CD2 . TYR A 1 43  ? -1.893  3.229   2.574   1.00 15.14 ? 43  TYR A CD2 1 
ATOM   221  C  CE1 . TYR A 1 43  ? -1.040  3.530   5.215   1.00 16.37 ? 43  TYR A CE1 1 
ATOM   222  C  CE2 . TYR A 1 43  ? -1.705  2.094   3.376   1.00 16.91 ? 43  TYR A CE2 1 
ATOM   223  C  CZ  . TYR A 1 43  ? -1.277  2.235   4.654   1.00 15.19 ? 43  TYR A CZ  1 
ATOM   224  O  OH  . TYR A 1 43  ? -1.136  1.117   5.446   1.00 18.34 ? 43  TYR A OH  1 
ATOM   225  N  N   . GLU A 1 44  ? -3.775  6.780   4.796   1.00 15.09 ? 44  GLU A N   1 
ATOM   226  C  CA  . GLU A 1 44  ? -3.717  7.534   6.057   1.00 14.93 ? 44  GLU A CA  1 
ATOM   227  C  C   . GLU A 1 44  ? -3.205  6.493   7.092   1.00 16.81 ? 44  GLU A C   1 
ATOM   228  O  O   . GLU A 1 44  ? -3.816  5.464   7.333   1.00 18.53 ? 44  GLU A O   1 
ATOM   229  C  CB  . GLU A 1 44  ? -5.138  7.976   6.442   1.00 18.25 ? 44  GLU A CB  1 
ATOM   230  C  CG  . GLU A 1 44  ? -5.158  8.783   7.731   1.00 20.33 ? 44  GLU A CG  1 
ATOM   231  C  CD  . GLU A 1 44  ? -6.535  9.399   8.012   1.00 27.37 ? 44  GLU A CD  1 
ATOM   232  O  OE1 . GLU A 1 44  ? -6.615  10.148  9.012   1.00 30.29 ? 44  GLU A OE1 1 
ATOM   233  O  OE2 . GLU A 1 44  ? -7.460  9.166   7.222   1.00 27.10 ? 44  GLU A OE2 1 
ATOM   234  N  N   . SER A 1 45  ? -2.021  6.753   7.620   1.00 18.78 ? 45  SER A N   1 
ATOM   235  C  CA  . SER A 1 45  ? -1.428  5.860   8.608   1.00 17.28 ? 45  SER A CA  1 
ATOM   236  C  C   . SER A 1 45  ? -1.831  6.161   9.994   1.00 16.85 ? 45  SER A C   1 
ATOM   237  O  O   . SER A 1 45  ? -1.704  7.319   10.460  1.00 19.03 ? 45  SER A O   1 
ATOM   238  C  CB  . SER A 1 45  ? 0.091   5.946   8.499   1.00 18.37 ? 45  SER A CB  1 
ATOM   239  O  OG  . SER A 1 45  ? 0.686   5.041   9.395   1.00 18.68 ? 45  SER A OG  1 
ATOM   240  N  N   . ALA A 1 46  ? -2.116  5.093   10.733  1.00 17.23 ? 46  ALA A N   1 
ATOM   241  C  CA  . ALA A 1 46  ? -2.381  5.248   12.129  1.00 21.29 ? 46  ALA A CA  1 
ATOM   242  C  C   . ALA A 1 46  ? -1.179  5.427   13.036  1.00 22.08 ? 46  ALA A C   1 
ATOM   243  O  O   . ALA A 1 46  ? -1.339  5.748   14.231  1.00 22.40 ? 46  ALA A O   1 
ATOM   244  C  CB  . ALA A 1 46  ? -3.231  4.116   12.583  1.00 22.54 ? 46  ALA A CB  1 
ATOM   245  N  N   . VAL A 1 47  ? 0.023   5.211   12.497  1.00 19.95 ? 47  VAL A N   1 
ATOM   246  C  CA  . VAL A 1 47  ? 1.285   5.273   13.227  1.00 20.03 ? 47  VAL A CA  1 
ATOM   247  C  C   . VAL A 1 47  ? 2.323   6.053   12.464  1.00 18.31 ? 47  VAL A C   1 
ATOM   248  O  O   . VAL A 1 47  ? 2.191   6.278   11.243  1.00 18.75 ? 47  VAL A O   1 
ATOM   249  C  CB  . VAL A 1 47  ? 1.873   3.876   13.552  1.00 18.10 ? 47  VAL A CB  1 
ATOM   250  C  CG1 . VAL A 1 47  ? 0.904   3.036   14.427  1.00 19.40 ? 47  VAL A CG1 1 
ATOM   251  C  CG2 . VAL A 1 47  ? 2.141   3.037   12.329  1.00 17.80 ? 47  VAL A CG2 1 
ATOM   252  N  N   . GLY A 1 48  ? 3.382   6.441   13.200  1.00 19.08 ? 48  GLY A N   1 
ATOM   253  C  CA  . GLY A 1 48  ? 4.522   7.045   12.570  1.00 20.53 ? 48  GLY A CA  1 
ATOM   254  C  C   . GLY A 1 48  ? 4.404   8.536   12.459  1.00 21.61 ? 48  GLY A C   1 
ATOM   255  O  O   . GLY A 1 48  ? 3.516   9.171   13.067  1.00 22.27 ? 48  GLY A O   1 
ATOM   256  N  N   . ASN A 1 49  ? 5.278   9.086   11.642  1.00 19.24 ? 49  ASN A N   1 
ATOM   257  C  CA  . ASN A 1 49  ? 5.353   10.541  11.396  1.00 21.27 ? 49  ASN A CA  1 
ATOM   258  C  C   . ASN A 1 49  ? 4.461   10.909  10.230  1.00 20.84 ? 49  ASN A C   1 
ATOM   259  O  O   . ASN A 1 49  ? 4.919   11.108  9.121   1.00 21.01 ? 49  ASN A O   1 
ATOM   260  C  CB  . ASN A 1 49  ? 6.786   11.010  11.193  1.00 24.38 ? 49  ASN A CB  1 
ATOM   261  C  CG  . ASN A 1 49  ? 6.902   12.549  11.180  1.00 26.15 ? 49  ASN A CG  1 
ATOM   262  O  OD1 . ASN A 1 49  ? 5.913   13.277  11.450  1.00 26.38 ? 49  ASN A OD1 1 
ATOM   263  N  ND2 . ASN A 1 49  ? 8.021   13.031  10.723  1.00 25.28 ? 49  ASN A ND2 1 
ATOM   264  N  N   . ALA A 1 50  ? 3.156   10.942  10.495  1.00 18.74 ? 50  ALA A N   1 
ATOM   265  C  CA  . ALA A 1 50  ? 2.170   11.019  9.496   1.00 19.29 ? 50  ALA A CA  1 
ATOM   266  C  C   . ALA A 1 50  ? 0.899   11.584  10.058  1.00 20.11 ? 50  ALA A C   1 
ATOM   267  O  O   . ALA A 1 50  ? 0.475   11.279  11.172  1.00 19.67 ? 50  ALA A O   1 
ATOM   268  C  CB  . ALA A 1 50  ? 1.949   9.641   8.817   1.00 19.76 ? 50  ALA A CB  1 
ATOM   269  N  N   . GLU A 1 51  ? 0.272   12.431  9.258   1.00 20.11 ? 51  GLU A N   1 
ATOM   270  C  CA  . GLU A 1 51  ? -1.059  12.906  9.554   1.00 22.77 ? 51  GLU A CA  1 
ATOM   271  C  C   . GLU A 1 51  ? -1.858  13.146  8.279   1.00 20.38 ? 51  GLU A C   1 
ATOM   272  O  O   . GLU A 1 51  ? -1.388  13.736  7.292   1.00 22.51 ? 51  GLU A O   1 
ATOM   273  C  CB  . GLU A 1 51  ? -0.988  14.175  10.452  1.00 26.42 ? 51  GLU A CB  1 
ATOM   274  C  CG  . GLU A 1 51  ? -1.161  15.479  9.755   1.00 29.33 ? 51  GLU A CG  1 
ATOM   275  C  CD  . GLU A 1 51  ? -0.999  16.673  10.707  1.00 31.33 ? 51  GLU A CD  1 
ATOM   276  O  OE1 . GLU A 1 51  ? 0.088   16.922  11.233  1.00 32.43 ? 51  GLU A OE1 1 
ATOM   277  O  OE2 . GLU A 1 51  ? -1.990  17.344  10.917  1.00 33.44 ? 51  GLU A OE2 1 
ATOM   278  N  N   . SER A 1 52  ? -3.107  12.756  8.352   1.00 22.04 ? 52  SER A N   1 
ATOM   279  C  CA  . SER A 1 52  ? -4.112  12.958  7.319   1.00 23.84 ? 52  SER A CA  1 
ATOM   280  C  C   . SER A 1 52  ? -3.778  12.031  6.146   1.00 23.23 ? 52  SER A C   1 
ATOM   281  O  O   . SER A 1 52  ? -3.035  11.057  6.328   1.00 21.43 ? 52  SER A O   1 
ATOM   282  C  CB  . SER A 1 52  ? -4.263  14.421  6.848   1.00 28.10 ? 52  SER A CB  1 
ATOM   283  O  OG  . SER A 1 52  ? -5.512  14.484  6.123   1.00 32.27 ? 52  SER A OG  1 
ATOM   284  N  N   . ARG A 1 53  ? -4.240  12.399  4.958   1.00 21.16 ? 53  ARG A N   1 
ATOM   285  C  CA  . ARG A 1 53  ? -4.067  11.542  3.738   1.00 21.38 ? 53  ARG A CA  1 
ATOM   286  C  C   . ARG A 1 53  ? -2.817  11.925  2.905   1.00 19.36 ? 53  ARG A C   1 
ATOM   287  O  O   . ARG A 1 53  ? -2.417  13.086  2.879   1.00 20.73 ? 53  ARG A O   1 
ATOM   288  C  CB  . ARG A 1 53  ? -5.325  11.695  2.859   1.00 23.05 ? 53  ARG A CB  1 
ATOM   289  C  CG  . ARG A 1 53  ? -6.516  10.989  3.468   1.00 24.88 ? 53  ARG A CG  1 
ATOM   290  C  CD  . ARG A 1 53  ? -7.808  11.239  2.739   1.00 33.10 ? 53  ARG A CD  1 
ATOM   291  N  NE  . ARG A 1 53  ? -8.075  12.666  2.548   1.00 42.00 ? 53  ARG A NE  1 
ATOM   292  C  CZ  . ARG A 1 53  ? -8.593  13.504  3.451   1.00 53.62 ? 53  ARG A CZ  1 
ATOM   293  N  NH1 . ARG A 1 53  ? -8.789  14.782  3.119   1.00 55.36 ? 53  ARG A NH1 1 
ATOM   294  N  NH2 . ARG A 1 53  ? -8.924  13.092  4.676   1.00 56.16 ? 53  ARG A NH2 1 
ATOM   295  N  N   . TYR A 1 54  ? -2.262  10.936  2.182   1.00 18.28 ? 54  TYR A N   1 
ATOM   296  C  CA  . TYR A 1 54  ? -1.123  11.065  1.349   1.00 15.10 ? 54  TYR A CA  1 
ATOM   297  C  C   . TYR A 1 54  ? -1.410  10.339  0.067   1.00 13.69 ? 54  TYR A C   1 
ATOM   298  O  O   . TYR A 1 54  ? -2.140  9.374   0.074   1.00 16.38 ? 54  TYR A O   1 
ATOM   299  C  CB  . TYR A 1 54  ? 0.131   10.293  1.965   1.00 15.70 ? 54  TYR A CB  1 
ATOM   300  C  CG  . TYR A 1 54  ? 0.600   10.970  3.240   1.00 16.10 ? 54  TYR A CG  1 
ATOM   301  C  CD1 . TYR A 1 54  ? 1.703   11.794  3.255   1.00 18.04 ? 54  TYR A CD1 1 
ATOM   302  C  CD2 . TYR A 1 54  ? 0.012   10.626  4.467   1.00 16.20 ? 54  TYR A CD2 1 
ATOM   303  C  CE1 . TYR A 1 54  ? 2.123   12.458  4.419   1.00 15.95 ? 54  TYR A CE1 1 
ATOM   304  C  CE2 . TYR A 1 54  ? 0.394   11.302  5.629   1.00 17.75 ? 54  TYR A CE2 1 
ATOM   305  C  CZ  . TYR A 1 54  ? 1.492   12.126  5.621   1.00 17.76 ? 54  TYR A CZ  1 
ATOM   306  O  OH  . TYR A 1 54  ? 1.871   12.843  6.723   1.00 18.33 ? 54  TYR A OH  1 
ATOM   307  N  N   . VAL A 1 55  ? -0.910  10.920  -1.019  1.00 13.89 ? 55  VAL A N   1 
ATOM   308  C  CA  . VAL A 1 55  ? -1.147  10.344  -2.332  1.00 14.77 ? 55  VAL A CA  1 
ATOM   309  C  C   . VAL A 1 55  ? -0.558  9.012   -2.432  1.00 15.14 ? 55  VAL A C   1 
ATOM   310  O  O   . VAL A 1 55  ? 0.580   8.786   -1.971  1.00 15.81 ? 55  VAL A O   1 
ATOM   311  C  CB  . VAL A 1 55  ? -0.576  11.301  -3.449  1.00 16.91 ? 55  VAL A CB  1 
ATOM   312  C  CG1 . VAL A 1 55  ? -0.695  10.653  -4.830  1.00 18.68 ? 55  VAL A CG1 1 
ATOM   313  C  CG2 . VAL A 1 55  ? -1.337  12.570  -3.422  1.00 19.21 ? 55  VAL A CG2 1 
ATOM   314  N  N   . LEU A 1 56  ? -1.171  8.143   -3.167  1.00 16.32 ? 56  LEU A N   1 
ATOM   315  C  CA  . LEU A 1 56  ? -0.493  6.898   -3.513  1.00 18.07 ? 56  LEU A CA  1 
ATOM   316  C  C   . LEU A 1 56  ? -0.748  6.500   -4.912  1.00 18.07 ? 56  LEU A C   1 
ATOM   317  O  O   . LEU A 1 56  ? -1.781  6.856   -5.491  1.00 17.56 ? 56  LEU A O   1 
ATOM   318  C  CB  . LEU A 1 56  ? -0.952  5.695   -2.643  1.00 18.72 ? 56  LEU A CB  1 
ATOM   319  C  CG  . LEU A 1 56  ? -2.387  5.171   -2.804  1.00 16.85 ? 56  LEU A CG  1 
ATOM   320  C  CD1 . LEU A 1 56  ? -2.525  4.042   -3.878  1.00 15.43 ? 56  LEU A CD1 1 
ATOM   321  C  CD2 . LEU A 1 56  ? -2.910  4.566   -1.520  1.00 20.87 ? 56  LEU A CD2 1 
ATOM   322  N  N   . THR A 1 57  ? 0.204   5.759   -5.466  1.00 15.37 ? 57  THR A N   1 
ATOM   323  C  CA  . THR A 1 57  ? -0.006  5.163   -6.790  1.00 16.08 ? 57  THR A CA  1 
ATOM   324  C  C   . THR A 1 57  ? 0.553   3.817   -6.858  1.00 15.00 ? 57  THR A C   1 
ATOM   325  O  O   . THR A 1 57  ? 1.607   3.547   -6.224  1.00 16.24 ? 57  THR A O   1 
ATOM   326  C  CB  . THR A 1 57  ? 0.567   6.170   -7.885  1.00 16.76 ? 57  THR A CB  1 
ATOM   327  O  OG1 . THR A 1 57  ? 0.344   5.672   -9.174  1.00 21.96 ? 57  THR A OG1 1 
ATOM   328  C  CG2 . THR A 1 57  ? 2.062   6.295   -7.798  1.00 17.24 ? 57  THR A CG2 1 
ATOM   329  N  N   . GLY A 1 58  ? 0.073   2.991   -7.788  1.00 14.98 ? 58  GLY A N   1 
ATOM   330  C  CA  . GLY A 1 58  ? 0.645   1.709   -7.924  1.00 14.45 ? 58  GLY A CA  1 
ATOM   331  C  C   . GLY A 1 58  ? 0.155   1.006   -9.142  1.00 15.56 ? 58  GLY A C   1 
ATOM   332  O  O   . GLY A 1 58  ? -0.462  1.621   -10.027 1.00 16.93 ? 58  GLY A O   1 
ATOM   333  N  N   . ARG A 1 59  ? 0.341   -0.280  -9.179  1.00 16.01 ? 59  ARG A N   1 
ATOM   334  C  CA  . ARG A 1 59  ? -0.030  -1.187  -10.338 1.00 15.79 ? 59  ARG A CA  1 
ATOM   335  C  C   . ARG A 1 59  ? -0.588  -2.526  -9.828  1.00 19.68 ? 59  ARG A C   1 
ATOM   336  O  O   . ARG A 1 59  ? -0.157  -3.008  -8.761  1.00 18.55 ? 59  ARG A O   1 
ATOM   337  C  CB  . ARG A 1 59  ? 1.196   -1.407  -11.255 1.00 17.37 ? 59  ARG A CB  1 
ATOM   338  C  CG  . ARG A 1 59  ? 1.809   -0.160  -11.856 1.00 18.24 ? 59  ARG A CG  1 
ATOM   339  C  CD  . ARG A 1 59  ? 1.038   0.566   -12.931 1.00 16.91 ? 59  ARG A CD  1 
ATOM   340  N  NE  . ARG A 1 59  ? 0.797   -0.353  -14.049 1.00 17.28 ? 59  ARG A NE  1 
ATOM   341  C  CZ  . ARG A 1 59  ? -0.109  -0.143  -14.979 1.00 17.48 ? 59  ARG A CZ  1 
ATOM   342  N  NH1 . ARG A 1 59  ? -0.830  0.974   -14.986 1.00 21.19 ? 59  ARG A NH1 1 
ATOM   343  N  NH2 . ARG A 1 59  ? -0.281  -1.076  -15.937 1.00 19.51 ? 59  ARG A NH2 1 
ATOM   344  N  N   . TYR A 1 60  ? -1.430  -3.239  -10.626 1.00 16.47 ? 60  TYR A N   1 
ATOM   345  C  CA  . TYR A 1 60  ? -1.815  -4.596  -10.223 1.00 15.06 ? 60  TYR A CA  1 
ATOM   346  C  C   . TYR A 1 60  ? -1.942  -5.364  -11.527 1.00 13.94 ? 60  TYR A C   1 
ATOM   347  O  O   . TYR A 1 60  ? -2.002  -4.708  -12.566 1.00 15.60 ? 60  TYR A O   1 
ATOM   348  C  CB  . TYR A 1 60  ? -3.157  -4.544  -9.487  1.00 14.99 ? 60  TYR A CB  1 
ATOM   349  C  CG  . TYR A 1 60  ? -4.413  -4.216  -10.333 1.00 18.43 ? 60  TYR A CG  1 
ATOM   350  C  CD1 . TYR A 1 60  ? -4.604  -2.974  -10.845 1.00 19.54 ? 60  TYR A CD1 1 
ATOM   351  C  CD2 . TYR A 1 60  ? -5.324  -5.216  -10.680 1.00 19.01 ? 60  TYR A CD2 1 
ATOM   352  C  CE1 . TYR A 1 60  ? -5.785  -2.669  -11.558 1.00 21.24 ? 60  TYR A CE1 1 
ATOM   353  C  CE2 . TYR A 1 60  ? -6.465  -4.929  -11.410 1.00 21.88 ? 60  TYR A CE2 1 
ATOM   354  C  CZ  . TYR A 1 60  ? -6.641  -3.661  -11.893 1.00 23.91 ? 60  TYR A CZ  1 
ATOM   355  O  OH  . TYR A 1 60  ? -7.807  -3.375  -12.608 1.00 26.77 ? 60  TYR A OH  1 
ATOM   356  N  N   . ASP A 1 61  ? -1.957  -6.662  -11.435 1.00 14.30 ? 61  ASP A N   1 
ATOM   357  C  CA  . ASP A 1 61  ? -2.130  -7.618  -12.566 1.00 13.33 ? 61  ASP A CA  1 
ATOM   358  C  C   . ASP A 1 61  ? -3.657  -7.590  -12.864 1.00 16.52 ? 61  ASP A C   1 
ATOM   359  O  O   . ASP A 1 61  ? -4.465  -8.114  -12.112 1.00 20.46 ? 61  ASP A O   1 
ATOM   360  C  CB  . ASP A 1 61  ? -1.712  -8.938  -12.147 1.00 15.60 ? 61  ASP A CB  1 
ATOM   361  C  CG  . ASP A 1 61  ? -1.918  -10.028 -13.232 1.00 15.78 ? 61  ASP A CG  1 
ATOM   362  O  OD1 . ASP A 1 61  ? -2.348  -9.638  -14.339 1.00 19.38 ? 61  ASP A OD1 1 
ATOM   363  O  OD2 . ASP A 1 61  ? -1.579  -11.169 -12.924 1.00 17.44 ? 61  ASP A OD2 1 
ATOM   364  N  N   . SER A 1 62  ? -3.999  -6.978  -13.992 1.00 17.15 ? 62  SER A N   1 
ATOM   365  C  CA  . SER A 1 62  ? -5.410  -6.849  -14.434 1.00 17.95 ? 62  SER A CA  1 
ATOM   366  C  C   . SER A 1 62  ? -5.921  -8.106  -15.148 1.00 20.67 ? 62  SER A C   1 
ATOM   367  O  O   . SER A 1 62  ? -7.128  -8.168  -15.499 1.00 25.22 ? 62  SER A O   1 
ATOM   368  C  CB  . SER A 1 62  ? -5.528  -5.662  -15.383 1.00 20.74 ? 62  SER A CB  1 
ATOM   369  O  OG  . SER A 1 62  ? -4.671  -5.764  -16.483 1.00 23.60 ? 62  SER A OG  1 
ATOM   370  N  N   . ALA A 1 63  ? -5.054  -9.032  -15.447 1.00 20.05 ? 63  ALA A N   1 
ATOM   371  C  CA  . ALA A 1 63  ? -5.495  -10.361 -15.970 1.00 25.21 ? 63  ALA A CA  1 
ATOM   372  C  C   . ALA A 1 63  ? -4.815  -11.499 -15.216 1.00 24.93 ? 63  ALA A C   1 
ATOM   373  O  O   . ALA A 1 63  ? -3.903  -12.196 -15.784 1.00 26.75 ? 63  ALA A O   1 
ATOM   374  C  CB  . ALA A 1 63  ? -5.272  -10.455 -17.433 1.00 25.41 ? 63  ALA A CB  1 
ATOM   375  N  N   . PRO A 1 64  ? -5.233  -11.708 -13.931 1.00 25.35 ? 64  PRO A N   1 
ATOM   376  C  CA  . PRO A 1 64  ? -4.631  -12.766 -13.106 1.00 25.24 ? 64  PRO A CA  1 
ATOM   377  C  C   . PRO A 1 64  ? -4.912  -14.190 -13.569 1.00 26.68 ? 64  PRO A C   1 
ATOM   378  O  O   . PRO A 1 64  ? -5.728  -14.406 -14.454 1.00 28.06 ? 64  PRO A O   1 
ATOM   379  C  CB  . PRO A 1 64  ? -5.146  -12.475 -11.719 1.00 25.42 ? 64  PRO A CB  1 
ATOM   380  C  CG  . PRO A 1 64  ? -6.464  -11.839 -11.952 1.00 25.95 ? 64  PRO A CG  1 
ATOM   381  C  CD  . PRO A 1 64  ? -6.317  -11.012 -13.195 1.00 26.51 ? 64  PRO A CD  1 
ATOM   382  N  N   . ALA A 1 65  ? -4.156  -15.131 -13.036 1.00 27.17 ? 65  ALA A N   1 
ATOM   383  C  CA  . ALA A 1 65  ? -4.326  -16.551 -13.368 1.00 28.56 ? 65  ALA A CA  1 
ATOM   384  C  C   . ALA A 1 65  ? -5.717  -17.001 -12.841 1.00 32.57 ? 65  ALA A C   1 
ATOM   385  O  O   . ALA A 1 65  ? -6.265  -16.408 -11.901 1.00 32.44 ? 65  ALA A O   1 
ATOM   386  C  CB  . ALA A 1 65  ? -3.131  -17.376 -12.831 1.00 29.82 ? 65  ALA A CB  1 
ATOM   387  N  N   . THR A 1 66  ? -6.305  -17.997 -13.512 1.00 34.08 ? 66  THR A N   1 
ATOM   388  C  CA  . THR A 1 66  ? -7.655  -18.456 -13.210 1.00 39.23 ? 66  THR A CA  1 
ATOM   389  C  C   . THR A 1 66  ? -7.636  -19.713 -12.328 1.00 44.05 ? 66  THR A C   1 
ATOM   390  O  O   . THR A 1 66  ? -8.674  -20.381 -12.176 1.00 48.22 ? 66  THR A O   1 
ATOM   391  C  CB  . THR A 1 66  ? -8.377  -18.837 -14.522 1.00 40.06 ? 66  THR A CB  1 
ATOM   392  O  OG1 . THR A 1 66  ? -7.675  -19.910 -15.148 1.00 41.07 ? 66  THR A OG1 1 
ATOM   393  C  CG2 . THR A 1 66  ? -8.387  -17.691 -15.460 1.00 40.03 ? 66  THR A CG2 1 
ATOM   394  N  N   . ASP A 1 67  ? -6.475  -20.014 -11.740 1.00 37.33 ? 67  ASP A N   1 
ATOM   395  C  CA  . ASP A 1 67  ? -6.208  -21.271 -11.101 1.00 35.33 ? 67  ASP A CA  1 
ATOM   396  C  C   . ASP A 1 67  ? -6.385  -21.262 -9.562  1.00 35.57 ? 67  ASP A C   1 
ATOM   397  O  O   . ASP A 1 67  ? -5.999  -22.197 -8.892  1.00 43.53 ? 67  ASP A O   1 
ATOM   398  C  CB  . ASP A 1 67  ? -4.805  -21.728 -11.520 1.00 33.66 ? 67  ASP A CB  1 
ATOM   399  C  CG  . ASP A 1 67  ? -3.682  -20.868 -10.935 1.00 34.72 ? 67  ASP A CG  1 
ATOM   400  O  OD1 . ASP A 1 67  ? -3.936  -19.803 -10.327 1.00 30.64 ? 67  ASP A OD1 1 
ATOM   401  O  OD2 . ASP A 1 67  ? -2.540  -21.312 -11.034 1.00 37.79 ? 67  ASP A OD2 1 
ATOM   402  N  N   . GLY A 1 68  ? -6.931  -20.199 -8.995  1.00 32.79 ? 68  GLY A N   1 
ATOM   403  C  CA  . GLY A 1 68  ? -6.980  -20.075 -7.544  1.00 31.35 ? 68  GLY A CA  1 
ATOM   404  C  C   . GLY A 1 68  ? -5.978  -19.093 -6.986  1.00 29.05 ? 68  GLY A C   1 
ATOM   405  O  O   . GLY A 1 68  ? -6.084  -18.740 -5.790  1.00 28.79 ? 68  GLY A O   1 
ATOM   406  N  N   . SER A 1 69  ? -5.049  -18.635 -7.838  1.00 26.14 ? 69  SER A N   1 
ATOM   407  C  CA  . SER A 1 69  ? -3.978  -17.751 -7.394  1.00 25.31 ? 69  SER A CA  1 
ATOM   408  C  C   . SER A 1 69  ? -4.510  -16.380 -7.081  1.00 19.96 ? 69  SER A C   1 
ATOM   409  O  O   . SER A 1 69  ? -5.540  -15.946 -7.640  1.00 23.54 ? 69  SER A O   1 
ATOM   410  C  CB  . SER A 1 69  ? -2.868  -17.683 -8.428  1.00 26.63 ? 69  SER A CB  1 
ATOM   411  O  OG  . SER A 1 69  ? -2.193  -18.916 -8.525  1.00 29.45 ? 69  SER A OG  1 
ATOM   412  N  N   . GLY A 1 70  ? -3.858  -15.700 -6.145  1.00 18.78 ? 70  GLY A N   1 
ATOM   413  C  CA  . GLY A 1 70  ? -4.070  -14.326 -5.815  1.00 17.08 ? 70  GLY A CA  1 
ATOM   414  C  C   . GLY A 1 70  ? -3.664  -13.406 -6.975  1.00 17.08 ? 70  GLY A C   1 
ATOM   415  O  O   . GLY A 1 70  ? -3.139  -13.837 -7.962  1.00 18.48 ? 70  GLY A O   1 
ATOM   416  N  N   . THR A 1 71  ? -3.922  -12.147 -6.791  1.00 17.10 ? 71  THR A N   1 
ATOM   417  C  CA  . THR A 1 71  ? -3.638  -11.104 -7.817  1.00 16.21 ? 71  THR A CA  1 
ATOM   418  C  C   . THR A 1 71  ? -2.525  -10.204 -7.321  1.00 16.89 ? 71  THR A C   1 
ATOM   419  O  O   . THR A 1 71  ? -2.723  -9.411  -6.342  1.00 17.18 ? 71  THR A O   1 
ATOM   420  C  CB  . THR A 1 71  ? -4.883  -10.254 -8.058  1.00 19.07 ? 71  THR A CB  1 
ATOM   421  O  OG1 . THR A 1 71  ? -5.973  -11.113 -8.461  1.00 20.59 ? 71  THR A OG1 1 
ATOM   422  C  CG2 . THR A 1 71  ? -4.645  -9.170  -9.115  1.00 16.99 ? 71  THR A CG2 1 
ATOM   423  N  N   . ALA A 1 72  ? -1.384  -10.220 -8.031  1.00 19.26 ? 72  ALA A N   1 
ATOM   424  C  CA  . ALA A 1 72  ? -0.251  -9.398  -7.583  1.00 17.24 ? 72  ALA A CA  1 
ATOM   425  C  C   . ALA A 1 72  ? -0.491  -7.936  -7.745  1.00 17.02 ? 72  ALA A C   1 
ATOM   426  O  O   . ALA A 1 72  ? -1.084  -7.480  -8.748  1.00 16.81 ? 72  ALA A O   1 
ATOM   427  C  CB  . ALA A 1 72  ? 1.052   -9.768  -8.321  1.00 18.90 ? 72  ALA A CB  1 
ATOM   428  N  N   . LEU A 1 73  ? -0.010  -7.164  -6.769  1.00 16.48 ? 73  LEU A N   1 
ATOM   429  C  CA  . LEU A 1 73  ? -0.116  -5.718  -6.855  1.00 18.40 ? 73  LEU A CA  1 
ATOM   430  C  C   . LEU A 1 73  ? 0.942   -5.029  -5.965  1.00 18.94 ? 73  LEU A C   1 
ATOM   431  O  O   . LEU A 1 73  ? 1.598   -5.709  -5.137  1.00 19.28 ? 73  LEU A O   1 
ATOM   432  C  CB  . LEU A 1 73  ? -1.536  -5.258  -6.438  1.00 18.11 ? 73  LEU A CB  1 
ATOM   433  C  CG  . LEU A 1 73  ? -1.888  -5.151  -4.939  1.00 19.20 ? 73  LEU A CG  1 
ATOM   434  C  CD1 . LEU A 1 73  ? -3.336  -4.681  -4.819  1.00 22.56 ? 73  LEU A CD1 1 
ATOM   435  C  CD2 . LEU A 1 73  ? -1.757  -6.436  -4.197  1.00 21.17 ? 73  LEU A CD2 1 
ATOM   436  N  N   . GLY A 1 74  ? 1.157   -3.733  -6.200  1.00 16.03 ? 74  GLY A N   1 
ATOM   437  C  CA  . GLY A 1 74  ? 1.914   -2.927  -5.280  1.00 16.36 ? 74  GLY A CA  1 
ATOM   438  C  C   . GLY A 1 74  ? 1.611   -1.495  -5.422  1.00 15.12 ? 74  GLY A C   1 
ATOM   439  O  O   . GLY A 1 74  ? 1.001   -1.065  -6.398  1.00 17.01 ? 74  GLY A O   1 
ATOM   440  N  N   . TRP A 1 75  ? 1.951   -0.735  -4.375  1.00 14.43 ? 75  TRP A N   1 
ATOM   441  C  CA  . TRP A 1 75  ? 1.829   0.676   -4.379  1.00 13.94 ? 75  TRP A CA  1 
ATOM   442  C  C   . TRP A 1 75  ? 2.845   1.430   -3.526  1.00 16.58 ? 75  TRP A C   1 
ATOM   443  O  O   . TRP A 1 75  ? 3.525   0.806   -2.728  1.00 15.09 ? 75  TRP A O   1 
ATOM   444  C  CB  . TRP A 1 75  ? 0.416   1.117   -4.053  1.00 13.61 ? 75  TRP A CB  1 
ATOM   445  C  CG  . TRP A 1 75  ? 0.031   0.863   -2.616  1.00 11.34 ? 75  TRP A CG  1 
ATOM   446  C  CD1 . TRP A 1 75  ? 0.170   1.802   -1.543  1.00 12.92 ? 75  TRP A CD1 1 
ATOM   447  C  CD2 . TRP A 1 75  ? -0.507  -0.310  -2.015  1.00 11.55 ? 75  TRP A CD2 1 
ATOM   448  N  NE1 . TRP A 1 75  ? -0.285  1.209   -0.402  1.00 12.50 ? 75  TRP A NE1 1 
ATOM   449  C  CE2 . TRP A 1 75  ? -0.705  -0.047  -0.699  1.00 11.32 ? 75  TRP A CE2 1 
ATOM   450  C  CE3 . TRP A 1 75  ? -0.901  -1.570  -2.510  1.00 10.72 ? 75  TRP A CE3 1 
ATOM   451  C  CZ2 . TRP A 1 75  ? -1.251  -1.039  0.223   1.00 11.31 ? 75  TRP A CZ2 1 
ATOM   452  C  CZ3 . TRP A 1 75  ? -1.425  -2.514  -1.617  1.00 13.89 ? 75  TRP A CZ3 1 
ATOM   453  C  CH2 . TRP A 1 75  ? -1.584  -2.234  -0.327  1.00 12.32 ? 75  TRP A CH2 1 
ATOM   454  N  N   . THR A 1 76  ? 3.068   2.722   -3.834  1.00 14.39 ? 76  THR A N   1 
ATOM   455  C  CA  . THR A 1 76  ? 3.922   3.590   -3.056  1.00 13.97 ? 76  THR A CA  1 
ATOM   456  C  C   . THR A 1 76  ? 3.230   4.777   -2.482  1.00 13.59 ? 76  THR A C   1 
ATOM   457  O  O   . THR A 1 76  ? 2.314   5.373   -3.110  1.00 15.09 ? 76  THR A O   1 
ATOM   458  C  CB  . THR A 1 76  ? 5.026   4.153   -4.022  1.00 15.47 ? 76  THR A CB  1 
ATOM   459  O  OG1 . THR A 1 76  ? 5.651   3.068   -4.723  1.00 16.11 ? 76  THR A OG1 1 
ATOM   460  C  CG2 . THR A 1 76  ? 6.056   4.944   -3.312  1.00 15.90 ? 76  THR A CG2 1 
ATOM   461  N  N   . VAL A 1 77  ? 3.742   5.185   -1.335  1.00 13.79 ? 77  VAL A N   1 
ATOM   462  C  CA  . VAL A 1 77  ? 3.430   6.448   -0.626  1.00 16.05 ? 77  VAL A CA  1 
ATOM   463  C  C   . VAL A 1 77  ? 4.709   7.119   -0.293  1.00 16.17 ? 77  VAL A C   1 
ATOM   464  O  O   . VAL A 1 77  ? 5.577   6.545   0.340   1.00 17.57 ? 77  VAL A O   1 
ATOM   465  C  CB  . VAL A 1 77  ? 2.567   6.223   0.655   1.00 15.43 ? 77  VAL A CB  1 
ATOM   466  C  CG1 . VAL A 1 77  ? 2.484   7.517   1.521   1.00 17.43 ? 77  VAL A CG1 1 
ATOM   467  C  CG2 . VAL A 1 77  ? 1.176   5.794   0.252   1.00 17.76 ? 77  VAL A CG2 1 
ATOM   468  N  N   . ALA A 1 78  ? 4.921   8.340   -0.813  1.00 15.30 ? 78  ALA A N   1 
ATOM   469  C  CA  . ALA A 1 78  ? 5.895   9.235   -0.219  1.00 15.04 ? 78  ALA A CA  1 
ATOM   470  C  C   . ALA A 1 78  ? 5.284   10.100  0.870   1.00 15.52 ? 78  ALA A C   1 
ATOM   471  O  O   . ALA A 1 78  ? 4.284   10.722  0.643   1.00 14.56 ? 78  ALA A O   1 
ATOM   472  C  CB  . ALA A 1 78  ? 6.508   10.178  -1.333  1.00 14.28 ? 78  ALA A CB  1 
ATOM   473  N  N   . TRP A 1 79  ? 5.926   10.158  1.991   1.00 17.17 ? 79  TRP A N   1 
ATOM   474  C  CA  . TRP A 1 79  ? 5.403   10.734  3.220   1.00 16.86 ? 79  TRP A CA  1 
ATOM   475  C  C   . TRP A 1 79  ? 5.493   12.210  3.335   1.00 16.97 ? 79  TRP A C   1 
ATOM   476  O  O   . TRP A 1 79  ? 5.877   12.777  4.376   1.00 14.94 ? 79  TRP A O   1 
ATOM   477  C  CB  . TRP A 1 79  ? 5.881   9.952   4.472   1.00 16.82 ? 79  TRP A CB  1 
ATOM   478  C  CG  . TRP A 1 79  ? 5.527   8.505   4.432   1.00 17.00 ? 79  TRP A CG  1 
ATOM   479  C  CD1 . TRP A 1 79  ? 6.374   7.460   4.155   1.00 17.09 ? 79  TRP A CD1 1 
ATOM   480  C  CD2 . TRP A 1 79  ? 4.259   7.946   4.703   1.00 16.76 ? 79  TRP A CD2 1 
ATOM   481  N  NE1 . TRP A 1 79  ? 5.726   6.285   4.251   1.00 17.19 ? 79  TRP A NE1 1 
ATOM   482  C  CE2 . TRP A 1 79  ? 4.377   6.529   4.481   1.00 17.57 ? 79  TRP A CE2 1 
ATOM   483  C  CE3 . TRP A 1 79  ? 2.984   8.493   5.024   1.00 16.74 ? 79  TRP A CE3 1 
ATOM   484  C  CZ2 . TRP A 1 79  ? 3.326   5.627   4.749   1.00 15.98 ? 79  TRP A CZ2 1 
ATOM   485  C  CZ3 . TRP A 1 79  ? 1.944   7.642   5.203   1.00 18.21 ? 79  TRP A CZ3 1 
ATOM   486  C  CH2 . TRP A 1 79  ? 2.080   6.202   5.031   1.00 15.55 ? 79  TRP A CH2 1 
ATOM   487  N  N   . LYS A 1 80  ? 5.047   12.865  2.257   1.00 17.45 ? 80  LYS A N   1 
ATOM   488  C  CA  . LYS A 1 80  ? 4.965   14.327  2.182   1.00 17.76 ? 80  LYS A CA  1 
ATOM   489  C  C   . LYS A 1 80  ? 3.538   14.661  1.809   1.00 16.21 ? 80  LYS A C   1 
ATOM   490  O  O   . LYS A 1 80  ? 3.004   14.086  0.879   1.00 16.82 ? 80  LYS A O   1 
ATOM   491  C  CB  . LYS A 1 80  ? 5.922   14.924  1.140   1.00 19.15 ? 80  LYS A CB  1 
ATOM   492  C  CG  . LYS A 1 80  ? 5.801   16.457  0.960   1.00 21.44 ? 80  LYS A CG  1 
ATOM   493  C  CD  . LYS A 1 80  ? 6.700   17.002  -0.123  1.00 22.74 ? 80  LYS A CD  1 
ATOM   494  C  CE  . LYS A 1 80  ? 6.725   18.526  -0.160  1.00 26.05 ? 80  LYS A CE  1 
ATOM   495  N  NZ  . LYS A 1 80  ? 5.404   18.954  -0.655  1.00 29.28 ? 80  LYS A NZ  1 
ATOM   496  N  N   . ASN A 1 81  ? 2.969   15.590  2.520   1.00 14.84 ? 81  ASN A N   1 
ATOM   497  C  CA  . ASN A 1 81  ? 1.617   16.168  2.113   1.00 15.54 ? 81  ASN A CA  1 
ATOM   498  C  C   . ASN A 1 81  ? 1.612   17.626  2.620   1.00 17.80 ? 81  ASN A C   1 
ATOM   499  O  O   . ASN A 1 81  ? 2.616   18.164  2.976   1.00 20.50 ? 81  ASN A O   1 
ATOM   500  C  CB  . ASN A 1 81  ? 0.442   15.313  2.679   1.00 17.99 ? 81  ASN A CB  1 
ATOM   501  C  CG  . ASN A 1 81  ? 0.319   15.345  4.189   1.00 17.09 ? 81  ASN A CG  1 
ATOM   502  O  OD1 . ASN A 1 81  ? 1.053   16.089  4.895   1.00 18.57 ? 81  ASN A OD1 1 
ATOM   503  N  ND2 . ASN A 1 81  ? -0.582  14.515  4.718   1.00 18.61 ? 81  ASN A ND2 1 
ATOM   504  N  N   . ASN A 1 82  ? 0.461   18.257  2.667   1.00 18.81 ? 82  ASN A N   1 
ATOM   505  C  CA  . ASN A 1 82  ? 0.492   19.684  3.121   1.00 22.40 ? 82  ASN A CA  1 
ATOM   506  C  C   . ASN A 1 82  ? 0.742   19.879  4.568   1.00 21.53 ? 82  ASN A C   1 
ATOM   507  O  O   . ASN A 1 82  ? 0.942   21.042  4.965   1.00 23.99 ? 82  ASN A O   1 
ATOM   508  C  CB  . ASN A 1 82  ? -0.830  20.374  2.678   1.00 23.64 ? 82  ASN A CB  1 
ATOM   509  C  CG  . ASN A 1 82  ? -0.909  20.547  1.177   1.00 30.98 ? 82  ASN A CG  1 
ATOM   510  O  OD1 . ASN A 1 82  ? 0.122   20.630  0.488   1.00 38.47 ? 82  ASN A OD1 1 
ATOM   511  N  ND2 . ASN A 1 82  ? -2.142  20.611  0.646   1.00 35.75 ? 82  ASN A ND2 1 
ATOM   512  N  N   . TYR A 1 83  ? 0.654   18.823  5.414   1.00 20.48 ? 83  TYR A N   1 
ATOM   513  C  CA  . TYR A 1 83  ? 0.818   18.936  6.847   1.00 20.37 ? 83  TYR A CA  1 
ATOM   514  C  C   . TYR A 1 83  ? 2.191   18.613  7.320   1.00 20.72 ? 83  TYR A C   1 
ATOM   515  O  O   . TYR A 1 83  ? 2.720   19.261  8.225   1.00 20.26 ? 83  TYR A O   1 
ATOM   516  C  CB  . TYR A 1 83  ? -0.142  17.993  7.560   1.00 22.32 ? 83  TYR A CB  1 
ATOM   517  C  CG  . TYR A 1 83  ? -1.571  18.333  7.264   1.00 23.78 ? 83  TYR A CG  1 
ATOM   518  C  CD1 . TYR A 1 83  ? -2.176  19.424  7.869   1.00 33.60 ? 83  TYR A CD1 1 
ATOM   519  C  CD2 . TYR A 1 83  ? -2.264  17.626  6.320   1.00 27.17 ? 83  TYR A CD2 1 
ATOM   520  C  CE1 . TYR A 1 83  ? -3.488  19.784  7.540   1.00 35.96 ? 83  TYR A CE1 1 
ATOM   521  C  CE2 . TYR A 1 83  ? -3.557  17.962  5.967   1.00 32.87 ? 83  TYR A CE2 1 
ATOM   522  C  CZ  . TYR A 1 83  ? -4.175  19.023  6.589   1.00 38.29 ? 83  TYR A CZ  1 
ATOM   523  O  OH  . TYR A 1 83  ? -5.480  19.292  6.229   1.00 38.72 ? 83  TYR A OH  1 
ATOM   524  N  N   . ARG A 1 84  ? 2.792   17.612  6.693   1.00 20.53 ? 84  ARG A N   1 
ATOM   525  C  CA  . ARG A 1 84  ? 4.136   17.147  7.120   1.00 21.49 ? 84  ARG A CA  1 
ATOM   526  C  C   . ARG A 1 84  ? 5.009   16.572  6.051   1.00 20.18 ? 84  ARG A C   1 
ATOM   527  O  O   . ARG A 1 84  ? 4.511   16.151  5.024   1.00 20.18 ? 84  ARG A O   1 
ATOM   528  C  CB  . ARG A 1 84  ? 3.977   15.986  8.142   1.00 24.52 ? 84  ARG A CB  1 
ATOM   529  C  CG  . ARG A 1 84  ? 3.105   16.248  9.369   1.00 28.92 ? 84  ARG A CG  1 
ATOM   530  C  CD  . ARG A 1 84  ? 3.382   15.235  10.415  1.00 32.55 ? 84  ARG A CD  1 
ATOM   531  N  NE  . ARG A 1 84  ? 2.424   15.327  11.502  1.00 32.87 ? 84  ARG A NE  1 
ATOM   532  C  CZ  . ARG A 1 84  ? 2.446   14.546  12.552  1.00 31.43 ? 84  ARG A CZ  1 
ATOM   533  N  NH1 . ARG A 1 84  ? 1.549   14.735  13.506  1.00 34.50 ? 84  ARG A NH1 1 
ATOM   534  N  NH2 . ARG A 1 84  ? 3.438   13.630  12.674  1.00 29.99 ? 84  ARG A NH2 1 
ATOM   535  N  N   . ASN A 1 85  ? 6.304   16.405  6.385   1.00 19.03 ? 85  ASN A N   1 
ATOM   536  C  CA  . ASN A 1 85  ? 7.209   15.716  5.496   1.00 20.43 ? 85  ASN A CA  1 
ATOM   537  C  C   . ASN A 1 85  ? 8.172   14.894  6.281   1.00 20.25 ? 85  ASN A C   1 
ATOM   538  O  O   . ASN A 1 85  ? 8.996   15.426  7.021   1.00 21.26 ? 85  ASN A O   1 
ATOM   539  C  CB  . ASN A 1 85  ? 7.998   16.681  4.591   1.00 18.64 ? 85  ASN A CB  1 
ATOM   540  C  CG  . ASN A 1 85  ? 8.727   15.977  3.478   1.00 20.25 ? 85  ASN A CG  1 
ATOM   541  O  OD1 . ASN A 1 85  ? 8.802   14.762  3.421   1.00 21.38 ? 85  ASN A OD1 1 
ATOM   542  N  ND2 . ASN A 1 85  ? 9.185   16.761  2.536   1.00 18.60 ? 85  ASN A ND2 1 
ATOM   543  N  N   . ALA A 1 86  ? 8.004   13.569  6.206   1.00 17.69 ? 86  ALA A N   1 
ATOM   544  C  CA  . ALA A 1 86  ? 8.788   12.624  6.958   1.00 19.90 ? 86  ALA A CA  1 
ATOM   545  C  C   . ALA A 1 86  ? 9.960   12.056  6.160   1.00 19.22 ? 86  ALA A C   1 
ATOM   546  O  O   . ALA A 1 86  ? 10.587  11.105  6.607   1.00 19.85 ? 86  ALA A O   1 
ATOM   547  C  CB  . ALA A 1 86  ? 7.906   11.503  7.489   1.00 22.37 ? 86  ALA A CB  1 
ATOM   548  N  N   . HIS A 1 87  ? 10.242  12.654  4.983   1.00 19.70 ? 87  HIS A N   1 
ATOM   549  C  CA  . HIS A 1 87  ? 11.422  12.369  4.165   1.00 20.60 ? 87  HIS A CA  1 
ATOM   550  C  C   . HIS A 1 87  ? 11.663  10.841  4.023   1.00 18.52 ? 87  HIS A C   1 
ATOM   551  O  O   . HIS A 1 87  ? 12.740  10.311  4.344   1.00 17.82 ? 87  HIS A O   1 
ATOM   552  C  CB  . HIS A 1 87  ? 12.627  13.061  4.752   1.00 20.71 ? 87  HIS A CB  1 
ATOM   553  C  CG  . HIS A 1 87  ? 12.478  14.555  4.842   1.00 20.38 ? 87  HIS A CG  1 
ATOM   554  N  ND1 . HIS A 1 87  ? 12.185  15.369  3.749   1.00 18.82 ? 87  HIS A ND1 1 
ATOM   555  C  CD2 . HIS A 1 87  ? 12.623  15.382  5.910   1.00 20.07 ? 87  HIS A CD2 1 
ATOM   556  C  CE1 . HIS A 1 87  ? 12.164  16.633  4.157   1.00 19.63 ? 87  HIS A CE1 1 
ATOM   557  N  NE2 . HIS A 1 87  ? 12.447  16.659  5.441   1.00 18.37 ? 87  HIS A NE2 1 
ATOM   558  N  N   . SER A 1 88  ? 10.591  10.202  3.555   1.00 18.10 ? 88  SER A N   1 
ATOM   559  C  CA  . SER A 1 88  ? 10.542  8.763   3.426   1.00 16.77 ? 88  SER A CA  1 
ATOM   560  C  C   . SER A 1 88  ? 9.476   8.319   2.450   1.00 16.83 ? 88  SER A C   1 
ATOM   561  O  O   . SER A 1 88  ? 8.516   9.056   2.165   1.00 17.89 ? 88  SER A O   1 
ATOM   562  C  CB  . SER A 1 88  ? 10.263  8.104   4.805   1.00 16.99 ? 88  SER A CB  1 
ATOM   563  O  OG  . SER A 1 88  ? 9.176   8.757   5.520   1.00 17.96 ? 88  SER A OG  1 
ATOM   564  N  N   . ALA A 1 89  ? 9.588   7.053   2.032   1.00 16.30 ? 89  ALA A N   1 
ATOM   565  C  CA  . ALA A 1 89  ? 8.623   6.425   1.189   1.00 15.93 ? 89  ALA A CA  1 
ATOM   566  C  C   . ALA A 1 89  ? 8.401   4.938   1.587   1.00 15.62 ? 89  ALA A C   1 
ATOM   567  O  O   . ALA A 1 89  ? 9.384   4.234   1.925   1.00 15.49 ? 89  ALA A O   1 
ATOM   568  C  CB  . ALA A 1 89  ? 9.039   6.540   -0.230  1.00 18.07 ? 89  ALA A CB  1 
ATOM   569  N  N   . THR A 1 90  ? 7.154   4.488   1.624   1.00 15.54 ? 90  THR A N   1 
ATOM   570  C  CA  . THR A 1 90  ? 6.868   3.077   1.783   1.00 14.03 ? 90  THR A CA  1 
ATOM   571  C  C   . THR A 1 90  ? 6.389   2.489   0.506   1.00 13.26 ? 90  THR A C   1 
ATOM   572  O  O   . THR A 1 90  ? 5.544   3.112   -0.175  1.00 14.69 ? 90  THR A O   1 
ATOM   573  C  CB  . THR A 1 90  ? 5.862   2.889   2.857   1.00 15.24 ? 90  THR A CB  1 
ATOM   574  O  OG1 . THR A 1 90  ? 6.327   3.483   4.074   1.00 14.69 ? 90  THR A OG1 1 
ATOM   575  C  CG2 . THR A 1 90  ? 5.585   1.460   3.116   1.00 16.31 ? 90  THR A CG2 1 
ATOM   576  N  N   . THR A 1 91  ? 6.849   1.328   0.148   1.00 12.30 ? 91  THR A N   1 
ATOM   577  C  CA  . THR A 1 91  ? 6.257   0.485   -0.888  1.00 12.81 ? 91  THR A CA  1 
ATOM   578  C  C   . THR A 1 91  ? 5.672   -0.783  -0.326  1.00 14.42 ? 91  THR A C   1 
ATOM   579  O  O   . THR A 1 91  ? 6.362   -1.476  0.472   1.00 15.08 ? 91  THR A O   1 
ATOM   580  C  CB  . THR A 1 91  ? 7.158   0.167   -2.027  1.00 15.40 ? 91  THR A CB  1 
ATOM   581  O  OG1 . THR A 1 91  ? 8.259   -0.583  -1.575  1.00 14.56 ? 91  THR A OG1 1 
ATOM   582  C  CG2 . THR A 1 91  ? 7.789   1.422   -2.668  1.00 14.46 ? 91  THR A CG2 1 
ATOM   583  N  N   . TRP A 1 92  ? 4.345   -1.070  -0.656  1.00 12.45 ? 92  TRP A N   1 
ATOM   584  C  CA  . TRP A 1 92  ? 3.786   -2.348  -0.303  1.00 12.08 ? 92  TRP A CA  1 
ATOM   585  C  C   . TRP A 1 92  ? 3.758   -3.203  -1.550  1.00 13.38 ? 92  TRP A C   1 
ATOM   586  O  O   . TRP A 1 92  ? 3.347   -2.726  -2.598  1.00 15.56 ? 92  TRP A O   1 
ATOM   587  C  CB  . TRP A 1 92  ? 2.253   -2.163  0.161   1.00 10.89 ? 92  TRP A CB  1 
ATOM   588  C  CG  . TRP A 1 92  ? 2.083   -1.428  1.481   1.00 9.21  ? 92  TRP A CG  1 
ATOM   589  C  CD1 . TRP A 1 92  ? 1.727   -2.050  2.693   1.00 10.81 ? 92  TRP A CD1 1 
ATOM   590  C  CD2 . TRP A 1 92  ? 2.217   -0.062  1.767   1.00 10.08 ? 92  TRP A CD2 1 
ATOM   591  N  NE1 . TRP A 1 92  ? 1.694   -1.071  3.669   1.00 11.13 ? 92  TRP A NE1 1 
ATOM   592  C  CE2 . TRP A 1 92  ? 1.958   0.139   3.051   1.00 10.30 ? 92  TRP A CE2 1 
ATOM   593  C  CE3 . TRP A 1 92  ? 2.430   1.066   0.952   1.00 11.48 ? 92  TRP A CE3 1 
ATOM   594  C  CZ2 . TRP A 1 92  ? 1.994   1.459   3.676   1.00 10.89 ? 92  TRP A CZ2 1 
ATOM   595  C  CZ3 . TRP A 1 92  ? 2.420   2.377   1.535   1.00 13.86 ? 92  TRP A CZ3 1 
ATOM   596  C  CH2 . TRP A 1 92  ? 2.191   2.559   2.824   1.00 13.78 ? 92  TRP A CH2 1 
ATOM   597  N  N   . SER A 1 93  ? 4.080   -4.472  -1.384  1.00 14.15 ? 93  SER A N   1 
ATOM   598  C  CA  . SER A 1 93  ? 4.120   -5.469  -2.488  1.00 13.83 ? 93  SER A CA  1 
ATOM   599  C  C   . SER A 1 93  ? 3.382   -6.668  -1.967  1.00 15.71 ? 93  SER A C   1 
ATOM   600  O  O   . SER A 1 93  ? 3.613   -7.142  -0.824  1.00 15.78 ? 93  SER A O   1 
ATOM   601  C  CB  . SER A 1 93  ? 5.599   -5.802  -2.788  1.00 12.50 ? 93  SER A CB  1 
ATOM   602  O  OG  . SER A 1 93  ? 5.602   -6.773  -3.870  1.00 14.94 ? 93  SER A OG  1 
ATOM   603  N  N   . GLY A 1 94  ? 2.388   -7.168  -2.722  1.00 17.32 ? 94  GLY A N   1 
ATOM   604  C  CA  . GLY A 1 94  ? 1.610   -8.239  -2.168  1.00 17.15 ? 94  GLY A CA  1 
ATOM   605  C  C   . GLY A 1 94  ? 0.619   -8.841  -3.147  1.00 16.26 ? 94  GLY A C   1 
ATOM   606  O  O   . GLY A 1 94  ? 0.814   -8.709  -4.361  1.00 17.02 ? 94  GLY A O   1 
ATOM   607  N  N   . GLN A 1 95  ? -0.448  -9.437  -2.597  1.00 14.99 ? 95  GLN A N   1 
ATOM   608  C  CA  . GLN A 1 95  ? -1.473  -9.971  -3.450  1.00 15.82 ? 95  GLN A CA  1 
ATOM   609  C  C   . GLN A 1 95  ? -2.836  -9.814  -2.849  1.00 17.73 ? 95  GLN A C   1 
ATOM   610  O  O   . GLN A 1 95  ? -2.982  -9.889  -1.625  1.00 16.94 ? 95  GLN A O   1 
ATOM   611  C  CB  . GLN A 1 95  ? -1.122  -11.392 -3.869  1.00 15.50 ? 95  GLN A CB  1 
ATOM   612  C  CG  . GLN A 1 95  ? -1.062  -12.421 -2.736  1.00 16.24 ? 95  GLN A CG  1 
ATOM   613  C  CD  . GLN A 1 95  ? -0.703  -13.816 -3.238  1.00 18.61 ? 95  GLN A CD  1 
ATOM   614  O  OE1 . GLN A 1 95  ? -1.203  -14.306 -4.278  1.00 17.46 ? 95  GLN A OE1 1 
ATOM   615  N  NE2 . GLN A 1 95  ? 0.252   -14.492 -2.509  1.00 21.79 ? 95  GLN A NE2 1 
ATOM   616  N  N   . TYR A 1 96  ? -3.806  -9.546  -3.734  1.00 17.28 ? 96  TYR A N   1 
ATOM   617  C  CA  . TYR A 1 96  ? -5.248  -9.518  -3.382  1.00 17.34 ? 96  TYR A CA  1 
ATOM   618  C  C   . TYR A 1 96  ? -5.841  -10.921 -3.452  1.00 16.79 ? 96  TYR A C   1 
ATOM   619  O  O   . TYR A 1 96  ? -5.618  -11.639 -4.460  1.00 16.31 ? 96  TYR A O   1 
ATOM   620  C  CB  . TYR A 1 96  ? -5.908  -8.562  -4.346  1.00 17.42 ? 96  TYR A CB  1 
ATOM   621  C  CG  . TYR A 1 96  ? -7.386  -8.697  -4.442  1.00 18.52 ? 96  TYR A CG  1 
ATOM   622  C  CD1 . TYR A 1 96  ? -8.211  -8.036  -3.534  1.00 21.89 ? 96  TYR A CD1 1 
ATOM   623  C  CD2 . TYR A 1 96  ? -7.950  -9.539  -5.373  1.00 19.40 ? 96  TYR A CD2 1 
ATOM   624  C  CE1 . TYR A 1 96  ? -9.617  -8.117  -3.630  1.00 20.49 ? 96  TYR A CE1 1 
ATOM   625  C  CE2 . TYR A 1 96  ? -9.355  -9.669  -5.448  1.00 23.45 ? 96  TYR A CE2 1 
ATOM   626  C  CZ  . TYR A 1 96  ? -10.140 -9.004  -4.595  1.00 22.86 ? 96  TYR A CZ  1 
ATOM   627  O  OH  . TYR A 1 96  ? -11.513 -9.145  -4.731  1.00 26.74 ? 96  TYR A OH  1 
ATOM   628  N  N   . VAL A 1 97  ? -6.560  -11.357 -2.381  1.00 18.43 ? 97  VAL A N   1 
ATOM   629  C  CA  . VAL A 1 97  ? -7.173  -12.690 -2.380  1.00 20.90 ? 97  VAL A CA  1 
ATOM   630  C  C   . VAL A 1 97  ? -8.672  -12.417 -2.195  1.00 21.47 ? 97  VAL A C   1 
ATOM   631  O  O   . VAL A 1 97  ? -9.041  -11.738 -1.237  1.00 22.93 ? 97  VAL A O   1 
ATOM   632  C  CB  . VAL A 1 97  ? -6.652  -13.504 -1.172  1.00 23.31 ? 97  VAL A CB  1 
ATOM   633  C  CG1 . VAL A 1 97  ? -7.323  -14.850 -1.128  1.00 26.93 ? 97  VAL A CG1 1 
ATOM   634  C  CG2 . VAL A 1 97  ? -5.134  -13.641 -1.180  1.00 26.59 ? 97  VAL A CG2 1 
ATOM   635  N  N   . GLY A 1 98  ? -9.457  -12.817 -3.165  1.00 24.75 ? 98  GLY A N   1 
ATOM   636  C  CA  . GLY A 1 98  ? -10.892 -12.372 -3.237  1.00 30.07 ? 98  GLY A CA  1 
ATOM   637  C  C   . GLY A 1 98  ? -11.748 -13.315 -2.389  1.00 34.05 ? 98  GLY A C   1 
ATOM   638  O  O   . GLY A 1 98  ? -11.217 -14.250 -1.804  1.00 32.39 ? 98  GLY A O   1 
ATOM   639  N  N   . GLY A 1 99  ? -13.072 -13.089 -2.341  1.00 43.49 ? 99  GLY A N   1 
ATOM   640  C  CA  . GLY A 1 99  ? -13.980 -14.041 -1.678  1.00 47.39 ? 99  GLY A CA  1 
ATOM   641  C  C   . GLY A 1 99  ? -14.548 -13.480 -0.396  1.00 52.75 ? 99  GLY A C   1 
ATOM   642  O  O   . GLY A 1 99  ? -14.468 -12.256 -0.150  1.00 53.75 ? 99  GLY A O   1 
ATOM   643  N  N   . ALA A 1 100 ? -15.116 -14.371 0.426   1.00 51.29 ? 100 ALA A N   1 
ATOM   644  C  CA  . ALA A 1 100 ? -16.001 -13.951 1.499   1.00 48.46 ? 100 ALA A CA  1 
ATOM   645  C  C   . ALA A 1 100 ? -15.312 -12.984 2.440   1.00 49.07 ? 100 ALA A C   1 
ATOM   646  O  O   . ALA A 1 100 ? -15.862 -11.918 2.754   1.00 54.57 ? 100 ALA A O   1 
ATOM   647  C  CB  . ALA A 1 100 ? -16.563 -15.170 2.257   1.00 49.19 ? 100 ALA A CB  1 
ATOM   648  N  N   . GLU A 1 101 ? -14.109 -13.338 2.878   1.00 38.46 ? 101 GLU A N   1 
ATOM   649  C  CA  . GLU A 1 101 ? -13.277 -12.386 3.588   1.00 40.34 ? 101 GLU A CA  1 
ATOM   650  C  C   . GLU A 1 101 ? -12.073 -12.008 2.677   1.00 33.80 ? 101 GLU A C   1 
ATOM   651  O  O   . GLU A 1 101 ? -10.935 -12.504 2.851   1.00 36.24 ? 101 GLU A O   1 
ATOM   652  C  CB  . GLU A 1 101 ? -12.873 -12.915 4.967   1.00 42.43 ? 101 GLU A CB  1 
ATOM   653  C  CG  . GLU A 1 101 ? -13.827 -12.473 6.090   0.50 42.97 ? 101 GLU A CG  1 
ATOM   654  C  CD  . GLU A 1 101 ? -13.802 -13.398 7.288   0.50 41.00 ? 101 GLU A CD  1 
ATOM   655  O  OE1 . GLU A 1 101 ? -13.968 -14.609 7.083   0.50 39.41 ? 101 GLU A OE1 1 
ATOM   656  O  OE2 . GLU A 1 101 ? -13.609 -12.910 8.422   0.50 43.57 ? 101 GLU A OE2 1 
ATOM   657  N  N   . ALA A 1 102 ? -12.330 -11.118 1.720   1.00 30.93 ? 102 ALA A N   1 
ATOM   658  C  CA  . ALA A 1 102 ? -11.233 -10.608 0.859   1.00 28.57 ? 102 ALA A CA  1 
ATOM   659  C  C   . ALA A 1 102 ? -10.109 -9.985  1.669   1.00 24.55 ? 102 ALA A C   1 
ATOM   660  O  O   . ALA A 1 102 ? -10.325 -9.295  2.706   1.00 25.15 ? 102 ALA A O   1 
ATOM   661  C  CB  . ALA A 1 102 ? -11.750 -9.593  -0.165  1.00 31.81 ? 102 ALA A CB  1 
ATOM   662  N  N   . ARG A 1 103 ? -8.879  -10.167 1.159   1.00 22.65 ? 103 ARG A N   1 
ATOM   663  C  CA  . ARG A 1 103 ? -7.727  -9.611  1.843   1.00 21.84 ? 103 ARG A CA  1 
ATOM   664  C  C   . ARG A 1 103 ? -6.746  -9.122  0.801   1.00 18.70 ? 103 ARG A C   1 
ATOM   665  O  O   . ARG A 1 103 ? -6.672  -9.658  -0.311  1.00 16.85 ? 103 ARG A O   1 
ATOM   666  C  CB  . ARG A 1 103 ? -7.031  -10.688 2.734   1.00 25.82 ? 103 ARG A CB  1 
ATOM   667  C  CG  . ARG A 1 103 ? -7.758  -11.033 4.013   0.50 27.68 ? 103 ARG A CG  1 
ATOM   668  C  CD  . ARG A 1 103 ? -6.883  -11.928 4.861   0.50 29.94 ? 103 ARG A CD  1 
ATOM   669  N  NE  . ARG A 1 103 ? -7.569  -12.429 6.056   0.50 30.50 ? 103 ARG A NE  1 
ATOM   670  C  CZ  . ARG A 1 103 ? -7.623  -11.805 7.220   0.50 33.71 ? 103 ARG A CZ  1 
ATOM   671  N  NH1 . ARG A 1 103 ? -8.265  -12.349 8.243   0.50 36.84 ? 103 ARG A NH1 1 
ATOM   672  N  NH2 . ARG A 1 103 ? -7.021  -10.656 7.380   0.50 35.62 ? 103 ARG A NH2 1 
ATOM   673  N  N   . ILE A 1 104 ? -6.029  -8.095  1.178   1.00 17.85 ? 104 ILE A N   1 
ATOM   674  C  CA  . ILE A 1 104 ? -4.713  -7.831  0.565   1.00 18.47 ? 104 ILE A CA  1 
ATOM   675  C  C   . ILE A 1 104 ? -3.587  -8.127  1.570   1.00 16.76 ? 104 ILE A C   1 
ATOM   676  O  O   . ILE A 1 104 ? -3.441  -7.411  2.560   1.00 16.92 ? 104 ILE A O   1 
ATOM   677  C  CB  . ILE A 1 104 ? -4.679  -6.397  0.027   1.00 19.21 ? 104 ILE A CB  1 
ATOM   678  C  CG1 . ILE A 1 104 ? -5.896  -6.098  -0.857  1.00 21.30 ? 104 ILE A CG1 1 
ATOM   679  C  CG2 . ILE A 1 104 ? -3.419  -6.105  -0.793  1.00 20.05 ? 104 ILE A CG2 1 
ATOM   680  C  CD1 . ILE A 1 104 ? -5.966  -4.644  -1.270  1.00 21.99 ? 104 ILE A CD1 1 
ATOM   681  N  N   . ASN A 1 105 ? -2.718  -9.081  1.267   1.00 17.54 ? 105 ASN A N   1 
ATOM   682  C  CA  . ASN A 1 105 ? -1.594  -9.530  2.096   1.00 17.97 ? 105 ASN A CA  1 
ATOM   683  C  C   . ASN A 1 105 ? -0.305  -8.919  1.483   1.00 18.05 ? 105 ASN A C   1 
ATOM   684  O  O   . ASN A 1 105 ? -0.003  -9.156  0.343   1.00 18.27 ? 105 ASN A O   1 
ATOM   685  C  CB  . ASN A 1 105 ? -1.519  -11.029 2.088   1.00 18.51 ? 105 ASN A CB  1 
ATOM   686  C  CG  . ASN A 1 105 ? -2.720  -11.683 2.800   1.00 21.63 ? 105 ASN A CG  1 
ATOM   687  O  OD1 . ASN A 1 105 ? -3.158  -11.175 3.814   1.00 22.44 ? 105 ASN A OD1 1 
ATOM   688  N  ND2 . ASN A 1 105 ? -3.249  -12.750 2.222   1.00 21.21 ? 105 ASN A ND2 1 
ATOM   689  N  N   . THR A 1 106 ? 0.352   -8.056  2.254   1.00 15.38 ? 106 THR A N   1 
ATOM   690  C  CA  . THR A 1 106 ? 1.485   -7.324  1.795   1.00 16.00 ? 106 THR A CA  1 
ATOM   691  C  C   . THR A 1 106 ? 2.734   -7.505  2.718   1.00 14.48 ? 106 THR A C   1 
ATOM   692  O  O   . THR A 1 106 ? 2.643   -7.846  3.946   1.00 13.68 ? 106 THR A O   1 
ATOM   693  C  CB  . THR A 1 106 ? 1.247   -5.855  1.745   1.00 16.12 ? 106 THR A CB  1 
ATOM   694  O  OG1 . THR A 1 106 ? 1.189   -5.277  3.073   1.00 15.88 ? 106 THR A OG1 1 
ATOM   695  C  CG2 . THR A 1 106 ? -0.085  -5.519  0.897   1.00 17.34 ? 106 THR A CG2 1 
ATOM   696  N  N   . GLN A 1 107 ? 3.878   -7.328  2.113   1.00 13.92 ? 107 GLN A N   1 
ATOM   697  C  CA  . GLN A 1 107 ? 5.079   -6.950  2.797   1.00 13.99 ? 107 GLN A CA  1 
ATOM   698  C  C   . GLN A 1 107 ? 5.515   -5.586  2.292   1.00 13.37 ? 107 GLN A C   1 
ATOM   699  O  O   . GLN A 1 107 ? 5.137   -5.130  1.178   1.00 14.61 ? 107 GLN A O   1 
ATOM   700  C  CB  . GLN A 1 107 ? 6.193   -8.007  2.648   1.00 15.39 ? 107 GLN A CB  1 
ATOM   701  C  CG  . GLN A 1 107 ? 5.713   -9.339  3.272   1.00 17.22 ? 107 GLN A CG  1 
ATOM   702  C  CD  . GLN A 1 107 ? 6.754   -10.405 3.168   1.00 20.96 ? 107 GLN A CD  1 
ATOM   703  O  OE1 . GLN A 1 107 ? 7.550   -10.547 4.050   1.00 24.77 ? 107 GLN A OE1 1 
ATOM   704  N  NE2 . GLN A 1 107 ? 6.704   -11.239 2.078   1.00 18.55 ? 107 GLN A NE2 1 
ATOM   705  N  N   . TRP A 1 108 ? 6.157   -4.794  3.183   1.00 12.97 ? 108 TRP A N   1 
ATOM   706  C  CA  . TRP A 1 108 ? 6.544   -3.409  2.820   1.00 14.38 ? 108 TRP A CA  1 
ATOM   707  C  C   . TRP A 1 108 ? 7.981   -3.032  3.181   1.00 14.22 ? 108 TRP A C   1 
ATOM   708  O  O   . TRP A 1 108 ? 8.596   -3.658  4.017   1.00 15.04 ? 108 TRP A O   1 
ATOM   709  C  CB  . TRP A 1 108 ? 5.529   -2.373  3.373   1.00 13.80 ? 108 TRP A CB  1 
ATOM   710  C  CG  . TRP A 1 108 ? 5.305   -2.500  4.876   1.00 15.82 ? 108 TRP A CG  1 
ATOM   711  C  CD1 . TRP A 1 108 ? 4.227   -3.038  5.493   1.00 17.61 ? 108 TRP A CD1 1 
ATOM   712  C  CD2 . TRP A 1 108 ? 6.115   -1.940  5.932   1.00 15.53 ? 108 TRP A CD2 1 
ATOM   713  N  NE1 . TRP A 1 108 ? 4.349   -2.963  6.874   1.00 17.24 ? 108 TRP A NE1 1 
ATOM   714  C  CE2 . TRP A 1 108 ? 5.506   -2.321  7.180   1.00 15.34 ? 108 TRP A CE2 1 
ATOM   715  C  CE3 . TRP A 1 108 ? 7.368   -1.334  5.963   1.00 16.77 ? 108 TRP A CE3 1 
ATOM   716  C  CZ2 . TRP A 1 108 ? 5.997   -1.889  8.397   1.00 15.51 ? 108 TRP A CZ2 1 
ATOM   717  C  CZ3 . TRP A 1 108 ? 7.879   -0.914  7.198   1.00 15.77 ? 108 TRP A CZ3 1 
ATOM   718  C  CH2 . TRP A 1 108 ? 7.250   -1.325  8.404   1.00 16.46 ? 108 TRP A CH2 1 
ATOM   719  N  N   . LEU A 1 109 ? 8.519   -2.047  2.431   1.00 13.99 ? 109 LEU A N   1 
ATOM   720  C  CA  . LEU A 1 109 ? 9.836   -1.475  2.666   1.00 15.93 ? 109 LEU A CA  1 
ATOM   721  C  C   . LEU A 1 109 ? 9.656   0.022   2.826   1.00 17.73 ? 109 LEU A C   1 
ATOM   722  O  O   . LEU A 1 109 ? 9.148   0.662   1.916   1.00 16.75 ? 109 LEU A O   1 
ATOM   723  C  CB  . LEU A 1 109 ? 10.826  -1.699  1.498   1.00 17.50 ? 109 LEU A CB  1 
ATOM   724  C  CG  . LEU A 1 109 ? 11.164  -3.153  1.123   1.00 17.42 ? 109 LEU A CG  1 
ATOM   725  C  CD1 . LEU A 1 109 ? 11.734  -3.192  -0.271  1.00 17.60 ? 109 LEU A CD1 1 
ATOM   726  C  CD2 . LEU A 1 109 ? 12.000  -3.826  2.218   1.00 17.01 ? 109 LEU A CD2 1 
ATOM   727  N  N   . LEU A 1 110 ? 10.024  0.555   3.971   1.00 15.67 ? 110 LEU A N   1 
ATOM   728  C  CA  . LEU A 1 110 ? 10.040  1.986   4.281   1.00 16.64 ? 110 LEU A CA  1 
ATOM   729  C  C   . LEU A 1 110 ? 11.510  2.521   4.329   1.00 16.26 ? 110 LEU A C   1 
ATOM   730  O  O   . LEU A 1 110 ? 12.249  2.275   5.273   1.00 16.98 ? 110 LEU A O   1 
ATOM   731  C  CB  . LEU A 1 110 ? 9.333   2.179   5.601   1.00 17.54 ? 110 LEU A CB  1 
ATOM   732  C  CG  . LEU A 1 110 ? 9.338   3.522   6.391   1.00 21.23 ? 110 LEU A CG  1 
ATOM   733  C  CD1 . LEU A 1 110 ? 9.194   4.688   5.460   1.00 24.92 ? 110 LEU A CD1 1 
ATOM   734  C  CD2 . LEU A 1 110 ? 8.235   3.545   7.422   1.00 21.39 ? 110 LEU A CD2 1 
ATOM   735  N  N   . THR A 1 111 ? 11.877  3.290   3.288   1.00 16.15 ? 111 THR A N   1 
ATOM   736  C  CA  . THR A 1 111 ? 13.235  3.876   3.161   1.00 16.44 ? 111 THR A CA  1 
ATOM   737  C  C   . THR A 1 111 ? 13.131  5.374   3.544   1.00 17.13 ? 111 THR A C   1 
ATOM   738  O  O   . THR A 1 111 ? 12.148  6.109   3.053   1.00 15.64 ? 111 THR A O   1 
ATOM   739  C  CB  . THR A 1 111 ? 13.726  3.747   1.787   1.00 15.54 ? 111 THR A CB  1 
ATOM   740  O  OG1 . THR A 1 111 ? 13.655  2.379   1.319   1.00 14.01 ? 111 THR A OG1 1 
ATOM   741  C  CG2 . THR A 1 111 ? 15.212  4.316   1.638   1.00 15.40 ? 111 THR A CG2 1 
ATOM   742  N  N   . SER A 1 112 ? 13.962  5.803   4.471   1.00 14.14 ? 112 SER A N   1 
ATOM   743  C  CA  . SER A 1 112 ? 14.070  7.188   4.837   1.00 15.72 ? 112 SER A CA  1 
ATOM   744  C  C   . SER A 1 112 ? 15.217  7.771   4.025   1.00 17.34 ? 112 SER A C   1 
ATOM   745  O  O   . SER A 1 112 ? 16.198  7.067   3.770   1.00 17.18 ? 112 SER A O   1 
ATOM   746  C  CB  . SER A 1 112 ? 14.303  7.389   6.273   1.00 16.40 ? 112 SER A CB  1 
ATOM   747  O  OG  . SER A 1 112 ? 13.157  6.977   7.055   1.00 17.36 ? 112 SER A OG  1 
ATOM   748  N  N   . GLY A 1 113 ? 15.151  9.044   3.660   1.00 20.11 ? 113 GLY A N   1 
ATOM   749  C  CA  . GLY A 1 113 ? 16.365  9.700   3.173   1.00 21.74 ? 113 GLY A CA  1 
ATOM   750  C  C   . GLY A 1 113 ? 17.396  9.832   4.268   1.00 20.13 ? 113 GLY A C   1 
ATOM   751  O  O   . GLY A 1 113 ? 17.074  10.310  5.342   1.00 24.46 ? 113 GLY A O   1 
ATOM   752  N  N   . THR A 1 114 ? 18.628  9.388   4.049   1.00 21.39 ? 114 THR A N   1 
ATOM   753  C  CA  . THR A 1 114 ? 19.696  9.433   5.050   1.00 21.74 ? 114 THR A CA  1 
ATOM   754  C  C   . THR A 1 114 ? 20.988  9.966   4.427   1.00 22.36 ? 114 THR A C   1 
ATOM   755  O  O   . THR A 1 114 ? 21.134  9.996   3.222   1.00 22.29 ? 114 THR A O   1 
ATOM   756  C  CB  . THR A 1 114 ? 20.061  8.071   5.612   1.00 21.92 ? 114 THR A CB  1 
ATOM   757  O  OG1 . THR A 1 114 ? 20.649  7.263   4.570   1.00 22.11 ? 114 THR A OG1 1 
ATOM   758  C  CG2 . THR A 1 114 ? 18.801  7.332   6.175   1.00 21.86 ? 114 THR A CG2 1 
ATOM   759  N  N   . THR A 1 115 ? 21.925  10.396  5.256   1.00 23.10 ? 115 THR A N   1 
ATOM   760  C  CA  . THR A 1 115 ? 23.289  10.581  4.735   1.00 24.86 ? 115 THR A CA  1 
ATOM   761  C  C   . THR A 1 115 ? 23.901  9.224   4.333   1.00 28.71 ? 115 THR A C   1 
ATOM   762  O  O   . THR A 1 115 ? 23.430  8.142   4.747   1.00 23.56 ? 115 THR A O   1 
ATOM   763  C  CB  . THR A 1 115 ? 24.182  11.246  5.822   1.00 25.59 ? 115 THR A CB  1 
ATOM   764  O  OG1 . THR A 1 115 ? 24.145  10.436  7.025   1.00 27.79 ? 115 THR A OG1 1 
ATOM   765  C  CG2 . THR A 1 115 ? 23.626  12.593  6.151   1.00 25.94 ? 115 THR A CG2 1 
ATOM   766  N  N   . GLU A 1 116 ? 25.006  9.253   3.572   1.00 29.82 ? 116 GLU A N   1 
ATOM   767  C  CA  . GLU A 1 116 ? 25.801  8.037   3.256   1.00 31.19 ? 116 GLU A CA  1 
ATOM   768  C  C   . GLU A 1 116 ? 26.139  7.233   4.492   1.00 28.89 ? 116 GLU A C   1 
ATOM   769  O  O   . GLU A 1 116 ? 25.966  6.034   4.454   1.00 28.00 ? 116 GLU A O   1 
ATOM   770  C  CB  . GLU A 1 116 ? 27.148  8.362   2.547   1.00 35.25 ? 116 GLU A CB  1 
ATOM   771  C  CG  . GLU A 1 116 ? 27.076  8.314   1.049   0.50 35.07 ? 116 GLU A CG  1 
ATOM   772  C  CD  . GLU A 1 116 ? 25.888  9.057   0.542   0.50 34.60 ? 116 GLU A CD  1 
ATOM   773  O  OE1 . GLU A 1 116 ? 25.754  10.248  0.892   0.50 37.81 ? 116 GLU A OE1 1 
ATOM   774  O  OE2 . GLU A 1 116 ? 25.103  8.443   -0.192  0.50 36.63 ? 116 GLU A OE2 1 
ATOM   775  N  N   . ALA A 1 117 ? 26.585  7.911   5.561   1.00 28.09 ? 117 ALA A N   1 
ATOM   776  C  CA  . ALA A 1 117 ? 27.032  7.262   6.789   1.00 30.83 ? 117 ALA A CA  1 
ATOM   777  C  C   . ALA A 1 117 ? 25.917  6.508   7.476   1.00 31.09 ? 117 ALA A C   1 
ATOM   778  O  O   . ALA A 1 117 ? 26.192  5.541   8.169   1.00 29.65 ? 117 ALA A O   1 
ATOM   779  C  CB  . ALA A 1 117 ? 27.601  8.296   7.768   1.00 32.44 ? 117 ALA A CB  1 
ATOM   780  N  N   . ASN A 1 118 ? 24.665  6.952   7.290   1.00 27.57 ? 118 ASN A N   1 
ATOM   781  C  CA  . ASN A 1 118 ? 23.484  6.286   7.907   1.00 24.72 ? 118 ASN A CA  1 
ATOM   782  C  C   . ASN A 1 118 ? 22.674  5.398   6.954   1.00 22.09 ? 118 ASN A C   1 
ATOM   783  O  O   . ASN A 1 118 ? 21.648  4.915   7.360   1.00 21.72 ? 118 ASN A O   1 
ATOM   784  C  CB  . ASN A 1 118 ? 22.597  7.298   8.572   1.00 22.73 ? 118 ASN A CB  1 
ATOM   785  C  CG  . ASN A 1 118 ? 23.296  7.985   9.741   1.00 25.75 ? 118 ASN A CG  1 
ATOM   786  O  OD1 . ASN A 1 118 ? 24.187  7.409   10.366  1.00 30.38 ? 118 ASN A OD1 1 
ATOM   787  N  ND2 . ASN A 1 118 ? 22.938  9.180   10.006  1.00 27.53 ? 118 ASN A ND2 1 
ATOM   788  N  N   . ALA A 1 119 ? 23.067  5.295   5.692   1.00 21.54 ? 119 ALA A N   1 
ATOM   789  C  CA  . ALA A 1 119 ? 22.354  4.438   4.734   1.00 21.14 ? 119 ALA A CA  1 
ATOM   790  C  C   . ALA A 1 119 ? 22.090  2.997   5.228   1.00 20.89 ? 119 ALA A C   1 
ATOM   791  O  O   . ALA A 1 119 ? 21.042  2.403   4.898   1.00 21.81 ? 119 ALA A O   1 
ATOM   792  C  CB  . ALA A 1 119 ? 22.987  4.467   3.363   1.00 25.11 ? 119 ALA A CB  1 
ATOM   793  N  N   . TRP A 1 120 ? 23.044  2.413   5.944   1.00 18.96 ? 120 TRP A N   1 
ATOM   794  C  CA  . TRP A 1 120 ? 22.854  1.052   6.506   1.00 18.51 ? 120 TRP A CA  1 
ATOM   795  C  C   . TRP A 1 120 ? 21.524  0.897   7.311   1.00 19.49 ? 120 TRP A C   1 
ATOM   796  O  O   . TRP A 1 120 ? 20.926  -0.200  7.333   1.00 20.07 ? 120 TRP A O   1 
ATOM   797  C  CB  . TRP A 1 120 ? 24.099  0.525   7.303   1.00 16.89 ? 120 TRP A CB  1 
ATOM   798  C  CG  . TRP A 1 120 ? 24.237  1.211   8.597   1.00 16.56 ? 120 TRP A CG  1 
ATOM   799  C  CD1 . TRP A 1 120 ? 24.789  2.369   8.840   1.00 17.78 ? 120 TRP A CD1 1 
ATOM   800  C  CD2 . TRP A 1 120 ? 23.667  0.775   9.818   1.00 16.90 ? 120 TRP A CD2 1 
ATOM   801  N  NE1 . TRP A 1 120 ? 24.651  2.735   10.112  1.00 17.77 ? 120 TRP A NE1 1 
ATOM   802  C  CE2 . TRP A 1 120 ? 23.976  1.751   10.777  1.00 17.64 ? 120 TRP A CE2 1 
ATOM   803  C  CE3 . TRP A 1 120 ? 22.928  -0.336  10.202  1.00 19.25 ? 120 TRP A CE3 1 
ATOM   804  C  CZ2 . TRP A 1 120 ? 23.630  1.626   12.102  1.00 18.68 ? 120 TRP A CZ2 1 
ATOM   805  C  CZ3 . TRP A 1 120 ? 22.569  -0.463  11.516  1.00 17.46 ? 120 TRP A CZ3 1 
ATOM   806  C  CH2 . TRP A 1 120 ? 22.921  0.524   12.473  1.00 18.26 ? 120 TRP A CH2 1 
ATOM   807  N  N   . LYS A 1 121 ? 21.091  1.966   7.969   1.00 18.37 ? 121 LYS A N   1 
ATOM   808  C  CA  . LYS A 1 121 ? 19.885  1.958   8.818   1.00 17.80 ? 121 LYS A CA  1 
ATOM   809  C  C   . LYS A 1 121 ? 18.713  2.729   8.189   1.00 17.92 ? 121 LYS A C   1 
ATOM   810  O  O   . LYS A 1 121 ? 17.813  3.257   8.864   1.00 17.36 ? 121 LYS A O   1 
ATOM   811  C  CB  . LYS A 1 121 ? 20.212  2.412   10.240  1.00 19.50 ? 121 LYS A CB  1 
ATOM   812  C  CG  . LYS A 1 121 ? 20.797  3.764   10.367  1.00 22.31 ? 121 LYS A CG  1 
ATOM   813  C  CD  . LYS A 1 121 ? 20.836  4.231   11.783  1.00 23.13 ? 121 LYS A CD  1 
ATOM   814  C  CE  . LYS A 1 121 ? 21.678  5.473   11.862  1.00 27.76 ? 121 LYS A CE  1 
ATOM   815  N  NZ  . LYS A 1 121 ? 21.648  6.048   13.227  1.00 29.14 ? 121 LYS A NZ  1 
ATOM   816  N  N   . SER A 1 122 ? 18.718  2.839   6.849   1.00 17.73 ? 122 SER A N   1 
ATOM   817  C  CA  . SER A 1 122 ? 17.718  3.588   6.133   1.00 16.43 ? 122 SER A CA  1 
ATOM   818  C  C   . SER A 1 122 ? 16.351  2.909   5.904   1.00 16.71 ? 122 SER A C   1 
ATOM   819  O  O   . SER A 1 122 ? 15.338  3.585   5.656   1.00 17.48 ? 122 SER A O   1 
ATOM   820  C  CB  . SER A 1 122 ? 18.329  4.025   4.746   1.00 15.03 ? 122 SER A CB  1 
ATOM   821  O  OG  . SER A 1 122 ? 18.343  2.877   3.837   1.00 16.22 ? 122 SER A OG  1 
ATOM   822  N  N   . THR A 1 123 ? 16.274  1.577   5.975   1.00 14.47 ? 123 THR A N   1 
ATOM   823  C  CA  . THR A 1 123 ? 15.166  0.835   5.473   1.00 13.77 ? 123 THR A CA  1 
ATOM   824  C  C   . THR A 1 123 ? 14.554  -0.128  6.522   1.00 13.35 ? 123 THR A C   1 
ATOM   825  O  O   . THR A 1 123 ? 15.189  -1.086  6.936   1.00 15.19 ? 123 THR A O   1 
ATOM   826  C  CB  . THR A 1 123 ? 15.506  -0.024  4.271   1.00 13.98 ? 123 THR A CB  1 
ATOM   827  O  OG1 . THR A 1 123 ? 16.161  0.845   3.303   1.00 15.56 ? 123 THR A OG1 1 
ATOM   828  C  CG2 . THR A 1 123 ? 14.215  -0.513  3.636   1.00 16.70 ? 123 THR A CG2 1 
ATOM   829  N  N   . LEU A 1 124 ? 13.268  0.148   6.809   1.00 14.39 ? 124 LEU A N   1 
ATOM   830  C  CA  . LEU A 1 124 ? 12.439  -0.700  7.721   1.00 14.54 ? 124 LEU A CA  1 
ATOM   831  C  C   . LEU A 1 124 ? 11.707  -1.722  6.781   1.00 13.39 ? 124 LEU A C   1 
ATOM   832  O  O   . LEU A 1 124 ? 11.353  -1.396  5.638   1.00 14.99 ? 124 LEU A O   1 
ATOM   833  C  CB  . LEU A 1 124 ? 11.421  0.076   8.472   1.00 16.06 ? 124 LEU A CB  1 
ATOM   834  C  CG  . LEU A 1 124 ? 11.935  0.955   9.606   1.00 17.21 ? 124 LEU A CG  1 
ATOM   835  C  CD1 . LEU A 1 124 ? 10.733  1.767   10.059  1.00 19.08 ? 124 LEU A CD1 1 
ATOM   836  C  CD2 . LEU A 1 124 ? 12.417  0.056   10.750  1.00 18.70 ? 124 LEU A CD2 1 
ATOM   837  N  N   . VAL A 1 125 ? 11.366  -2.892  7.326   1.00 14.61 ? 125 VAL A N   1 
ATOM   838  C  CA  . VAL A 1 125 ? 10.619  -3.918  6.606   1.00 14.31 ? 125 VAL A CA  1 
ATOM   839  C  C   . VAL A 1 125 ? 9.551   -4.457  7.603   1.00 14.61 ? 125 VAL A C   1 
ATOM   840  O  O   . VAL A 1 125 ? 9.767   -4.590  8.829   1.00 16.10 ? 125 VAL A O   1 
ATOM   841  C  CB  . VAL A 1 125 ? 11.452  -5.087  6.078   1.00 14.37 ? 125 VAL A CB  1 
ATOM   842  C  CG1 . VAL A 1 125 ? 12.185  -5.887  7.191   1.00 15.39 ? 125 VAL A CG1 1 
ATOM   843  C  CG2 . VAL A 1 125 ? 10.643  -6.031  5.225   1.00 14.74 ? 125 VAL A CG2 1 
ATOM   844  N  N   . GLY A 1 126 ? 8.340   -4.614  7.039   1.00 13.61 ? 126 GLY A N   1 
ATOM   845  C  CA  . GLY A 1 126 ? 7.251   -5.201  7.807   1.00 14.51 ? 126 GLY A CA  1 
ATOM   846  C  C   . GLY A 1 126 ? 6.199   -5.819  6.908   1.00 15.17 ? 126 GLY A C   1 
ATOM   847  O  O   . GLY A 1 126 ? 6.408   -6.022  5.678   1.00 15.49 ? 126 GLY A O   1 
ATOM   848  N  N   . HIS A 1 127 ? 5.052   -6.151  7.542   1.00 14.89 ? 127 HIS A N   1 
ATOM   849  C  CA  . HIS A 1 127 ? 4.015   -6.826  6.795   1.00 14.92 ? 127 HIS A CA  1 
ATOM   850  C  C   . HIS A 1 127 ? 2.662   -6.290  7.272   1.00 14.80 ? 127 HIS A C   1 
ATOM   851  O  O   . HIS A 1 127 ? 2.488   -6.150  8.490   1.00 16.73 ? 127 HIS A O   1 
ATOM   852  C  CB  . HIS A 1 127 ? 4.144   -8.304  6.938   1.00 16.07 ? 127 HIS A CB  1 
ATOM   853  C  CG  . HIS A 1 127 ? 4.344   -8.765  8.349   1.00 16.40 ? 127 HIS A CG  1 
ATOM   854  N  ND1 . HIS A 1 127 ? 3.322   -9.184  9.167   1.00 18.68 ? 127 HIS A ND1 1 
ATOM   855  C  CD2 . HIS A 1 127 ? 5.475   -8.876  9.082   1.00 17.26 ? 127 HIS A CD2 1 
ATOM   856  C  CE1 . HIS A 1 127 ? 3.800   -9.513  10.355  1.00 18.21 ? 127 HIS A CE1 1 
ATOM   857  N  NE2 . HIS A 1 127 ? 5.110   -9.369  10.329  1.00 20.60 ? 127 HIS A NE2 1 
ATOM   858  N  N   . ASP A 1 128 ? 1.755   -5.964  6.351   1.00 14.41 ? 128 ASP A N   1 
ATOM   859  C  CA  . ASP A 1 128 ? 0.391   -5.422  6.620   1.00 14.70 ? 128 ASP A CA  1 
ATOM   860  C  C   . ASP A 1 128 ? -0.626  -6.325  5.957   1.00 16.27 ? 128 ASP A C   1 
ATOM   861  O  O   . ASP A 1 128 ? -0.465  -6.731  4.781   1.00 17.77 ? 128 ASP A O   1 
ATOM   862  C  CB  . ASP A 1 128 ? 0.237   -4.017  6.066   1.00 15.01 ? 128 ASP A CB  1 
ATOM   863  C  CG  . ASP A 1 128 ? 0.930   -2.885  6.881   1.00 15.31 ? 128 ASP A CG  1 
ATOM   864  O  OD1 . ASP A 1 128 ? 1.517   -3.189  7.955   1.00 18.07 ? 128 ASP A OD1 1 
ATOM   865  O  OD2 . ASP A 1 128 ? 1.030   -1.737  6.295   1.00 16.31 ? 128 ASP A OD2 1 
ATOM   866  N  N   . THR A 1 129 ? -1.761  -6.585  6.679   1.00 18.43 ? 129 THR A N   1 
ATOM   867  C  CA  . THR A 1 129 ? -2.829  -7.325  6.083   1.00 19.26 ? 129 THR A CA  1 
ATOM   868  C  C   . THR A 1 129 ? -4.027  -6.404  6.143   1.00 16.49 ? 129 THR A C   1 
ATOM   869  O  O   . THR A 1 129 ? -4.293  -5.836  7.186   1.00 18.33 ? 129 THR A O   1 
ATOM   870  C  CB  . THR A 1 129 ? -3.185  -8.610  6.847   1.00 20.83 ? 129 THR A CB  1 
ATOM   871  O  OG1 . THR A 1 129 ? -2.054  -9.459  6.825   1.00 28.38 ? 129 THR A OG1 1 
ATOM   872  C  CG2 . THR A 1 129 ? -4.316  -9.289  6.142   1.00 21.20 ? 129 THR A CG2 1 
ATOM   873  N  N   . PHE A 1 130 ? -4.600  -6.174  4.966   1.00 17.30 ? 130 PHE A N   1 
ATOM   874  C  CA  . PHE A 1 130 ? -5.779  -5.289  4.735   1.00 15.26 ? 130 PHE A CA  1 
ATOM   875  C  C   . PHE A 1 130 ? -7.029  -6.076  4.501   1.00 17.26 ? 130 PHE A C   1 
ATOM   876  O  O   . PHE A 1 130 ? -7.079  -7.065  3.716   1.00 18.46 ? 130 PHE A O   1 
ATOM   877  C  CB  . PHE A 1 130 ? -5.515  -4.446  3.494   1.00 16.76 ? 130 PHE A CB  1 
ATOM   878  C  CG  . PHE A 1 130 ? -4.365  -3.495  3.607   1.00 16.46 ? 130 PHE A CG  1 
ATOM   879  C  CD1 . PHE A 1 130 ? -3.065  -3.916  3.308   1.00 17.05 ? 130 PHE A CD1 1 
ATOM   880  C  CD2 . PHE A 1 130 ? -4.519  -2.223  4.147   1.00 17.57 ? 130 PHE A CD2 1 
ATOM   881  C  CE1 . PHE A 1 130 ? -2.015  -3.032  3.378   1.00 16.67 ? 130 PHE A CE1 1 
ATOM   882  C  CE2 . PHE A 1 130 ? -3.443  -1.347  4.250   1.00 16.47 ? 130 PHE A CE2 1 
ATOM   883  C  CZ  . PHE A 1 130 ? -2.172  -1.784  3.926   1.00 17.00 ? 130 PHE A CZ  1 
ATOM   884  N  N   . THR A 1 131 ? -8.055  -5.599  5.165   1.00 18.98 ? 131 THR A N   1 
ATOM   885  C  CA  . THR A 1 131 ? -9.395  -6.171  5.092   1.00 20.36 ? 131 THR A CA  1 
ATOM   886  C  C   . THR A 1 131 ? -10.393 -5.091  4.758   1.00 20.91 ? 131 THR A C   1 
ATOM   887  O  O   . THR A 1 131 ? -10.158 -3.908  5.013   1.00 19.02 ? 131 THR A O   1 
ATOM   888  C  CB  . THR A 1 131 ? -9.822  -6.881  6.421   1.00 21.04 ? 131 THR A CB  1 
ATOM   889  O  OG1 . THR A 1 131 ? -9.755  -5.959  7.530   1.00 27.13 ? 131 THR A OG1 1 
ATOM   890  C  CG2 . THR A 1 131 ? -8.881  -8.041  6.647   1.00 25.10 ? 131 THR A CG2 1 
ATOM   891  N  N   . LYS A 1 132 ? -11.526 -5.520  4.212   1.00 25.92 ? 132 LYS A N   1 
ATOM   892  C  CA  . LYS A 1 132 ? -12.649 -4.582  3.943   1.00 26.14 ? 132 LYS A CA  1 
ATOM   893  C  C   . LYS A 1 132 ? -13.396 -4.110  5.193   1.00 29.97 ? 132 LYS A C   1 
ATOM   894  O  O   . LYS A 1 132 ? -14.077 -3.108  5.118   1.00 28.13 ? 132 LYS A O   1 
ATOM   895  C  CB  . LYS A 1 132 ? -13.656 -5.242  3.017   1.00 28.36 ? 132 LYS A CB  1 
ATOM   896  C  CG  . LYS A 1 132 ? -13.126 -5.613  1.661   1.00 33.04 ? 132 LYS A CG  1 
ATOM   897  C  CD  . LYS A 1 132 ? -12.649 -4.408  0.866   1.00 36.94 ? 132 LYS A CD  1 
ATOM   898  C  CE  . LYS A 1 132 ? -13.770 -3.440  0.516   1.00 44.32 ? 132 LYS A CE  1 
ATOM   899  N  NZ  . LYS A 1 132 ? -13.237 -2.250  -0.232  1.00 42.85 ? 132 LYS A NZ  1 
ATOM   900  N  N   . VAL A 1 133 ? -13.372 -4.858  6.320   1.00 30.08 ? 133 VAL A N   1 
ATOM   901  C  CA  . VAL A 1 133 ? -14.023 -4.361  7.530   1.00 34.32 ? 133 VAL A CA  1 
ATOM   902  C  C   . VAL A 1 133 ? -13.037 -3.645  8.475   1.00 34.31 ? 133 VAL A C   1 
ATOM   903  O  O   . VAL A 1 133 ? -12.009 -4.241  8.762   1.00 38.96 ? 133 VAL A O   1 
ATOM   904  C  CB  . VAL A 1 133 ? -14.757 -5.494  8.282   1.00 35.85 ? 133 VAL A CB  1 
ATOM   905  C  CG1 . VAL A 1 133 ? -15.687 -4.872  9.308   1.00 36.32 ? 133 VAL A CG1 1 
ATOM   906  C  CG2 . VAL A 1 133 ? -15.487 -6.448  7.339   1.00 36.53 ? 133 VAL A CG2 1 
HETATM 907  O  O2  . S31 B 2 .   ? 7.053   7.542   9.983   1.00 18.73 ? 201 S31 A O2  1 
HETATM 908  C  C10 . S31 B 2 .   ? 7.177   7.794   8.685   1.00 16.52 ? 201 S31 A C10 1 
HETATM 909  C  C9  . S31 B 2 .   ? 5.834   7.839   7.881   1.00 17.81 ? 201 S31 A C9  1 
HETATM 910  C  C8  . S31 B 2 .   ? 4.782   6.896   8.532   1.00 17.56 ? 201 S31 A C8  1 
HETATM 911  C  C7  . S31 B 2 .   ? 5.020   5.470   8.031   1.00 16.07 ? 201 S31 A C7  1 
HETATM 912  C  C6  . S31 B 2 .   ? 4.073   4.464   8.590   1.00 14.96 ? 201 S31 A C6  1 
HETATM 913  C  C5  . S31 B 2 .   ? 4.212   3.011   8.147   1.00 13.26 ? 201 S31 A C5  1 
HETATM 914  C  C4  . S31 B 2 .   ? 3.313   1.941   8.943   1.00 11.64 ? 201 S31 A C4  1 
HETATM 915  N  N2  . S31 B 2 .   ? 1.914   2.360   8.859   1.00 12.24 ? 201 S31 A N2  1 
HETATM 916  S  S1  . S31 B 2 .   ? 4.135   2.565   6.452   1.00 15.79 ? 201 S31 A S1  1 
HETATM 917  C  C3  . S31 B 2 .   ? 4.203   0.892   6.945   1.00 16.36 ? 201 S31 A C3  1 
HETATM 918  C  C2  . S31 B 2 .   ? 3.252   0.586   8.113   1.00 12.66 ? 201 S31 A C2  1 
HETATM 919  N  N1  . S31 B 2 .   ? 1.858   0.481   7.640   1.00 12.65 ? 201 S31 A N1  1 
HETATM 920  C  C1  . S31 B 2 .   ? 1.317   1.469   8.185   1.00 12.24 ? 201 S31 A C1  1 
HETATM 921  O  O1  . S31 B 2 .   ? 0.007   1.582   7.867   1.00 14.52 ? 201 S31 A O1  1 
HETATM 922  N  N3  . S31 B 2 .   ? 8.334   7.852   8.085   1.00 19.25 ? 201 S31 A N3  1 
HETATM 923  C  C11 . S31 B 2 .   ? 9.596   8.012   8.951   1.00 22.40 ? 201 S31 A C11 1 
HETATM 924  C  C12 . S31 B 2 .   ? 10.908  7.205   10.425  1.00 30.56 ? 201 S31 A C12 1 
HETATM 925  N  N4  . S31 B 2 .   ? 11.677  6.197   11.231  1.00 33.08 ? 201 S31 A N4  1 
HETATM 926  C  C27 . S31 B 2 .   ? 9.972   6.567   9.233   1.00 26.95 ? 201 S31 A C27 1 
HETATM 927  C  C13 . S31 B 2 .   ? 10.409  5.771   12.044  1.00 30.85 ? 201 S31 A C13 1 
HETATM 928  C  C20 . S31 B 2 .   ? 12.215  5.214   10.473  1.00 31.17 ? 201 S31 A C20 1 
HETATM 929  C  C21 . S31 B 2 .   ? 12.982  4.339   11.121  1.00 36.26 ? 201 S31 A C21 1 
HETATM 930  C  C22 . S31 B 2 .   ? 14.196  4.749   11.529  1.00 39.99 ? 201 S31 A C22 1 
HETATM 931  C  C26 . S31 B 2 .   ? 15.299  4.009   11.249  1.00 42.92 ? 201 S31 A C26 1 
HETATM 932  C  C25 . S31 B 2 .   ? 16.504  4.406   11.740  1.00 43.26 ? 201 S31 A C25 1 
HETATM 933  C  C24 . S31 B 2 .   ? 16.656  5.532   12.486  1.00 41.65 ? 201 S31 A C24 1 
HETATM 934  C  C23 . S31 B 2 .   ? 15.561  6.273   12.775  1.00 42.97 ? 201 S31 A C23 1 
HETATM 935  N  N6  . S31 B 2 .   ? 14.362  5.891   12.265  1.00 38.46 ? 201 S31 A N6  1 
HETATM 936  CU CU1 . S31 B 2 .   ? 12.792  7.053   12.841  1.00 34.57 ? 201 S31 A CU1 1 
HETATM 937  N  N8  . S31 B 2 .   ? 11.907  6.111   15.556  0.50 31.20 ? 201 S31 A N8  1 
HETATM 938  N  N9  . S31 B 2 .   ? 12.172  6.511   14.522  0.50 34.37 ? 201 S31 A N9  1 
HETATM 939  N  N7  . S31 B 2 .   ? 11.635  5.712   16.607  0.50 32.98 ? 201 S31 A N7  1 
HETATM 940  N  N5  . S31 B 2 .   ? 11.186  8.244   13.498  1.00 39.01 ? 201 S31 A N5  1 
HETATM 941  C  C15 . S31 B 2 .   ? 9.863   7.971   13.398  1.00 40.58 ? 201 S31 A C15 1 
HETATM 942  C  C14 . S31 B 2 .   ? 9.325   6.735   12.685  1.00 36.11 ? 201 S31 A C14 1 
HETATM 943  C  C16 . S31 B 2 .   ? 11.638  9.355   14.149  1.00 45.30 ? 201 S31 A C16 1 
HETATM 944  C  C17 . S31 B 2 .   ? 10.764  10.242  14.678  1.00 45.59 ? 201 S31 A C17 1 
HETATM 945  C  C18 . S31 B 2 .   ? 9.436   9.986   14.560  1.00 49.66 ? 201 S31 A C18 1 
HETATM 946  C  C19 . S31 B 2 .   ? 8.988   8.856   13.937  1.00 41.47 ? 201 S31 A C19 1 
HETATM 947  O  O3  . S31 B 2 .   ? 13.740  8.725   11.594  1.00 34.61 ? 201 S31 A O3  1 
HETATM 948  CU CU  . CU  C 3 .   ? 12.608  18.743  7.067   0.50 55.08 ? 202 CU  A CU  1 
HETATM 949  O  O   . HOH D 4 .   ? 7.260   -9.411  6.187   1.00 38.05 ? 301 HOH A O   1 
HETATM 950  O  O   . HOH D 4 .   ? -9.354  12.590  0.470   1.00 49.83 ? 302 HOH A O   1 
HETATM 951  O  O   . HOH D 4 .   ? 1.696   20.960  9.731   1.00 25.48 ? 303 HOH A O   1 
HETATM 952  O  O   . HOH D 4 .   ? -6.514  4.135   -10.699 1.00 23.98 ? 304 HOH A O   1 
HETATM 953  O  O   . HOH D 4 .   ? 0.195   -19.865 -8.711  1.00 52.26 ? 305 HOH A O   1 
HETATM 954  O  O   . HOH D 4 .   ? 4.463   12.835  6.870   1.00 18.59 ? 306 HOH A O   1 
HETATM 955  O  O   . HOH D 4 .   ? -12.362 -8.199  3.892   1.00 24.26 ? 307 HOH A O   1 
HETATM 956  O  O   . HOH D 4 .   ? -15.851 -1.589  6.296   1.00 26.02 ? 308 HOH A O   1 
HETATM 957  O  O   . HOH D 4 .   ? 12.705  9.987   7.675   1.00 35.53 ? 309 HOH A O   1 
HETATM 958  O  O   . HOH D 4 .   ? -13.275 -3.693  -2.424  1.00 40.26 ? 310 HOH A O   1 
HETATM 959  O  O   . HOH D 4 .   ? -6.859  3.629   -15.685 1.00 41.30 ? 311 HOH A O   1 
HETATM 960  O  O   . HOH D 4 .   ? 25.934  11.888  2.944   1.00 34.78 ? 312 HOH A O   1 
HETATM 961  O  O   . HOH D 4 .   ? -6.982  -17.317 -9.534  1.00 36.48 ? 313 HOH A O   1 
HETATM 962  O  O   . HOH D 4 .   ? -8.350  8.163   4.953   1.00 25.19 ? 314 HOH A O   1 
HETATM 963  O  O   . HOH D 4 .   ? -9.266  9.797   -0.217  1.00 31.59 ? 315 HOH A O   1 
HETATM 964  O  O   . HOH D 4 .   ? -1.808  6.125   -10.641 1.00 38.83 ? 316 HOH A O   1 
HETATM 965  O  O   . HOH D 4 .   ? 25.866  11.196  8.895   1.00 48.66 ? 317 HOH A O   1 
HETATM 966  O  O   . HOH D 4 .   ? 18.565  -0.427  6.129   1.00 18.43 ? 318 HOH A O   1 
HETATM 967  O  O   . HOH D 4 .   ? 10.602  15.556  9.138   1.00 38.49 ? 319 HOH A O   1 
HETATM 968  O  O   . HOH D 4 .   ? -14.384 -1.327  3.017   1.00 29.19 ? 320 HOH A O   1 
HETATM 969  O  O   . HOH D 4 .   ? -7.899  -13.047 -15.232 1.00 39.84 ? 321 HOH A O   1 
HETATM 970  O  O   . HOH D 4 .   ? 2.834   10.240  -1.930  1.00 15.93 ? 322 HOH A O   1 
HETATM 971  O  O   . HOH D 4 .   ? -7.082  -13.488 -7.800  1.00 28.87 ? 323 HOH A O   1 
HETATM 972  O  O   . HOH D 4 .   ? 19.280  3.381   1.341   1.00 23.00 ? 324 HOH A O   1 
HETATM 973  O  O   . HOH D 4 .   ? -6.863  16.167  4.477   1.00 45.82 ? 325 HOH A O   1 
HETATM 974  O  O   . HOH D 4 .   ? 4.074   2.641   -6.905  0.50 28.38 ? 326 HOH A O   1 
HETATM 975  O  O   . HOH D 4 .   ? -0.465  3.450   -13.911 1.00 29.36 ? 327 HOH A O   1 
HETATM 976  O  O   . HOH D 4 .   ? -1.263  -11.844 -10.217 1.00 16.94 ? 328 HOH A O   1 
HETATM 977  O  O   . HOH D 4 .   ? 13.106  4.277   7.434   1.00 19.33 ? 329 HOH A O   1 
HETATM 978  O  O   . HOH D 4 .   ? -11.640 4.132   -3.701  1.00 38.65 ? 330 HOH A O   1 
HETATM 979  O  O   . HOH D 4 .   ? 21.789  8.736   13.797  1.00 46.71 ? 331 HOH A O   1 
HETATM 980  O  O   . HOH D 4 .   ? -9.341  -13.198 -9.205  1.00 37.10 ? 332 HOH A O   1 
HETATM 981  O  O   . HOH D 4 .   ? -1.477  9.538   8.030   1.00 20.08 ? 333 HOH A O   1 
HETATM 982  O  O   . HOH D 4 .   ? 0.792   -9.384  8.036   1.00 26.23 ? 334 HOH A O   1 
HETATM 983  O  O   . HOH D 4 .   ? -4.645  10.454  -5.179  1.00 32.29 ? 335 HOH A O   1 
HETATM 984  O  O   . HOH D 4 .   ? -1.780  -4.967  -15.334 1.00 20.10 ? 337 HOH A O   1 
HETATM 985  O  O   . HOH D 4 .   ? -18.386 -11.144 3.668   1.00 43.68 ? 338 HOH A O   1 
HETATM 986  O  O   . HOH D 4 .   ? 0.685   13.397  -0.524  1.00 17.92 ? 339 HOH A O   1 
HETATM 987  O  O   . HOH D 4 .   ? 8.687   12.264  2.167   1.00 17.90 ? 340 HOH A O   1 
HETATM 988  O  O   . HOH D 4 .   ? 1.017   -9.741  5.216   1.00 35.54 ? 341 HOH A O   1 
HETATM 989  O  O   . HOH D 4 .   ? -3.823  15.489  3.216   1.00 25.39 ? 342 HOH A O   1 
HETATM 990  O  O   . HOH D 4 .   ? 25.219  5.035   11.622  1.00 34.55 ? 343 HOH A O   1 
HETATM 991  O  O   . HOH D 4 .   ? 22.464  8.498   1.239   1.00 36.79 ? 344 HOH A O   1 
HETATM 992  O  O   . HOH D 4 .   ? -4.327  11.102  10.356  1.00 39.85 ? 345 HOH A O   1 
HETATM 993  O  O   . HOH D 4 .   ? 23.460  10.986  12.111  1.00 46.19 ? 346 HOH A O   1 
HETATM 994  O  O   . HOH D 4 .   ? -4.359  -14.322 -17.597 1.00 47.68 ? 347 HOH A O   1 
HETATM 995  O  O   . HOH D 4 .   ? 15.906  0.526   0.498   1.00 16.51 ? 348 HOH A O   1 
HETATM 996  O  O   . HOH D 4 .   ? -9.492  6.235   -4.925  1.00 39.79 ? 349 HOH A O   1 
HETATM 997  O  O   . HOH D 4 .   ? 25.986  8.802   12.114  1.00 47.56 ? 350 HOH A O   1 
HETATM 998  O  O   . HOH D 4 .   ? 0.722   22.575  7.382   1.00 38.53 ? 351 HOH A O   1 
HETATM 999  O  O   . HOH D 4 .   ? -2.395  -14.572 -10.636 1.00 19.85 ? 352 HOH A O   1 
HETATM 1000 O  O   . HOH D 4 .   ? -0.524  -19.306 -11.445 1.00 43.94 ? 353 HOH A O   1 
HETATM 1001 O  O   . HOH D 4 .   ? 0.700   -3.785  -15.953 1.00 19.20 ? 354 HOH A O   1 
HETATM 1002 O  O   . HOH D 4 .   ? 8.221   15.906  10.622  1.00 40.30 ? 355 HOH A O   1 
HETATM 1003 O  O   . HOH D 4 .   ? 3.356   -3.177  10.186  1.00 23.83 ? 356 HOH A O   1 
HETATM 1004 O  O   . HOH D 4 .   ? -3.544  7.378   15.176  1.00 40.68 ? 357 HOH A O   1 
HETATM 1005 O  O   . HOH D 4 .   ? -7.340  -8.208  -11.487 1.00 27.24 ? 358 HOH A O   1 
HETATM 1006 O  O   . HOH D 4 .   ? -4.529  15.967  10.584  1.00 44.64 ? 359 HOH A O   1 
HETATM 1007 O  O   . HOH D 4 .   ? -10.468 2.281   -15.691 1.00 37.30 ? 360 HOH A O   1 
HETATM 1008 O  O   . HOH D 4 .   ? 20.309  -0.031  3.450   1.00 30.94 ? 361 HOH A O   1 
HETATM 1009 O  O   . HOH D 4 .   ? 25.859  3.216   5.768   1.00 26.43 ? 362 HOH A O   1 
HETATM 1010 O  O   . HOH D 4 .   ? 2.296   -10.907 0.900   1.00 22.74 ? 363 HOH A O   1 
HETATM 1011 O  O   . HOH D 4 .   ? 0.955   8.844   14.481  1.00 36.20 ? 364 HOH A O   1 
HETATM 1012 O  O   . HOH D 4 .   ? -2.267  17.307  2.089   1.00 31.08 ? 365 HOH A O   1 
HETATM 1013 O  O   . HOH D 4 .   ? 5.078   -5.241  10.352  1.00 21.66 ? 366 HOH A O   1 
HETATM 1014 O  O   . HOH D 4 .   ? -13.495 -7.259  -2.511  1.00 49.72 ? 367 HOH A O   1 
HETATM 1015 O  O   . HOH D 4 .   ? -1.166  11.995  13.535  1.00 45.47 ? 368 HOH A O   1 
HETATM 1016 O  O   . HOH D 4 .   ? 27.782  10.610  5.169   1.00 37.19 ? 369 HOH A O   1 
HETATM 1017 O  O   . HOH D 4 .   ? 2.989   6.226   16.149  1.00 31.98 ? 370 HOH A O   1 
HETATM 1018 O  O   . HOH D 4 .   ? -6.680  7.286   3.001   1.00 21.19 ? 371 HOH A O   1 
HETATM 1019 O  O   . HOH D 4 .   ? 2.196   -4.338  12.437  1.00 26.50 ? 372 HOH A O   1 
HETATM 1020 O  O   . HOH D 4 .   ? -13.596 -7.971  -9.278  1.00 39.04 ? 373 HOH A O   1 
HETATM 1021 O  O   . HOH D 4 .   ? 8.760   19.709  2.936   1.00 34.57 ? 374 HOH A O   1 
HETATM 1022 O  O   . HOH D 4 .   ? -2.265  -14.526 0.002   1.00 42.14 ? 375 HOH A O   1 
HETATM 1023 O  O   . HOH D 4 .   ? 15.363  9.970   7.796   1.00 44.54 ? 376 HOH A O   1 
HETATM 1024 O  O   . HOH D 4 .   ? 15.989  13.149  5.204   1.00 27.43 ? 377 HOH A O   1 
HETATM 1025 O  O   . HOH D 4 .   ? 20.834  10.333  8.098   1.00 26.49 ? 378 HOH A O   1 
HETATM 1026 O  O   . HOH D 4 .   ? 15.987  7.923   9.667   1.00 43.96 ? 379 HOH A O   1 
HETATM 1027 O  O   . HOH D 4 .   ? 3.002   -6.694  11.466  1.00 33.05 ? 380 HOH A O   1 
HETATM 1028 O  O   . HOH D 4 .   ? -14.642 -9.117  2.315   1.00 31.39 ? 381 HOH A O   1 
HETATM 1029 O  O   . HOH D 4 .   ? -1.739  0.631   16.003  1.00 40.15 ? 382 HOH A O   1 
HETATM 1030 O  O   . HOH D 4 .   ? 6.934   13.855  14.323  1.00 44.64 ? 383 HOH A O   1 
HETATM 1031 O  O   . HOH D 4 .   ? 10.526  11.007  10.903  1.00 45.38 ? 384 HOH A O   1 
HETATM 1032 O  O   . HOH D 4 .   ? 4.518   -9.667  13.515  1.00 41.18 ? 385 HOH A O   1 
HETATM 1033 O  O   . HOH D 4 .   ? 2.099   12.800  16.102  1.00 42.44 ? 386 HOH A O   1 
HETATM 1034 O  O   . HOH D 4 .   ? 5.335   20.371  6.406   0.50 25.69 ? 387 HOH A O   1 
HETATM 1035 O  O   . HOH D 4 .   ? -3.818  13.172  -0.287  1.00 36.87 ? 388 HOH A O   1 
HETATM 1036 O  O   . HOH D 4 .   ? 5.665   11.216  14.875  1.00 42.64 ? 389 HOH A O   1 
HETATM 1037 O  O   . HOH D 4 .   ? -0.483  -12.154 8.637   1.00 41.62 ? 390 HOH A O   1 
HETATM 1038 O  O   . HOH D 4 .   ? 5.801   7.018   16.073  1.00 47.93 ? 391 HOH A O   1 
HETATM 1039 O  O   . HOH D 4 .   ? 23.211  0.058   2.506   1.00 56.05 ? 392 HOH A O   1 
HETATM 1040 O  O   . HOH D 4 .   ? 7.493   21.744  1.310   1.00 50.39 ? 393 HOH A O   1 
HETATM 1041 O  O   . HOH D 4 .   ? 0.566   -8.619  12.296  1.00 43.29 ? 394 HOH A O   1 
HETATM 1042 O  O   . HOH D 4 .   ? 0.728   -14.293 2.608   1.00 43.93 ? 395 HOH A O   1 
HETATM 1043 O  O   . HOH D 4 .   ? -5.470  12.729  -3.201  1.00 41.01 ? 396 HOH A O   1 
HETATM 1044 O  O   . HOH D 4 .   ? -9.689  -16.929 1.794   1.00 37.58 ? 397 HOH A O   1 
HETATM 1045 O  O   . HOH D 4 .   ? -8.048  13.326  -2.216  1.00 60.61 ? 398 HOH A O   1 
HETATM 1046 O  O   . HOH D 4 .   ? -5.475  14.669  -1.421  1.00 57.42 ? 399 HOH A O   1 
HETATM 1047 O  O   . HOH D 4 .   ? 28.299  14.940  11.490  1.00 55.52 ? 400 HOH A O   1 
# 
